data_7RPT
#
_entry.id   7RPT
#
_cell.length_a   53.659
_cell.length_b   65.674
_cell.length_c   125.556
_cell.angle_alpha   98.737
_cell.angle_beta   91.366
_cell.angle_gamma   96.009
#
_symmetry.space_group_name_H-M   'P 1'
#
loop_
_entity.id
_entity.type
_entity.pdbx_description
1 polymer '3A6 Fab heavy chain'
2 polymer '3A6 Fab light chain'
3 water water
#
loop_
_entity_poly.entity_id
_entity_poly.type
_entity_poly.pdbx_seq_one_letter_code
_entity_poly.pdbx_strand_id
1 'polypeptide(L)'
;EVQLLESGGGLVKPGGSLRLSCAASGFTFNEYMMNWVRQPPGKGLEWVSSISGTSTYINYADSVKGRFTISRDNAKNSLY
LQMNSLRSDDTAMYYCARGSTGGYWGQGTLITVSSASTKGPSVFPLAPSSKSTSGGTAALGCLVKDYFPEPVTVSWNSGA
LTSGVHTFPAVLQSSGLYSLSSVVTVPSSSLGTQTYICNVNHKPSNTKVDKKVEPKSC
;
A,C,E,G
2 'polypeptide(L)'
;DIVMTQTPLSSAVTLGQPASISCRSSQRLVHSDGNTYLSWLHQRPGQPPRLLIYKVSLRFSGVPDRFSGSGAGTDFTLKI
SRVEAEDVGIYYCMQATQFPLTFGGGTKVEIKRTVAAPSVFIFPPSDEQLKSGTASVVCLLNNFYPREAKVQWKVDNALQ
SGNSQESVTEQDSKDSTYSLSSTLTLSKADYEKHKVYACEVTHQGLSSPVTKSFNRGEC
;
B,D,F,H
#
# COMPACT_ATOMS: atom_id res chain seq x y z
N GLU A 1 -30.28 -29.31 9.93
CA GLU A 1 -29.10 -28.97 9.06
C GLU A 1 -28.13 -28.07 9.85
N VAL A 2 -26.89 -27.99 9.35
CA VAL A 2 -25.68 -27.64 10.15
C VAL A 2 -25.65 -26.13 10.37
N GLN A 3 -25.53 -25.69 11.62
CA GLN A 3 -25.39 -24.26 11.99
C GLN A 3 -24.27 -24.14 13.03
N LEU A 4 -23.24 -23.35 12.71
CA LEU A 4 -22.15 -22.96 13.65
C LEU A 4 -22.18 -21.43 13.78
N LEU A 5 -22.30 -20.92 15.01
CA LEU A 5 -22.43 -19.47 15.28
C LEU A 5 -21.40 -19.06 16.34
N GLU A 6 -20.45 -18.21 15.95
CA GLU A 6 -19.36 -17.70 16.83
C GLU A 6 -19.83 -16.42 17.53
N SER A 7 -19.33 -16.16 18.74
CA SER A 7 -19.60 -14.94 19.53
C SER A 7 -18.47 -14.71 20.53
N GLY A 8 -18.45 -13.56 21.22
CA GLY A 8 -17.43 -13.18 22.21
C GLY A 8 -16.36 -12.28 21.64
N GLY A 9 -16.46 -11.93 20.35
CA GLY A 9 -15.48 -11.11 19.63
C GLY A 9 -15.63 -9.64 19.95
N GLY A 10 -14.78 -8.80 19.35
CA GLY A 10 -14.79 -7.34 19.46
C GLY A 10 -13.43 -6.77 19.79
N LEU A 11 -13.43 -5.58 20.39
CA LEU A 11 -12.23 -4.79 20.77
C LEU A 11 -11.72 -5.30 22.12
N VAL A 12 -10.39 -5.38 22.26
CA VAL A 12 -9.71 -5.82 23.51
C VAL A 12 -8.33 -5.16 23.54
N LYS A 13 -7.91 -4.66 24.71
CA LYS A 13 -6.64 -3.91 24.88
C LYS A 13 -5.50 -4.92 24.88
N PRO A 14 -4.28 -4.54 24.42
CA PRO A 14 -3.15 -5.47 24.44
C PRO A 14 -2.87 -5.92 25.89
N GLY A 15 -2.66 -7.21 26.10
CA GLY A 15 -2.54 -7.84 27.43
C GLY A 15 -3.89 -8.33 27.96
N GLY A 16 -4.98 -7.71 27.50
CA GLY A 16 -6.37 -8.09 27.87
C GLY A 16 -6.68 -9.52 27.48
N SER A 17 -7.89 -9.98 27.78
CA SER A 17 -8.35 -11.37 27.52
C SER A 17 -9.78 -11.40 26.98
N LEU A 18 -10.11 -12.43 26.22
CA LEU A 18 -11.46 -12.68 25.66
C LEU A 18 -11.79 -14.16 25.79
N ARG A 19 -13.10 -14.48 25.82
N ARG A 19 -13.09 -14.47 25.82
CA ARG A 19 -13.65 -15.85 25.77
CA ARG A 19 -13.65 -15.85 25.77
C ARG A 19 -14.58 -15.95 24.56
C ARG A 19 -14.58 -15.93 24.56
N LEU A 20 -14.17 -16.67 23.52
CA LEU A 20 -15.00 -16.95 22.33
C LEU A 20 -15.84 -18.19 22.62
N SER A 21 -17.08 -18.20 22.11
N SER A 21 -17.07 -18.20 22.11
CA SER A 21 -18.04 -19.33 22.19
CA SER A 21 -18.04 -19.33 22.19
C SER A 21 -18.56 -19.65 20.79
C SER A 21 -18.56 -19.65 20.79
N CYS A 22 -18.63 -20.94 20.44
CA CYS A 22 -19.18 -21.44 19.16
C CYS A 22 -20.29 -22.44 19.49
N ALA A 23 -21.55 -22.00 19.38
CA ALA A 23 -22.76 -22.85 19.49
C ALA A 23 -22.95 -23.60 18.17
N ALA A 24 -23.36 -24.87 18.24
CA ALA A 24 -23.51 -25.78 17.09
C ALA A 24 -24.90 -26.46 17.12
N SER A 25 -25.45 -26.78 15.96
CA SER A 25 -26.75 -27.48 15.79
C SER A 25 -26.76 -28.29 14.49
N GLY A 26 -27.60 -29.33 14.42
CA GLY A 26 -27.92 -30.08 13.20
C GLY A 26 -26.97 -31.22 12.92
N PHE A 27 -26.18 -31.64 13.92
CA PHE A 27 -25.27 -32.81 13.87
C PHE A 27 -24.96 -33.24 15.31
N THR A 28 -24.34 -34.41 15.48
CA THR A 28 -23.93 -34.93 16.82
C THR A 28 -22.59 -34.29 17.21
N PHE A 29 -22.65 -33.27 18.08
CA PHE A 29 -21.47 -32.46 18.52
C PHE A 29 -20.36 -33.40 19.00
N ASN A 30 -20.70 -34.37 19.84
CA ASN A 30 -19.71 -35.19 20.58
C ASN A 30 -18.97 -36.16 19.64
N GLU A 31 -19.43 -36.37 18.42
CA GLU A 31 -18.84 -37.35 17.45
C GLU A 31 -17.69 -36.73 16.66
N TYR A 32 -17.51 -35.41 16.67
CA TYR A 32 -16.54 -34.66 15.82
C TYR A 32 -15.51 -33.93 16.67
N MET A 33 -14.31 -33.75 16.10
CA MET A 33 -13.27 -32.82 16.62
C MET A 33 -13.61 -31.41 16.12
N MET A 34 -13.37 -30.40 16.96
CA MET A 34 -13.67 -28.97 16.65
C MET A 34 -12.36 -28.19 16.54
N ASN A 35 -12.22 -27.36 15.49
CA ASN A 35 -11.03 -26.53 15.21
C ASN A 35 -11.37 -25.04 15.39
N TRP A 36 -10.45 -24.28 15.97
CA TRP A 36 -10.38 -22.81 15.82
C TRP A 36 -9.34 -22.49 14.74
N VAL A 37 -9.73 -21.69 13.75
CA VAL A 37 -8.86 -21.21 12.65
C VAL A 37 -9.02 -19.68 12.61
N ARG A 38 -8.01 -18.95 12.16
CA ARG A 38 -8.09 -17.47 12.16
C ARG A 38 -7.48 -16.90 10.89
N GLN A 39 -7.90 -15.69 10.51
CA GLN A 39 -7.47 -15.00 9.28
C GLN A 39 -7.08 -13.58 9.65
N PRO A 40 -5.76 -13.27 9.76
CA PRO A 40 -5.30 -11.90 9.91
C PRO A 40 -5.71 -11.08 8.70
N PRO A 41 -5.95 -9.75 8.84
CA PRO A 41 -6.53 -8.96 7.75
C PRO A 41 -5.66 -8.98 6.48
N GLY A 42 -6.23 -9.36 5.34
CA GLY A 42 -5.57 -9.45 4.02
C GLY A 42 -4.59 -10.62 3.90
N LYS A 43 -4.48 -11.46 4.94
CA LYS A 43 -3.57 -12.64 4.96
C LYS A 43 -4.42 -13.92 4.85
N GLY A 44 -3.78 -15.08 4.78
CA GLY A 44 -4.44 -16.39 4.55
C GLY A 44 -4.93 -17.02 5.83
N LEU A 45 -5.24 -18.32 5.82
CA LEU A 45 -5.83 -19.08 6.96
C LEU A 45 -4.70 -19.63 7.83
N GLU A 46 -4.83 -19.45 9.16
CA GLU A 46 -3.91 -19.99 10.20
C GLU A 46 -4.71 -20.86 11.16
N TRP A 47 -4.35 -22.14 11.30
CA TRP A 47 -4.87 -23.03 12.36
C TRP A 47 -4.44 -22.47 13.71
N VAL A 48 -5.29 -22.58 14.73
CA VAL A 48 -5.03 -22.05 16.10
C VAL A 48 -5.04 -23.18 17.12
N SER A 49 -6.09 -23.99 17.14
CA SER A 49 -6.35 -24.98 18.22
C SER A 49 -7.31 -26.05 17.70
N SER A 50 -7.23 -27.26 18.28
CA SER A 50 -8.11 -28.43 17.95
C SER A 50 -8.41 -29.22 19.23
N ILE A 51 -9.62 -29.76 19.34
CA ILE A 51 -10.09 -30.56 20.51
C ILE A 51 -10.93 -31.73 20.02
N SER A 52 -10.58 -32.95 20.43
CA SER A 52 -11.31 -34.21 20.14
C SER A 52 -12.70 -34.18 20.80
N GLY A 53 -13.63 -35.03 20.33
CA GLY A 53 -14.99 -35.20 20.90
C GLY A 53 -14.93 -35.41 22.41
N THR A 54 -14.01 -36.25 22.87
CA THR A 54 -13.83 -36.68 24.29
C THR A 54 -13.06 -35.62 25.10
N SER A 55 -12.49 -34.61 24.43
CA SER A 55 -11.64 -33.53 25.04
C SER A 55 -10.29 -34.10 25.49
N THR A 56 -9.90 -35.25 24.92
CA THR A 56 -8.67 -36.00 25.29
C THR A 56 -7.47 -35.46 24.51
N TYR A 57 -7.56 -35.45 23.17
CA TYR A 57 -6.57 -34.81 22.27
C TYR A 57 -6.90 -33.33 22.13
N ILE A 58 -6.07 -32.48 22.74
CA ILE A 58 -6.05 -31.00 22.57
C ILE A 58 -4.72 -30.63 21.91
N ASN A 59 -4.73 -29.80 20.88
CA ASN A 59 -3.51 -29.31 20.19
C ASN A 59 -3.61 -27.79 20.03
N TYR A 60 -2.50 -27.07 20.23
CA TYR A 60 -2.37 -25.60 20.02
C TYR A 60 -1.25 -25.33 19.03
N ALA A 61 -1.38 -24.25 18.26
CA ALA A 61 -0.32 -23.67 17.40
C ALA A 61 0.76 -23.06 18.28
N ASP A 62 2.00 -23.04 17.82
CA ASP A 62 3.15 -22.51 18.59
C ASP A 62 2.87 -21.06 18.98
N SER A 63 2.30 -20.29 18.05
CA SER A 63 1.98 -18.84 18.21
C SER A 63 1.13 -18.57 19.46
N VAL A 64 0.21 -19.49 19.80
CA VAL A 64 -0.82 -19.25 20.87
C VAL A 64 -0.52 -20.10 22.12
N LYS A 65 0.46 -21.00 22.07
CA LYS A 65 0.82 -21.88 23.21
C LYS A 65 1.13 -21.02 24.44
N GLY A 66 0.52 -21.36 25.58
CA GLY A 66 0.75 -20.69 26.87
C GLY A 66 -0.29 -19.64 27.19
N ARG A 67 -0.89 -19.03 26.15
CA ARG A 67 -1.79 -17.85 26.29
C ARG A 67 -3.26 -18.27 26.11
N PHE A 68 -3.53 -19.17 25.17
CA PHE A 68 -4.89 -19.62 24.78
C PHE A 68 -5.18 -20.98 25.40
N THR A 69 -6.47 -21.29 25.58
CA THR A 69 -6.99 -22.56 26.16
C THR A 69 -8.29 -22.92 25.43
N ILE A 70 -8.44 -24.19 25.03
CA ILE A 70 -9.61 -24.68 24.26
C ILE A 70 -10.40 -25.66 25.15
N SER A 71 -11.73 -25.57 25.13
CA SER A 71 -12.65 -26.41 25.92
C SER A 71 -13.95 -26.59 25.12
N ARG A 72 -14.70 -27.65 25.41
CA ARG A 72 -16.00 -27.95 24.76
C ARG A 72 -16.97 -28.50 25.82
N ASP A 73 -18.16 -27.92 25.89
CA ASP A 73 -19.30 -28.42 26.70
C ASP A 73 -20.26 -29.16 25.78
N ASN A 74 -20.06 -30.48 25.63
CA ASN A 74 -20.83 -31.38 24.73
C ASN A 74 -22.34 -31.29 25.02
N ALA A 75 -22.72 -31.05 26.29
CA ALA A 75 -24.11 -30.84 26.74
C ALA A 75 -24.69 -29.58 26.06
N LYS A 76 -24.00 -28.45 26.22
CA LYS A 76 -24.43 -27.12 25.71
C LYS A 76 -24.14 -26.99 24.20
N ASN A 77 -23.59 -28.02 23.56
CA ASN A 77 -23.23 -28.02 22.12
C ASN A 77 -22.42 -26.74 21.82
N SER A 78 -21.40 -26.47 22.64
CA SER A 78 -20.61 -25.22 22.61
C SER A 78 -19.11 -25.53 22.67
N LEU A 79 -18.35 -24.89 21.79
CA LEU A 79 -16.87 -24.88 21.76
C LEU A 79 -16.40 -23.53 22.29
N TYR A 80 -15.36 -23.53 23.13
CA TYR A 80 -14.83 -22.31 23.79
C TYR A 80 -13.33 -22.14 23.49
N LEU A 81 -12.89 -20.89 23.44
CA LEU A 81 -11.46 -20.51 23.36
C LEU A 81 -11.21 -19.34 24.31
N GLN A 82 -10.57 -19.60 25.46
CA GLN A 82 -10.09 -18.55 26.39
C GLN A 82 -8.75 -18.01 25.87
N MET A 83 -8.71 -16.72 25.55
CA MET A 83 -7.52 -16.03 24.97
C MET A 83 -7.00 -15.01 25.98
N ASN A 84 -5.80 -15.23 26.54
CA ASN A 84 -5.17 -14.35 27.54
C ASN A 84 -3.90 -13.72 26.94
N SER A 85 -3.38 -12.69 27.58
CA SER A 85 -2.13 -11.98 27.16
C SER A 85 -2.19 -11.70 25.66
N LEU A 86 -3.27 -11.08 25.20
CA LEU A 86 -3.51 -10.83 23.76
C LEU A 86 -2.51 -9.80 23.22
N ARG A 87 -2.06 -10.00 21.98
CA ARG A 87 -1.06 -9.16 21.27
C ARG A 87 -1.72 -8.60 20.00
N SER A 88 -1.12 -7.54 19.44
N SER A 88 -1.12 -7.54 19.44
CA SER A 88 -1.63 -6.81 18.25
CA SER A 88 -1.63 -6.81 18.25
C SER A 88 -1.72 -7.74 17.03
C SER A 88 -1.72 -7.74 17.03
N ASP A 89 -0.86 -8.75 16.96
CA ASP A 89 -0.78 -9.70 15.82
C ASP A 89 -1.90 -10.76 15.95
N ASP A 90 -2.54 -10.90 17.13
CA ASP A 90 -3.68 -11.81 17.33
C ASP A 90 -4.94 -11.24 16.68
N THR A 91 -4.92 -9.94 16.33
CA THR A 91 -6.00 -9.27 15.55
C THR A 91 -6.27 -10.11 14.30
N ALA A 92 -7.48 -10.65 14.17
CA ALA A 92 -7.88 -11.54 13.06
C ALA A 92 -9.37 -11.89 13.14
N MET A 93 -9.89 -12.48 12.07
N MET A 93 -9.90 -12.48 12.06
CA MET A 93 -11.23 -13.12 12.01
CA MET A 93 -11.24 -13.13 12.01
C MET A 93 -11.08 -14.58 12.51
C MET A 93 -11.09 -14.57 12.51
N TYR A 94 -11.80 -14.93 13.58
CA TYR A 94 -11.75 -16.26 14.23
C TYR A 94 -12.98 -17.07 13.80
N TYR A 95 -12.74 -18.20 13.15
CA TYR A 95 -13.77 -19.20 12.76
C TYR A 95 -13.66 -20.45 13.63
N CYS A 96 -14.79 -21.08 13.96
CA CYS A 96 -14.85 -22.50 14.39
C CYS A 96 -15.18 -23.34 13.15
N ALA A 97 -14.49 -24.47 12.99
CA ALA A 97 -14.68 -25.43 11.87
C ALA A 97 -14.79 -26.86 12.43
N ARG A 98 -15.50 -27.74 11.71
CA ARG A 98 -15.90 -29.08 12.20
C ARG A 98 -15.10 -30.16 11.47
N GLY A 99 -14.50 -31.09 12.23
CA GLY A 99 -13.71 -32.23 11.71
C GLY A 99 -12.35 -31.81 11.17
N SER A 100 -11.53 -32.78 10.76
CA SER A 100 -10.20 -32.55 10.11
C SER A 100 -10.44 -31.95 8.73
N THR A 101 -11.41 -32.52 8.02
CA THR A 101 -11.85 -32.16 6.64
C THR A 101 -12.02 -30.64 6.51
N GLY A 102 -12.62 -29.98 7.51
CA GLY A 102 -13.09 -28.58 7.44
C GLY A 102 -14.31 -28.47 6.54
N GLY A 103 -15.36 -29.26 6.82
CA GLY A 103 -16.59 -29.36 6.00
C GLY A 103 -17.61 -28.30 6.35
N TYR A 104 -17.58 -27.78 7.58
CA TYR A 104 -18.54 -26.76 8.07
C TYR A 104 -17.77 -25.72 8.88
N TRP A 105 -17.95 -24.44 8.52
CA TRP A 105 -17.31 -23.24 9.10
C TRP A 105 -18.40 -22.28 9.58
N GLY A 106 -18.22 -21.68 10.75
CA GLY A 106 -19.14 -20.63 11.23
C GLY A 106 -18.97 -19.34 10.45
N GLN A 107 -19.82 -18.36 10.72
CA GLN A 107 -19.88 -17.04 10.02
C GLN A 107 -18.56 -16.29 10.27
N GLY A 108 -17.93 -16.55 11.41
CA GLY A 108 -16.68 -15.89 11.85
C GLY A 108 -16.98 -14.69 12.74
N THR A 109 -16.10 -14.43 13.72
CA THR A 109 -16.18 -13.31 14.70
C THR A 109 -14.83 -12.60 14.69
N LEU A 110 -14.83 -11.27 14.57
CA LEU A 110 -13.60 -10.44 14.42
C LEU A 110 -13.11 -9.99 15.80
N ILE A 111 -11.80 -10.11 16.03
CA ILE A 111 -11.09 -9.72 17.26
C ILE A 111 -10.09 -8.63 16.88
N THR A 112 -10.17 -7.48 17.54
CA THR A 112 -9.27 -6.33 17.30
C THR A 112 -8.54 -6.05 18.61
N VAL A 113 -7.23 -6.30 18.63
CA VAL A 113 -6.34 -6.01 19.79
C VAL A 113 -5.72 -4.63 19.55
N SER A 114 -6.27 -3.60 20.18
CA SER A 114 -5.87 -2.18 20.02
C SER A 114 -6.13 -1.43 21.33
N SER A 115 -5.27 -0.49 21.68
CA SER A 115 -5.48 0.43 22.83
C SER A 115 -6.51 1.53 22.46
N ALA A 116 -6.76 1.75 21.17
CA ALA A 116 -7.70 2.77 20.66
C ALA A 116 -9.13 2.50 21.16
N SER A 117 -9.92 3.57 21.32
CA SER A 117 -11.30 3.55 21.86
C SER A 117 -12.30 3.25 20.74
N THR A 118 -13.40 2.54 21.04
CA THR A 118 -14.57 2.40 20.14
C THR A 118 -15.09 3.78 19.78
N LYS A 119 -15.30 4.05 18.49
CA LYS A 119 -15.97 5.28 18.00
C LYS A 119 -17.02 4.86 16.97
N GLY A 120 -18.24 5.41 17.09
CA GLY A 120 -19.37 5.11 16.19
C GLY A 120 -19.25 5.85 14.87
N PRO A 121 -19.86 5.34 13.78
CA PRO A 121 -19.75 5.97 12.47
C PRO A 121 -20.70 7.17 12.31
N SER A 122 -20.24 8.16 11.53
CA SER A 122 -21.07 9.19 10.89
C SER A 122 -21.44 8.71 9.48
N VAL A 123 -22.72 8.69 9.15
CA VAL A 123 -23.24 8.23 7.82
C VAL A 123 -23.72 9.45 7.04
N PHE A 124 -23.19 9.66 5.84
CA PHE A 124 -23.44 10.84 4.98
C PHE A 124 -23.93 10.35 3.62
N PRO A 125 -24.96 11.00 3.04
CA PRO A 125 -25.50 10.58 1.75
C PRO A 125 -24.60 10.98 0.58
N LEU A 126 -24.44 10.06 -0.38
CA LEU A 126 -23.82 10.33 -1.71
C LEU A 126 -24.96 10.45 -2.71
N ALA A 127 -25.38 11.68 -3.03
CA ALA A 127 -26.64 11.98 -3.76
C ALA A 127 -26.40 11.85 -5.26
N PRO A 128 -27.35 11.25 -6.02
CA PRO A 128 -27.23 11.09 -7.46
C PRO A 128 -27.39 12.42 -8.21
N SER A 129 -26.64 12.57 -9.30
CA SER A 129 -26.41 13.84 -10.04
C SER A 129 -27.64 14.23 -10.86
N SER A 130 -28.03 13.40 -11.85
CA SER A 130 -29.14 13.63 -12.82
C SER A 130 -29.08 12.56 -13.92
N GLY A 135 -29.18 9.50 -19.59
CA GLY A 135 -28.41 9.26 -18.36
C GLY A 135 -27.77 7.87 -18.33
N GLY A 136 -28.56 6.83 -18.63
CA GLY A 136 -28.15 5.40 -18.65
C GLY A 136 -28.28 4.73 -17.29
N THR A 137 -27.14 4.55 -16.60
CA THR A 137 -27.05 4.15 -15.17
C THR A 137 -26.84 5.41 -14.32
N ALA A 138 -27.42 5.44 -13.12
CA ALA A 138 -27.29 6.50 -12.10
C ALA A 138 -26.87 5.87 -10.76
N ALA A 139 -25.92 6.49 -10.07
CA ALA A 139 -25.30 5.98 -8.84
C ALA A 139 -25.70 6.88 -7.67
N LEU A 140 -26.00 6.24 -6.53
CA LEU A 140 -26.17 6.90 -5.22
C LEU A 140 -25.53 5.99 -4.16
N GLY A 141 -25.28 6.50 -2.95
CA GLY A 141 -24.57 5.74 -1.92
C GLY A 141 -24.64 6.36 -0.55
N CYS A 142 -23.92 5.77 0.40
CA CYS A 142 -23.70 6.28 1.77
C CYS A 142 -22.21 6.21 2.09
N LEU A 143 -21.66 7.31 2.62
CA LEU A 143 -20.29 7.36 3.17
C LEU A 143 -20.40 7.09 4.67
N VAL A 144 -19.79 6.00 5.12
CA VAL A 144 -19.76 5.58 6.55
C VAL A 144 -18.37 5.91 7.08
N LYS A 145 -18.25 6.97 7.89
CA LYS A 145 -16.97 7.69 8.09
C LYS A 145 -16.64 7.77 9.59
N ASP A 146 -15.39 7.44 9.94
CA ASP A 146 -14.75 7.69 11.25
C ASP A 146 -15.36 6.76 12.31
N TYR A 147 -15.17 5.44 12.15
CA TYR A 147 -15.57 4.41 13.14
C TYR A 147 -14.36 3.56 13.49
N PHE A 148 -14.47 2.84 14.61
CA PHE A 148 -13.47 1.88 15.12
C PHE A 148 -14.10 1.05 16.22
N PRO A 149 -13.91 -0.29 16.26
CA PRO A 149 -13.15 -1.01 15.24
C PRO A 149 -14.05 -1.38 14.07
N GLU A 150 -13.56 -2.21 13.14
CA GLU A 150 -14.42 -2.98 12.20
C GLU A 150 -15.19 -4.00 13.04
N PRO A 151 -16.30 -4.60 12.54
CA PRO A 151 -16.89 -4.28 11.24
C PRO A 151 -18.15 -3.41 11.31
N VAL A 152 -18.59 -2.87 10.16
CA VAL A 152 -19.95 -2.29 9.98
C VAL A 152 -20.66 -3.14 8.93
N THR A 153 -21.95 -3.41 9.14
CA THR A 153 -22.85 -4.04 8.13
C THR A 153 -23.66 -2.91 7.49
N VAL A 154 -23.71 -2.87 6.16
CA VAL A 154 -24.56 -1.90 5.38
C VAL A 154 -25.55 -2.69 4.51
N SER A 155 -26.83 -2.32 4.60
CA SER A 155 -27.93 -2.84 3.75
C SER A 155 -28.64 -1.67 3.11
N TRP A 156 -29.50 -1.95 2.13
CA TRP A 156 -30.31 -0.93 1.41
C TRP A 156 -31.78 -1.35 1.48
N ASN A 157 -32.66 -0.46 1.98
CA ASN A 157 -34.12 -0.68 2.09
C ASN A 157 -34.36 -1.97 2.89
N SER A 158 -33.59 -2.16 3.97
CA SER A 158 -33.62 -3.29 4.94
C SER A 158 -33.48 -4.64 4.24
N GLY A 159 -32.55 -4.77 3.30
CA GLY A 159 -32.27 -6.06 2.61
C GLY A 159 -33.12 -6.26 1.36
N ALA A 160 -34.05 -5.34 1.07
CA ALA A 160 -34.97 -5.39 -0.10
C ALA A 160 -34.18 -5.15 -1.40
N LEU A 161 -33.21 -4.24 -1.38
CA LEU A 161 -32.35 -3.87 -2.53
C LEU A 161 -31.00 -4.58 -2.39
N THR A 162 -30.66 -5.42 -3.37
CA THR A 162 -29.38 -6.18 -3.48
C THR A 162 -28.77 -5.97 -4.88
N SER A 163 -29.60 -5.92 -5.92
CA SER A 163 -29.21 -5.64 -7.33
C SER A 163 -28.42 -4.32 -7.41
N GLY A 164 -27.14 -4.40 -7.78
CA GLY A 164 -26.30 -3.22 -8.12
C GLY A 164 -25.59 -2.63 -6.92
N VAL A 165 -25.55 -3.34 -5.78
CA VAL A 165 -24.93 -2.87 -4.50
C VAL A 165 -23.46 -3.28 -4.48
N HIS A 166 -22.56 -2.32 -4.27
CA HIS A 166 -21.13 -2.52 -3.94
C HIS A 166 -20.84 -1.83 -2.62
N THR A 167 -20.57 -2.60 -1.57
CA THR A 167 -19.99 -2.12 -0.29
C THR A 167 -18.48 -2.33 -0.36
N PHE A 168 -17.69 -1.25 -0.38
CA PHE A 168 -16.23 -1.32 -0.61
C PHE A 168 -15.52 -1.75 0.67
N PRO A 169 -14.38 -2.46 0.58
CA PRO A 169 -13.51 -2.66 1.73
C PRO A 169 -13.24 -1.33 2.43
N ALA A 170 -13.13 -1.35 3.76
CA ALA A 170 -12.84 -0.17 4.61
C ALA A 170 -11.39 0.27 4.40
N VAL A 171 -11.12 1.56 4.53
CA VAL A 171 -9.73 2.13 4.53
C VAL A 171 -9.48 2.78 5.88
N LEU A 172 -8.33 2.51 6.49
CA LEU A 172 -7.89 3.20 7.73
C LEU A 172 -7.34 4.56 7.31
N GLN A 173 -7.76 5.61 8.01
CA GLN A 173 -7.37 7.02 7.74
C GLN A 173 -6.22 7.39 8.69
N SER A 174 -5.58 8.54 8.47
CA SER A 174 -4.46 9.06 9.29
C SER A 174 -4.92 9.24 10.74
N SER A 175 -6.23 9.46 10.93
CA SER A 175 -6.90 9.61 12.24
C SER A 175 -6.88 8.29 13.04
N GLY A 176 -6.55 7.16 12.42
CA GLY A 176 -6.66 5.82 13.03
C GLY A 176 -8.10 5.34 13.06
N LEU A 177 -8.98 5.98 12.28
CA LEU A 177 -10.41 5.61 12.16
C LEU A 177 -10.69 5.07 10.76
N TYR A 178 -11.69 4.21 10.62
CA TYR A 178 -12.08 3.58 9.35
C TYR A 178 -13.16 4.43 8.66
N SER A 179 -13.15 4.34 7.33
CA SER A 179 -14.18 4.90 6.42
C SER A 179 -14.44 3.87 5.32
N LEU A 180 -15.72 3.59 5.03
CA LEU A 180 -16.08 2.84 3.80
C LEU A 180 -17.24 3.56 3.12
N SER A 181 -17.43 3.25 1.84
N SER A 181 -17.43 3.25 1.84
CA SER A 181 -18.57 3.72 1.02
CA SER A 181 -18.57 3.71 1.03
C SER A 181 -19.38 2.51 0.54
C SER A 181 -19.38 2.50 0.55
N SER A 182 -20.70 2.63 0.57
CA SER A 182 -21.63 1.70 -0.07
C SER A 182 -22.34 2.46 -1.18
N VAL A 183 -22.33 1.91 -2.39
CA VAL A 183 -22.98 2.52 -3.59
C VAL A 183 -23.97 1.50 -4.15
N VAL A 184 -25.05 1.99 -4.75
CA VAL A 184 -26.03 1.19 -5.54
C VAL A 184 -26.21 1.91 -6.88
N THR A 185 -26.18 1.17 -7.99
CA THR A 185 -26.46 1.70 -9.34
C THR A 185 -27.89 1.28 -9.71
N VAL A 186 -28.65 2.23 -10.24
CA VAL A 186 -30.06 2.02 -10.65
C VAL A 186 -30.20 2.63 -12.04
N PRO A 187 -31.19 2.18 -12.83
CA PRO A 187 -31.51 2.84 -14.10
C PRO A 187 -31.91 4.30 -13.83
N SER A 188 -31.35 5.23 -14.61
CA SER A 188 -31.42 6.70 -14.38
C SER A 188 -32.87 7.18 -14.31
N SER A 189 -33.74 6.58 -15.13
CA SER A 189 -35.18 6.90 -15.21
C SER A 189 -35.96 6.29 -14.02
N SER A 190 -35.31 5.55 -13.13
CA SER A 190 -35.94 4.91 -11.94
C SER A 190 -35.72 5.75 -10.68
N LEU A 191 -34.99 6.88 -10.78
CA LEU A 191 -34.79 7.85 -9.67
C LEU A 191 -36.11 8.55 -9.33
N GLY A 192 -36.40 8.74 -8.05
CA GLY A 192 -37.61 9.45 -7.56
C GLY A 192 -38.87 8.63 -7.79
N THR A 193 -38.70 7.38 -8.20
CA THR A 193 -39.76 6.35 -8.40
C THR A 193 -39.74 5.37 -7.22
N GLN A 194 -38.53 4.98 -6.84
CA GLN A 194 -38.20 4.13 -5.67
C GLN A 194 -37.65 5.04 -4.56
N THR A 195 -37.78 4.65 -3.29
CA THR A 195 -37.10 5.30 -2.14
C THR A 195 -35.83 4.50 -1.80
N TYR A 196 -34.73 5.18 -1.44
CA TYR A 196 -33.38 4.58 -1.19
C TYR A 196 -32.91 4.97 0.21
N ILE A 197 -32.82 3.99 1.10
CA ILE A 197 -32.36 4.17 2.51
C ILE A 197 -31.21 3.20 2.76
N CYS A 198 -30.06 3.71 3.18
CA CYS A 198 -28.89 2.87 3.56
C CYS A 198 -28.94 2.60 5.07
N ASN A 199 -29.01 1.33 5.45
CA ASN A 199 -29.11 0.88 6.87
C ASN A 199 -27.71 0.50 7.33
N VAL A 200 -27.11 1.30 8.22
CA VAL A 200 -25.73 1.10 8.75
C VAL A 200 -25.84 0.62 10.20
N ASN A 201 -25.14 -0.46 10.54
CA ASN A 201 -25.10 -1.04 11.91
C ASN A 201 -23.64 -1.24 12.30
N HIS A 202 -23.21 -0.59 13.38
CA HIS A 202 -21.89 -0.77 14.06
C HIS A 202 -22.14 -1.30 15.47
N LYS A 203 -22.16 -2.63 15.63
CA LYS A 203 -22.48 -3.31 16.92
C LYS A 203 -21.48 -2.91 17.99
N PRO A 204 -20.15 -2.86 17.70
CA PRO A 204 -19.17 -2.50 18.72
C PRO A 204 -19.43 -1.17 19.45
N SER A 205 -20.23 -0.28 18.87
CA SER A 205 -20.61 1.04 19.47
C SER A 205 -22.14 1.13 19.67
N ASN A 206 -22.87 0.03 19.52
CA ASN A 206 -24.35 -0.02 19.66
C ASN A 206 -24.97 1.12 18.83
N THR A 207 -24.47 1.35 17.61
CA THR A 207 -24.91 2.42 16.67
C THR A 207 -25.66 1.79 15.49
N LYS A 208 -26.96 2.10 15.35
CA LYS A 208 -27.82 1.75 14.19
C LYS A 208 -28.34 3.05 13.57
N VAL A 209 -28.09 3.27 12.28
CA VAL A 209 -28.48 4.53 11.55
C VAL A 209 -29.15 4.13 10.23
N ASP A 210 -30.31 4.71 9.93
CA ASP A 210 -31.01 4.58 8.63
C ASP A 210 -31.01 5.96 7.97
N LYS A 211 -30.26 6.12 6.88
CA LYS A 211 -30.10 7.41 6.17
C LYS A 211 -30.84 7.32 4.84
N LYS A 212 -31.76 8.25 4.59
CA LYS A 212 -32.50 8.37 3.30
C LYS A 212 -31.58 9.14 2.33
N VAL A 213 -31.37 8.58 1.14
CA VAL A 213 -30.55 9.19 0.06
C VAL A 213 -31.52 9.72 -1.01
N GLU A 214 -31.57 11.04 -1.17
CA GLU A 214 -32.47 11.73 -2.13
C GLU A 214 -31.65 12.53 -3.13
N PRO A 215 -32.13 12.68 -4.38
CA PRO A 215 -31.54 13.61 -5.34
C PRO A 215 -31.29 15.02 -4.77
N LYS A 216 -30.12 15.62 -5.07
CA LYS A 216 -29.70 16.96 -4.60
C LYS A 216 -29.99 18.02 -5.69
N ASP B 1 6.03 -29.82 11.75
CA ASP B 1 5.38 -28.70 11.03
C ASP B 1 5.54 -28.93 9.52
N ILE B 2 4.52 -29.54 8.91
CA ILE B 2 4.48 -29.81 7.44
C ILE B 2 4.14 -28.48 6.72
N VAL B 3 5.03 -28.04 5.82
CA VAL B 3 4.89 -26.79 5.01
C VAL B 3 4.21 -27.14 3.69
N MET B 4 3.12 -26.45 3.36
CA MET B 4 2.39 -26.56 2.07
C MET B 4 2.74 -25.33 1.23
N THR B 5 3.32 -25.56 0.05
CA THR B 5 3.70 -24.54 -0.96
C THR B 5 2.68 -24.54 -2.12
N GLN B 6 1.87 -23.48 -2.23
CA GLN B 6 0.76 -23.41 -3.20
C GLN B 6 1.16 -22.60 -4.42
N THR B 7 1.00 -23.18 -5.60
CA THR B 7 1.40 -22.53 -6.86
C THR B 7 0.27 -22.73 -7.85
N PRO B 8 -0.10 -21.74 -8.68
CA PRO B 8 0.46 -20.42 -8.57
C PRO B 8 -0.12 -19.50 -7.48
N LEU B 9 0.40 -18.29 -7.36
CA LEU B 9 -0.13 -17.30 -6.38
C LEU B 9 -1.35 -16.63 -6.99
N SER B 10 -1.28 -16.37 -8.29
CA SER B 10 -2.43 -15.81 -9.03
C SER B 10 -2.56 -16.56 -10.36
N SER B 11 -3.78 -16.69 -10.87
CA SER B 11 -4.06 -17.43 -12.11
C SER B 11 -5.21 -16.77 -12.85
N ALA B 12 -4.91 -16.19 -14.01
CA ALA B 12 -5.94 -15.60 -14.87
C ALA B 12 -6.35 -16.64 -15.91
N VAL B 13 -7.65 -16.87 -16.01
CA VAL B 13 -8.23 -17.88 -16.94
C VAL B 13 -9.39 -17.22 -17.70
N THR B 14 -9.55 -17.56 -18.97
CA THR B 14 -10.76 -17.27 -19.79
C THR B 14 -11.91 -18.18 -19.30
N LEU B 15 -13.12 -17.65 -19.28
CA LEU B 15 -14.34 -18.41 -18.85
C LEU B 15 -14.49 -19.64 -19.75
N GLY B 16 -14.78 -20.79 -19.16
CA GLY B 16 -14.99 -22.06 -19.89
C GLY B 16 -13.69 -22.78 -20.18
N GLN B 17 -12.54 -22.21 -19.80
CA GLN B 17 -11.20 -22.82 -19.99
C GLN B 17 -10.76 -23.49 -18.69
N PRO B 18 -9.97 -24.59 -18.80
CA PRO B 18 -9.53 -25.33 -17.62
C PRO B 18 -8.55 -24.53 -16.76
N ALA B 19 -8.47 -24.92 -15.49
CA ALA B 19 -7.56 -24.34 -14.49
C ALA B 19 -6.98 -25.40 -13.57
N SER B 20 -5.74 -25.21 -13.13
CA SER B 20 -5.05 -26.16 -12.23
C SER B 20 -4.35 -25.42 -11.11
N ILE B 21 -4.51 -25.88 -9.88
CA ILE B 21 -3.77 -25.31 -8.73
C ILE B 21 -2.96 -26.45 -8.11
N SER B 22 -1.74 -26.15 -7.70
CA SER B 22 -0.77 -27.14 -7.18
C SER B 22 -0.47 -26.84 -5.71
N CYS B 23 -0.31 -27.89 -4.92
CA CYS B 23 0.13 -27.85 -3.51
C CYS B 23 1.21 -28.91 -3.33
N ARG B 24 2.35 -28.51 -2.77
CA ARG B 24 3.51 -29.41 -2.54
C ARG B 24 3.84 -29.38 -1.04
N SER B 25 3.89 -30.55 -0.40
CA SER B 25 4.22 -30.73 1.04
C SER B 25 5.72 -30.96 1.19
N SER B 26 6.28 -30.53 2.31
CA SER B 26 7.72 -30.68 2.69
C SER B 26 8.04 -32.15 2.98
N GLN B 27 7.07 -32.91 3.52
CA GLN B 27 7.21 -34.37 3.80
C GLN B 27 5.98 -35.10 3.26
N ARG B 28 6.03 -36.44 3.26
CA ARG B 28 4.93 -37.32 2.78
C ARG B 28 3.73 -37.11 3.69
N LEU B 29 2.52 -37.14 3.12
CA LEU B 29 1.27 -36.70 3.80
C LEU B 29 0.34 -37.90 4.06
N VAL B 30 0.90 -39.10 4.17
CA VAL B 30 0.15 -40.35 4.48
C VAL B 30 0.13 -40.52 6.00
N HIS B 31 -1.06 -40.77 6.57
CA HIS B 31 -1.29 -40.99 8.01
C HIS B 31 -0.99 -42.46 8.36
N SER B 32 -0.84 -42.77 9.65
CA SER B 32 -0.64 -44.13 10.21
C SER B 32 -1.74 -45.09 9.69
N ASP B 33 -2.99 -44.61 9.61
CA ASP B 33 -4.18 -45.41 9.22
C ASP B 33 -4.16 -45.70 7.71
N GLY B 34 -3.36 -44.98 6.93
CA GLY B 34 -3.11 -45.26 5.49
C GLY B 34 -3.77 -44.25 4.56
N ASN B 35 -4.76 -43.50 5.06
CA ASN B 35 -5.44 -42.41 4.32
C ASN B 35 -4.51 -41.20 4.24
N THR B 36 -4.80 -40.29 3.30
CA THR B 36 -4.13 -38.98 3.14
C THR B 36 -5.19 -37.88 3.34
N TYR B 37 -5.05 -37.10 4.41
CA TYR B 37 -6.03 -36.08 4.88
C TYR B 37 -5.62 -34.69 4.36
N LEU B 38 -5.64 -34.51 3.03
CA LEU B 38 -5.48 -33.19 2.36
C LEU B 38 -6.84 -32.73 1.86
N SER B 39 -7.13 -31.44 2.02
CA SER B 39 -8.42 -30.80 1.63
C SER B 39 -8.15 -29.55 0.76
N TRP B 40 -9.12 -29.22 -0.08
CA TRP B 40 -9.14 -27.98 -0.91
C TRP B 40 -10.34 -27.14 -0.52
N LEU B 41 -10.12 -25.87 -0.20
CA LEU B 41 -11.14 -24.91 0.29
C LEU B 41 -11.21 -23.74 -0.69
N HIS B 42 -12.41 -23.20 -0.91
CA HIS B 42 -12.64 -21.95 -1.67
C HIS B 42 -13.16 -20.87 -0.71
N GLN B 43 -12.73 -19.63 -0.89
CA GLN B 43 -13.16 -18.48 -0.07
C GLN B 43 -13.42 -17.29 -0.99
N ARG B 44 -14.67 -16.93 -1.22
CA ARG B 44 -15.08 -15.60 -1.78
C ARG B 44 -14.75 -14.57 -0.71
N PRO B 45 -14.31 -13.34 -1.07
CA PRO B 45 -13.89 -12.34 -0.10
C PRO B 45 -14.97 -11.95 0.92
N GLY B 46 -14.57 -11.86 2.20
CA GLY B 46 -15.45 -11.56 3.34
C GLY B 46 -16.55 -12.58 3.54
N GLN B 47 -16.30 -13.85 3.18
CA GLN B 47 -17.18 -15.01 3.44
C GLN B 47 -16.35 -16.09 4.13
N PRO B 48 -16.99 -17.04 4.84
CA PRO B 48 -16.27 -18.21 5.36
C PRO B 48 -15.85 -19.20 4.27
N PRO B 49 -14.78 -20.00 4.49
CA PRO B 49 -14.40 -21.07 3.57
C PRO B 49 -15.50 -22.12 3.34
N ARG B 50 -15.56 -22.64 2.12
CA ARG B 50 -16.40 -23.81 1.73
C ARG B 50 -15.46 -24.95 1.27
N LEU B 51 -15.70 -26.17 1.76
CA LEU B 51 -14.94 -27.38 1.39
C LEU B 51 -15.36 -27.84 -0.01
N LEU B 52 -14.40 -28.02 -0.91
CA LEU B 52 -14.59 -28.57 -2.28
C LEU B 52 -14.21 -30.05 -2.28
N ILE B 53 -12.96 -30.35 -1.94
CA ILE B 53 -12.37 -31.72 -1.98
C ILE B 53 -11.84 -32.07 -0.59
N TYR B 54 -12.02 -33.31 -0.16
CA TYR B 54 -11.39 -33.86 1.08
C TYR B 54 -10.76 -35.22 0.76
N LYS B 55 -9.78 -35.63 1.57
CA LYS B 55 -8.97 -36.86 1.35
C LYS B 55 -8.54 -36.93 -0.12
N VAL B 56 -7.97 -35.84 -0.63
CA VAL B 56 -7.24 -35.74 -1.94
C VAL B 56 -8.22 -35.63 -3.12
N SER B 57 -9.21 -36.53 -3.26
CA SER B 57 -9.98 -36.68 -4.51
C SER B 57 -11.49 -36.87 -4.28
N LEU B 58 -12.01 -36.66 -3.07
CA LEU B 58 -13.46 -36.86 -2.77
C LEU B 58 -14.18 -35.51 -2.78
N ARG B 59 -15.11 -35.31 -3.70
CA ARG B 59 -15.99 -34.11 -3.74
C ARG B 59 -16.90 -34.12 -2.53
N PHE B 60 -16.94 -33.01 -1.80
CA PHE B 60 -17.94 -32.74 -0.73
C PHE B 60 -19.31 -32.57 -1.38
N SER B 61 -20.37 -32.89 -0.63
CA SER B 61 -21.78 -32.80 -1.08
C SER B 61 -22.08 -31.37 -1.55
N GLY B 62 -22.70 -31.23 -2.72
CA GLY B 62 -23.15 -29.93 -3.27
C GLY B 62 -22.10 -29.28 -4.16
N VAL B 63 -20.88 -29.84 -4.18
CA VAL B 63 -19.73 -29.31 -4.98
C VAL B 63 -19.95 -29.74 -6.42
N PRO B 64 -19.91 -28.81 -7.40
CA PRO B 64 -20.08 -29.17 -8.81
C PRO B 64 -18.94 -30.07 -9.30
N ASP B 65 -19.25 -30.90 -10.31
CA ASP B 65 -18.39 -32.02 -10.80
C ASP B 65 -17.18 -31.48 -11.57
N ARG B 66 -17.17 -30.20 -11.95
CA ARG B 66 -16.05 -29.53 -12.66
C ARG B 66 -14.80 -29.48 -11.76
N PHE B 67 -14.95 -29.65 -10.44
CA PHE B 67 -13.82 -29.71 -9.45
C PHE B 67 -13.36 -31.17 -9.29
N SER B 68 -12.07 -31.43 -9.50
CA SER B 68 -11.42 -32.75 -9.36
C SER B 68 -10.11 -32.61 -8.57
N GLY B 69 -9.84 -33.58 -7.68
CA GLY B 69 -8.67 -33.59 -6.80
C GLY B 69 -7.78 -34.78 -7.10
N SER B 70 -6.46 -34.59 -7.09
CA SER B 70 -5.45 -35.60 -7.50
C SER B 70 -4.17 -35.40 -6.69
N GLY B 71 -3.30 -36.42 -6.71
CA GLY B 71 -1.94 -36.38 -6.12
C GLY B 71 -1.70 -37.50 -5.13
N ALA B 72 -0.46 -37.64 -4.70
CA ALA B 72 0.04 -38.67 -3.77
C ALA B 72 1.43 -38.29 -3.29
N GLY B 73 1.81 -38.71 -2.08
CA GLY B 73 3.12 -38.41 -1.47
C GLY B 73 3.24 -36.95 -1.06
N THR B 74 3.85 -36.14 -1.93
CA THR B 74 4.14 -34.70 -1.69
C THR B 74 3.34 -33.80 -2.65
N ASP B 75 3.14 -34.22 -3.90
CA ASP B 75 2.49 -33.41 -4.97
C ASP B 75 0.99 -33.69 -4.98
N PHE B 76 0.17 -32.64 -4.97
CA PHE B 76 -1.32 -32.69 -4.98
C PHE B 76 -1.85 -31.57 -5.85
N THR B 77 -2.98 -31.79 -6.50
CA THR B 77 -3.52 -30.88 -7.55
C THR B 77 -5.04 -30.80 -7.47
N LEU B 78 -5.55 -29.57 -7.41
CA LEU B 78 -6.97 -29.25 -7.68
C LEU B 78 -7.06 -28.84 -9.14
N LYS B 79 -8.01 -29.40 -9.89
CA LYS B 79 -8.25 -29.09 -11.32
C LYS B 79 -9.71 -28.66 -11.48
N ILE B 80 -9.93 -27.54 -12.18
CA ILE B 80 -11.27 -27.07 -12.61
C ILE B 80 -11.37 -27.36 -14.12
N SER B 81 -12.34 -28.18 -14.54
CA SER B 81 -12.49 -28.65 -15.94
C SER B 81 -12.85 -27.45 -16.85
N ARG B 82 -13.89 -26.71 -16.50
CA ARG B 82 -14.25 -25.41 -17.12
C ARG B 82 -14.58 -24.41 -16.00
N VAL B 83 -13.78 -23.34 -15.88
CA VAL B 83 -14.02 -22.27 -14.85
C VAL B 83 -15.32 -21.53 -15.20
N GLU B 84 -16.15 -21.27 -14.19
CA GLU B 84 -17.36 -20.43 -14.27
C GLU B 84 -17.07 -19.11 -13.53
N ALA B 85 -17.90 -18.08 -13.73
CA ALA B 85 -17.73 -16.74 -13.13
C ALA B 85 -17.68 -16.87 -11.59
N GLU B 86 -18.48 -17.77 -11.02
CA GLU B 86 -18.63 -17.97 -9.55
C GLU B 86 -17.34 -18.55 -8.94
N ASP B 87 -16.42 -19.08 -9.76
CA ASP B 87 -15.17 -19.75 -9.29
C ASP B 87 -14.10 -18.74 -8.87
N VAL B 88 -14.33 -17.45 -9.09
CA VAL B 88 -13.40 -16.38 -8.61
C VAL B 88 -13.29 -16.51 -7.09
N GLY B 89 -12.14 -16.10 -6.56
CA GLY B 89 -11.85 -16.10 -5.13
C GLY B 89 -10.50 -16.73 -4.87
N ILE B 90 -10.25 -17.07 -3.61
CA ILE B 90 -8.96 -17.66 -3.17
C ILE B 90 -9.22 -19.13 -2.81
N TYR B 91 -8.36 -20.03 -3.29
CA TYR B 91 -8.36 -21.48 -3.00
C TYR B 91 -7.20 -21.81 -2.07
N TYR B 92 -7.42 -22.69 -1.11
CA TYR B 92 -6.40 -23.15 -0.15
C TYR B 92 -6.34 -24.68 -0.17
N CYS B 93 -5.15 -25.26 -0.17
CA CYS B 93 -4.97 -26.65 0.29
C CYS B 93 -4.84 -26.61 1.80
N MET B 94 -5.38 -27.62 2.50
CA MET B 94 -5.20 -27.83 3.95
C MET B 94 -4.75 -29.27 4.16
N GLN B 95 -3.73 -29.47 4.99
CA GLN B 95 -3.28 -30.77 5.51
C GLN B 95 -3.84 -31.00 6.92
N ALA B 96 -4.41 -32.18 7.18
CA ALA B 96 -4.87 -32.55 8.53
C ALA B 96 -4.38 -33.98 8.82
N THR B 97 -3.19 -34.32 8.36
CA THR B 97 -2.59 -35.67 8.56
C THR B 97 -1.71 -35.65 9.80
N GLN B 98 -1.09 -34.52 10.08
CA GLN B 98 -0.17 -34.38 11.22
C GLN B 98 -0.32 -32.97 11.80
N PHE B 99 -0.27 -32.85 13.11
CA PHE B 99 -0.36 -31.55 13.78
C PHE B 99 1.05 -31.00 13.88
N PRO B 100 1.33 -29.70 13.68
CA PRO B 100 0.32 -28.66 13.53
C PRO B 100 -0.50 -28.71 12.24
N LEU B 101 -1.78 -28.42 12.29
CA LEU B 101 -2.56 -28.33 11.03
C LEU B 101 -2.04 -27.17 10.19
N THR B 102 -1.82 -27.41 8.89
CA THR B 102 -1.20 -26.37 8.03
C THR B 102 -1.99 -26.12 6.75
N PHE B 103 -1.86 -24.92 6.24
CA PHE B 103 -2.57 -24.53 5.00
C PHE B 103 -1.60 -23.89 4.02
N GLY B 104 -1.94 -23.92 2.74
CA GLY B 104 -1.14 -23.20 1.74
C GLY B 104 -1.44 -21.72 1.81
N GLY B 105 -0.59 -20.89 1.20
CA GLY B 105 -0.72 -19.44 1.31
C GLY B 105 -1.77 -18.88 0.40
N GLY B 106 -2.26 -19.69 -0.51
CA GLY B 106 -3.42 -19.28 -1.28
C GLY B 106 -3.19 -19.11 -2.76
N THR B 107 -4.28 -19.15 -3.51
CA THR B 107 -4.20 -18.98 -4.97
C THR B 107 -5.40 -18.15 -5.39
N LYS B 108 -5.15 -16.97 -5.94
CA LYS B 108 -6.24 -16.13 -6.49
C LYS B 108 -6.55 -16.62 -7.89
N VAL B 109 -7.82 -16.98 -8.08
CA VAL B 109 -8.31 -17.33 -9.44
C VAL B 109 -9.04 -16.11 -9.99
N GLU B 110 -8.48 -15.50 -11.03
CA GLU B 110 -9.01 -14.30 -11.71
C GLU B 110 -9.64 -14.79 -13.01
N ILE B 111 -10.76 -14.19 -13.41
CA ILE B 111 -11.44 -14.48 -14.71
C ILE B 111 -11.00 -13.41 -15.72
N LYS B 112 -10.64 -13.83 -16.94
CA LYS B 112 -10.18 -12.94 -18.04
C LYS B 112 -11.36 -12.76 -19.00
N ARG B 113 -11.96 -11.56 -18.98
CA ARG B 113 -13.15 -11.20 -19.78
C ARG B 113 -12.78 -10.05 -20.72
N THR B 114 -13.71 -9.65 -21.59
CA THR B 114 -13.52 -8.52 -22.54
C THR B 114 -13.32 -7.23 -21.73
N VAL B 115 -12.54 -6.30 -22.27
CA VAL B 115 -12.32 -4.95 -21.68
C VAL B 115 -13.69 -4.30 -21.46
N ALA B 116 -13.86 -3.67 -20.29
CA ALA B 116 -15.07 -2.90 -19.93
C ALA B 116 -14.64 -1.54 -19.40
N ALA B 117 -15.11 -0.47 -20.04
CA ALA B 117 -14.91 0.93 -19.60
C ALA B 117 -15.65 1.16 -18.28
N PRO B 118 -15.03 1.83 -17.29
CA PRO B 118 -15.75 2.22 -16.08
C PRO B 118 -16.84 3.24 -16.42
N SER B 119 -18.02 3.08 -15.81
CA SER B 119 -18.96 4.21 -15.54
C SER B 119 -18.38 5.03 -14.38
N VAL B 120 -18.24 6.34 -14.54
CA VAL B 120 -17.67 7.24 -13.52
C VAL B 120 -18.79 8.16 -13.00
N PHE B 121 -18.79 8.38 -11.69
CA PHE B 121 -19.72 9.28 -10.95
C PHE B 121 -18.89 10.06 -9.92
N ILE B 122 -19.26 11.32 -9.68
CA ILE B 122 -18.59 12.20 -8.68
C ILE B 122 -19.66 12.74 -7.73
N PHE B 123 -19.44 12.65 -6.43
CA PHE B 123 -20.40 13.08 -5.38
C PHE B 123 -19.78 14.21 -4.58
N PRO B 124 -20.43 15.39 -4.51
CA PRO B 124 -19.97 16.47 -3.63
C PRO B 124 -20.29 16.11 -2.19
N PRO B 125 -19.59 16.69 -1.19
CA PRO B 125 -19.86 16.42 0.21
C PRO B 125 -21.27 16.84 0.61
N SER B 126 -21.90 16.11 1.53
CA SER B 126 -23.23 16.44 2.12
C SER B 126 -23.11 17.72 2.96
N ASP B 127 -24.23 18.42 3.17
CA ASP B 127 -24.26 19.72 3.92
C ASP B 127 -23.98 19.41 5.39
N GLU B 128 -24.50 18.28 5.87
CA GLU B 128 -24.35 17.79 7.27
C GLU B 128 -22.87 17.56 7.60
N GLN B 129 -22.07 17.11 6.62
CA GLN B 129 -20.63 16.84 6.83
C GLN B 129 -19.87 18.16 6.91
N LEU B 130 -20.16 19.12 6.02
CA LEU B 130 -19.46 20.43 5.97
C LEU B 130 -19.63 21.16 7.30
N LYS B 131 -20.80 21.00 7.94
CA LYS B 131 -21.11 21.58 9.28
C LYS B 131 -20.16 21.00 10.35
N SER B 132 -19.56 19.82 10.11
CA SER B 132 -18.62 19.15 11.04
C SER B 132 -17.17 19.61 10.79
N GLY B 133 -16.94 20.48 9.81
CA GLY B 133 -15.61 21.07 9.52
C GLY B 133 -14.73 20.21 8.64
N THR B 134 -15.26 19.14 8.04
CA THR B 134 -14.54 18.29 7.05
C THR B 134 -15.35 18.16 5.76
N ALA B 135 -14.67 17.96 4.62
CA ALA B 135 -15.26 17.76 3.28
C ALA B 135 -14.67 16.50 2.62
N SER B 136 -15.52 15.52 2.33
CA SER B 136 -15.19 14.30 1.55
C SER B 136 -15.88 14.36 0.19
N VAL B 137 -15.09 14.41 -0.87
CA VAL B 137 -15.54 14.24 -2.29
C VAL B 137 -15.25 12.79 -2.68
N VAL B 138 -16.26 12.07 -3.17
CA VAL B 138 -16.14 10.64 -3.58
C VAL B 138 -16.26 10.55 -5.10
N CYS B 139 -15.37 9.75 -5.70
CA CYS B 139 -15.35 9.37 -7.13
C CYS B 139 -15.52 7.86 -7.22
N LEU B 140 -16.51 7.39 -7.98
CA LEU B 140 -16.86 5.96 -8.15
C LEU B 140 -16.59 5.51 -9.59
N LEU B 141 -15.65 4.58 -9.79
CA LEU B 141 -15.49 3.80 -11.05
C LEU B 141 -16.23 2.47 -10.86
N ASN B 142 -17.21 2.18 -11.72
CA ASN B 142 -18.14 1.04 -11.54
C ASN B 142 -18.04 0.09 -12.74
N ASN B 143 -17.84 -1.20 -12.46
CA ASN B 143 -18.00 -2.34 -13.41
C ASN B 143 -17.03 -2.21 -14.57
N PHE B 144 -15.73 -2.26 -14.26
CA PHE B 144 -14.62 -2.10 -15.24
C PHE B 144 -13.71 -3.33 -15.19
N TYR B 145 -13.07 -3.62 -16.32
CA TYR B 145 -12.04 -4.69 -16.48
C TYR B 145 -11.08 -4.25 -17.57
N PRO B 146 -9.74 -4.35 -17.41
CA PRO B 146 -9.08 -5.00 -16.27
C PRO B 146 -9.00 -4.13 -15.01
N ARG B 147 -8.35 -4.63 -13.96
CA ARG B 147 -8.35 -4.03 -12.60
C ARG B 147 -7.54 -2.72 -12.57
N GLU B 148 -6.51 -2.59 -13.41
CA GLU B 148 -5.59 -1.41 -13.45
C GLU B 148 -6.39 -0.18 -13.92
N ALA B 149 -6.66 0.75 -13.00
CA ALA B 149 -7.26 2.07 -13.24
C ALA B 149 -6.49 3.10 -12.41
N LYS B 150 -6.28 4.29 -12.98
CA LYS B 150 -5.65 5.46 -12.31
C LYS B 150 -6.73 6.55 -12.16
N VAL B 151 -6.89 7.11 -10.96
CA VAL B 151 -7.82 8.24 -10.68
C VAL B 151 -6.98 9.44 -10.24
N GLN B 152 -7.13 10.56 -10.96
CA GLN B 152 -6.42 11.84 -10.66
C GLN B 152 -7.45 12.88 -10.18
N TRP B 153 -7.22 13.46 -9.01
CA TRP B 153 -8.05 14.53 -8.41
C TRP B 153 -7.51 15.89 -8.84
N LYS B 154 -8.39 16.76 -9.31
CA LYS B 154 -8.08 18.17 -9.69
C LYS B 154 -8.99 19.08 -8.88
N VAL B 155 -8.46 20.19 -8.36
CA VAL B 155 -9.21 21.26 -7.64
C VAL B 155 -8.84 22.61 -8.29
N ASP B 156 -9.78 23.19 -9.06
CA ASP B 156 -9.57 24.31 -10.02
C ASP B 156 -8.43 23.96 -10.97
N ASN B 157 -8.30 22.69 -11.33
CA ASN B 157 -7.27 22.10 -12.25
C ASN B 157 -5.94 21.79 -11.54
N ALA B 158 -5.67 22.36 -10.37
CA ALA B 158 -4.44 22.06 -9.59
C ALA B 158 -4.43 20.57 -9.27
N LEU B 159 -3.35 19.87 -9.62
CA LEU B 159 -3.22 18.41 -9.42
C LEU B 159 -3.01 18.14 -7.92
N GLN B 160 -3.81 17.23 -7.36
CA GLN B 160 -3.83 16.87 -5.92
C GLN B 160 -2.96 15.62 -5.67
N SER B 161 -2.25 15.63 -4.55
CA SER B 161 -1.34 14.56 -4.09
C SER B 161 -1.54 14.34 -2.59
N GLY B 162 -1.59 13.07 -2.16
CA GLY B 162 -1.45 12.63 -0.76
C GLY B 162 -2.62 13.05 0.12
N ASN B 163 -3.80 13.34 -0.45
CA ASN B 163 -5.02 13.72 0.31
C ASN B 163 -6.19 12.85 -0.15
N SER B 164 -5.91 11.68 -0.72
CA SER B 164 -6.91 10.75 -1.33
C SER B 164 -6.61 9.31 -0.91
N GLN B 165 -7.67 8.50 -0.72
CA GLN B 165 -7.57 7.03 -0.48
C GLN B 165 -8.50 6.30 -1.46
N GLU B 166 -8.05 5.14 -1.95
CA GLU B 166 -8.78 4.27 -2.90
C GLU B 166 -9.17 2.96 -2.21
N SER B 167 -10.36 2.46 -2.49
CA SER B 167 -10.81 1.09 -2.12
C SER B 167 -11.34 0.43 -3.39
N VAL B 168 -10.89 -0.79 -3.69
CA VAL B 168 -11.33 -1.58 -4.87
C VAL B 168 -12.13 -2.78 -4.37
N THR B 169 -13.24 -3.14 -5.03
CA THR B 169 -14.02 -4.38 -4.75
C THR B 169 -13.22 -5.58 -5.26
N GLU B 170 -13.58 -6.76 -4.80
CA GLU B 170 -13.11 -8.07 -5.35
C GLU B 170 -13.81 -8.27 -6.70
N GLN B 171 -13.33 -9.21 -7.51
CA GLN B 171 -13.94 -9.47 -8.85
C GLN B 171 -15.36 -9.99 -8.62
N ASP B 172 -16.34 -9.40 -9.29
CA ASP B 172 -17.77 -9.80 -9.22
C ASP B 172 -17.91 -11.25 -9.66
N SER B 173 -18.80 -12.01 -9.01
CA SER B 173 -19.04 -13.46 -9.23
C SER B 173 -19.95 -13.69 -10.44
N LYS B 174 -20.51 -12.64 -11.05
CA LYS B 174 -21.49 -12.74 -12.16
C LYS B 174 -20.85 -12.24 -13.46
N ASP B 175 -20.49 -10.94 -13.51
CA ASP B 175 -20.03 -10.25 -14.75
C ASP B 175 -18.51 -10.01 -14.71
N SER B 176 -17.84 -10.43 -13.61
CA SER B 176 -16.37 -10.60 -13.51
C SER B 176 -15.67 -9.24 -13.59
N THR B 177 -16.37 -8.16 -13.24
CA THR B 177 -15.85 -6.78 -13.30
C THR B 177 -15.33 -6.38 -11.91
N TYR B 178 -14.64 -5.24 -11.84
CA TYR B 178 -14.21 -4.57 -10.59
C TYR B 178 -14.97 -3.24 -10.43
N SER B 179 -15.01 -2.72 -9.20
CA SER B 179 -15.43 -1.34 -8.90
C SER B 179 -14.39 -0.69 -7.99
N LEU B 180 -14.27 0.63 -8.03
CA LEU B 180 -13.26 1.41 -7.27
C LEU B 180 -13.89 2.71 -6.75
N SER B 181 -13.66 3.03 -5.47
CA SER B 181 -14.01 4.33 -4.84
C SER B 181 -12.71 5.08 -4.54
N SER B 182 -12.62 6.35 -4.93
CA SER B 182 -11.58 7.31 -4.47
C SER B 182 -12.25 8.38 -3.62
N THR B 183 -11.65 8.71 -2.47
CA THR B 183 -12.15 9.75 -1.53
C THR B 183 -11.07 10.81 -1.30
N LEU B 184 -11.32 12.05 -1.74
CA LEU B 184 -10.49 13.24 -1.48
C LEU B 184 -10.96 13.91 -0.19
N THR B 185 -10.12 13.97 0.83
CA THR B 185 -10.43 14.57 2.17
C THR B 185 -9.81 15.98 2.27
N LEU B 186 -10.64 16.98 2.57
CA LEU B 186 -10.26 18.41 2.74
C LEU B 186 -10.91 18.95 4.02
N SER B 187 -10.39 20.04 4.57
CA SER B 187 -11.09 20.85 5.61
C SER B 187 -12.22 21.64 4.94
N LYS B 188 -13.25 22.01 5.70
CA LYS B 188 -14.37 22.85 5.20
C LYS B 188 -13.80 24.12 4.60
N ALA B 189 -12.82 24.74 5.25
CA ALA B 189 -12.20 26.02 4.84
C ALA B 189 -11.56 25.86 3.46
N ASP B 190 -10.69 24.85 3.33
CA ASP B 190 -9.95 24.55 2.08
C ASP B 190 -10.97 24.25 0.97
N TYR B 191 -12.00 23.46 1.27
CA TYR B 191 -13.07 23.07 0.33
C TYR B 191 -13.77 24.32 -0.22
N GLU B 192 -13.95 25.35 0.59
CA GLU B 192 -14.70 26.59 0.20
C GLU B 192 -13.80 27.57 -0.58
N LYS B 193 -12.47 27.38 -0.53
CA LYS B 193 -11.47 28.23 -1.24
C LYS B 193 -11.50 27.96 -2.76
N HIS B 194 -12.14 26.88 -3.20
CA HIS B 194 -12.12 26.44 -4.62
C HIS B 194 -13.56 26.18 -5.10
N LYS B 195 -13.75 26.16 -6.42
CA LYS B 195 -15.08 26.14 -7.08
C LYS B 195 -15.29 24.80 -7.81
N VAL B 196 -14.36 24.43 -8.70
CA VAL B 196 -14.48 23.27 -9.62
C VAL B 196 -13.68 22.10 -9.06
N TYR B 197 -14.34 20.97 -8.81
CA TYR B 197 -13.76 19.71 -8.29
C TYR B 197 -14.01 18.62 -9.33
N ALA B 198 -12.97 17.90 -9.72
CA ALA B 198 -13.01 16.89 -10.80
C ALA B 198 -12.17 15.67 -10.42
N CYS B 199 -12.63 14.47 -10.78
CA CYS B 199 -11.79 13.26 -10.82
C CYS B 199 -11.67 12.84 -12.28
N GLU B 200 -10.44 12.60 -12.71
CA GLU B 200 -10.05 12.22 -14.09
C GLU B 200 -9.62 10.74 -14.04
N VAL B 201 -10.24 9.90 -14.86
CA VAL B 201 -10.02 8.43 -14.82
C VAL B 201 -9.28 7.99 -16.09
N THR B 202 -8.21 7.21 -15.92
CA THR B 202 -7.42 6.57 -17.00
C THR B 202 -7.59 5.04 -16.89
N HIS B 203 -8.04 4.42 -17.97
CA HIS B 203 -8.34 2.96 -18.03
C HIS B 203 -8.19 2.47 -19.47
N GLN B 204 -7.80 1.21 -19.62
CA GLN B 204 -7.52 0.56 -20.93
C GLN B 204 -8.75 0.62 -21.85
N GLY B 205 -9.96 0.80 -21.31
CA GLY B 205 -11.22 0.82 -22.09
C GLY B 205 -11.64 2.22 -22.52
N LEU B 206 -10.80 3.21 -22.24
CA LEU B 206 -11.02 4.63 -22.62
C LEU B 206 -9.79 5.12 -23.40
N SER B 207 -9.97 5.45 -24.68
CA SER B 207 -8.88 5.95 -25.57
C SER B 207 -8.30 7.25 -25.00
N SER B 208 -9.18 8.16 -24.54
CA SER B 208 -8.79 9.39 -23.79
C SER B 208 -9.39 9.36 -22.39
N PRO B 209 -8.67 9.85 -21.36
CA PRO B 209 -9.18 9.77 -19.99
C PRO B 209 -10.50 10.54 -19.82
N VAL B 210 -11.39 10.04 -18.96
CA VAL B 210 -12.76 10.60 -18.73
C VAL B 210 -12.72 11.43 -17.43
N THR B 211 -13.26 12.65 -17.51
CA THR B 211 -13.35 13.60 -16.38
C THR B 211 -14.82 13.74 -15.99
N LYS B 212 -15.14 13.51 -14.73
CA LYS B 212 -16.41 13.98 -14.11
C LYS B 212 -16.05 15.11 -13.12
N SER B 213 -16.87 16.15 -13.09
CA SER B 213 -16.61 17.38 -12.29
C SER B 213 -17.93 17.97 -11.83
N PHE B 214 -17.88 18.76 -10.76
CA PHE B 214 -19.02 19.56 -10.26
C PHE B 214 -18.47 20.93 -9.84
N ASN B 215 -19.36 21.93 -9.83
CA ASN B 215 -19.14 23.31 -9.31
C ASN B 215 -19.73 23.37 -7.91
N ARG B 216 -18.92 23.70 -6.89
CA ARG B 216 -19.34 23.79 -5.47
C ARG B 216 -20.50 24.77 -5.35
N GLY B 217 -21.59 24.33 -4.68
CA GLY B 217 -22.86 25.08 -4.54
C GLY B 217 -23.76 24.94 -5.76
N GLU B 218 -23.25 25.32 -6.93
CA GLU B 218 -24.01 25.40 -8.21
C GLU B 218 -24.28 23.98 -8.74
N GLU C 1 12.79 -7.31 27.02
CA GLU C 1 13.28 -5.94 26.72
C GLU C 1 12.97 -5.61 25.26
N VAL C 2 13.10 -4.33 24.91
CA VAL C 2 12.99 -3.79 23.53
C VAL C 2 14.21 -4.22 22.72
N GLN C 3 14.00 -4.83 21.55
CA GLN C 3 15.08 -5.30 20.64
C GLN C 3 14.71 -4.93 19.20
N LEU C 4 15.58 -4.16 18.54
CA LEU C 4 15.49 -3.85 17.09
C LEU C 4 16.74 -4.42 16.39
N LEU C 5 16.54 -5.22 15.35
CA LEU C 5 17.64 -5.84 14.56
C LEU C 5 17.46 -5.53 13.08
N GLU C 6 18.41 -4.80 12.48
CA GLU C 6 18.45 -4.43 11.05
C GLU C 6 19.14 -5.54 10.25
N SER C 7 18.73 -5.71 8.98
CA SER C 7 19.37 -6.64 8.00
C SER C 7 19.10 -6.14 6.58
N GLY C 8 19.75 -6.74 5.58
CA GLY C 8 19.57 -6.42 4.15
C GLY C 8 20.69 -5.52 3.61
N GLY C 9 21.65 -5.16 4.46
CA GLY C 9 22.76 -4.24 4.12
C GLY C 9 23.85 -4.92 3.30
N GLY C 10 24.92 -4.18 2.98
CA GLY C 10 26.12 -4.68 2.29
C GLY C 10 26.51 -3.81 1.10
N LEU C 11 27.29 -4.39 0.19
CA LEU C 11 27.84 -3.74 -1.03
C LEU C 11 26.78 -3.77 -2.13
N VAL C 12 26.66 -2.69 -2.89
CA VAL C 12 25.62 -2.54 -3.96
C VAL C 12 26.19 -1.52 -4.96
N LYS C 13 26.04 -1.80 -6.26
CA LYS C 13 26.64 -0.96 -7.34
C LYS C 13 25.78 0.29 -7.50
N PRO C 14 26.35 1.43 -7.93
CA PRO C 14 25.56 2.65 -8.18
C PRO C 14 24.46 2.34 -9.21
N GLY C 15 23.23 2.79 -8.93
CA GLY C 15 22.01 2.46 -9.71
C GLY C 15 21.31 1.23 -9.18
N GLY C 16 22.05 0.33 -8.51
CA GLY C 16 21.50 -0.90 -7.91
C GLY C 16 20.44 -0.60 -6.86
N SER C 17 19.85 -1.63 -6.27
CA SER C 17 18.74 -1.50 -5.27
C SER C 17 18.94 -2.47 -4.11
N LEU C 18 18.42 -2.12 -2.93
CA LEU C 18 18.45 -2.97 -1.71
C LEU C 18 17.09 -2.88 -1.02
N ARG C 19 16.77 -3.90 -0.22
N ARG C 19 16.74 -3.92 -0.24
CA ARG C 19 15.59 -3.95 0.68
CA ARG C 19 15.58 -3.95 0.68
C ARG C 19 16.08 -4.21 2.11
C ARG C 19 16.08 -4.20 2.10
N LEU C 20 16.00 -3.19 2.96
CA LEU C 20 16.35 -3.30 4.40
C LEU C 20 15.11 -3.77 5.17
N SER C 21 15.33 -4.60 6.19
N SER C 21 15.32 -4.60 6.18
CA SER C 21 14.29 -5.12 7.11
CA SER C 21 14.29 -5.10 7.12
C SER C 21 14.73 -4.87 8.56
C SER C 21 14.73 -4.86 8.57
N CYS C 22 13.80 -4.40 9.40
CA CYS C 22 14.03 -4.18 10.86
C CYS C 22 12.97 -4.98 11.62
N ALA C 23 13.36 -6.12 12.18
CA ALA C 23 12.54 -6.94 13.10
C ALA C 23 12.56 -6.31 14.50
N ALA C 24 11.41 -6.29 15.19
CA ALA C 24 11.24 -5.64 16.51
C ALA C 24 10.61 -6.63 17.50
N SER C 25 10.92 -6.48 18.80
CA SER C 25 10.40 -7.32 19.90
C SER C 25 10.32 -6.52 21.20
N GLY C 26 9.44 -6.92 22.11
CA GLY C 26 9.39 -6.46 23.51
C GLY C 26 8.50 -5.25 23.71
N PHE C 27 7.67 -4.87 22.72
CA PHE C 27 6.71 -3.73 22.81
C PHE C 27 5.59 -3.91 21.79
N THR C 28 4.52 -3.11 21.85
CA THR C 28 3.40 -3.12 20.88
C THR C 28 3.81 -2.33 19.63
N PHE C 29 4.21 -3.03 18.58
CA PHE C 29 4.70 -2.47 17.29
C PHE C 29 3.68 -1.46 16.74
N ASN C 30 2.40 -1.82 16.78
CA ASN C 30 1.26 -1.09 16.18
C ASN C 30 1.05 0.29 16.81
N GLU C 31 1.54 0.52 18.03
CA GLU C 31 1.25 1.74 18.83
C GLU C 31 2.22 2.87 18.48
N TYR C 32 3.37 2.58 17.84
CA TYR C 32 4.48 3.55 17.63
C TYR C 32 4.74 3.80 16.15
N MET C 33 5.22 5.00 15.84
CA MET C 33 5.80 5.38 14.52
C MET C 33 7.25 4.87 14.47
N MET C 34 7.69 4.39 13.30
CA MET C 34 9.07 3.86 13.09
C MET C 34 9.85 4.78 12.15
N ASN C 35 11.10 5.08 12.49
CA ASN C 35 12.01 5.98 11.73
C ASN C 35 13.16 5.17 11.13
N TRP C 36 13.55 5.49 9.89
CA TRP C 36 14.89 5.17 9.32
C TRP C 36 15.75 6.43 9.44
N VAL C 37 16.92 6.29 10.04
CA VAL C 37 17.95 7.37 10.18
C VAL C 37 19.27 6.80 9.66
N ARG C 38 20.14 7.64 9.12
CA ARG C 38 21.41 7.15 8.53
C ARG C 38 22.56 8.06 8.93
N GLN C 39 23.78 7.50 8.91
CA GLN C 39 25.02 8.21 9.30
C GLN C 39 26.07 7.96 8.22
N PRO C 40 26.30 8.94 7.31
CA PRO C 40 27.41 8.86 6.37
C PRO C 40 28.72 8.80 7.13
N PRO C 41 29.79 8.18 6.57
CA PRO C 41 31.03 7.97 7.31
C PRO C 41 31.66 9.31 7.77
N GLY C 42 31.94 9.42 9.07
CA GLY C 42 32.55 10.63 9.70
C GLY C 42 31.60 11.82 9.81
N LYS C 43 30.36 11.67 9.37
CA LYS C 43 29.33 12.75 9.37
C LYS C 43 28.29 12.45 10.45
N GLY C 44 27.37 13.37 10.68
CA GLY C 44 26.34 13.31 11.74
C GLY C 44 25.12 12.52 11.31
N LEU C 45 24.01 12.64 12.04
CA LEU C 45 22.77 11.85 11.83
C LEU C 45 21.86 12.57 10.84
N GLU C 46 21.34 11.83 9.85
CA GLU C 46 20.36 12.31 8.84
C GLU C 46 19.10 11.44 8.94
N TRP C 47 17.95 12.06 9.22
CA TRP C 47 16.63 11.41 9.08
C TRP C 47 16.41 11.03 7.62
N VAL C 48 15.77 9.90 7.36
CA VAL C 48 15.53 9.37 5.99
C VAL C 48 14.02 9.25 5.72
N SER C 49 13.29 8.57 6.61
CA SER C 49 11.89 8.18 6.39
C SER C 49 11.20 7.90 7.72
N SER C 50 9.87 8.08 7.78
CA SER C 50 9.02 7.83 8.98
C SER C 50 7.66 7.28 8.54
N ILE C 51 7.11 6.35 9.32
CA ILE C 51 5.80 5.68 9.04
C ILE C 51 5.03 5.54 10.35
N SER C 52 3.78 6.02 10.38
CA SER C 52 2.82 5.91 11.51
C SER C 52 2.48 4.44 11.78
N GLY C 53 1.99 4.14 12.99
CA GLY C 53 1.51 2.79 13.39
C GLY C 53 0.55 2.20 12.36
N THR C 54 -0.38 3.04 11.87
CA THR C 54 -1.48 2.69 10.95
C THR C 54 -0.98 2.59 9.50
N SER C 55 0.27 2.98 9.22
CA SER C 55 0.91 3.00 7.88
C SER C 55 0.29 4.10 7.01
N THR C 56 -0.38 5.07 7.63
CA THR C 56 -1.20 6.11 6.95
C THR C 56 -0.33 7.32 6.65
N TYR C 57 0.30 7.90 7.69
CA TYR C 57 1.29 9.00 7.60
C TYR C 57 2.67 8.41 7.28
N ILE C 58 3.13 8.65 6.05
CA ILE C 58 4.50 8.34 5.58
C ILE C 58 5.18 9.67 5.23
N ASN C 59 6.43 9.86 5.67
CA ASN C 59 7.25 11.05 5.33
C ASN C 59 8.61 10.57 4.84
N TYR C 60 9.15 11.22 3.81
CA TYR C 60 10.52 10.99 3.27
C TYR C 60 11.30 12.30 3.30
N ALA C 61 12.63 12.20 3.45
CA ALA C 61 13.59 13.30 3.28
C ALA C 61 13.67 13.65 1.79
N ASP C 62 13.98 14.90 1.47
CA ASP C 62 14.01 15.40 0.06
C ASP C 62 15.02 14.55 -0.72
N SER C 63 16.16 14.23 -0.10
CA SER C 63 17.29 13.51 -0.72
C SER C 63 16.84 12.14 -1.26
N VAL C 64 15.89 11.48 -0.60
CA VAL C 64 15.50 10.07 -0.93
C VAL C 64 14.13 10.00 -1.62
N LYS C 65 13.39 11.12 -1.70
CA LYS C 65 12.04 11.17 -2.32
C LYS C 65 12.14 10.62 -3.76
N GLY C 66 11.27 9.67 -4.12
CA GLY C 66 11.14 9.13 -5.49
C GLY C 66 11.96 7.88 -5.71
N ARG C 67 12.98 7.64 -4.89
CA ARG C 67 13.91 6.49 -5.03
C ARG C 67 13.60 5.43 -3.96
N PHE C 68 13.31 5.88 -2.73
CA PHE C 68 13.10 5.04 -1.53
C PHE C 68 11.60 4.95 -1.25
N THR C 69 11.18 3.84 -0.62
CA THR C 69 9.79 3.54 -0.18
C THR C 69 9.83 2.84 1.18
N ILE C 70 8.97 3.26 2.10
CA ILE C 70 8.90 2.71 3.49
C ILE C 70 7.58 1.95 3.65
N SER C 71 7.63 0.81 4.33
CA SER C 71 6.46 -0.06 4.62
C SER C 71 6.70 -0.75 5.96
N ARG C 72 5.62 -1.19 6.61
CA ARG C 72 5.66 -1.95 7.89
C ARG C 72 4.61 -3.07 7.83
N ASP C 73 5.03 -4.30 8.16
CA ASP C 73 4.14 -5.47 8.37
C ASP C 73 3.94 -5.64 9.88
N ASN C 74 2.88 -5.04 10.42
CA ASN C 74 2.54 -4.98 11.87
C ASN C 74 2.44 -6.41 12.44
N ALA C 75 1.98 -7.38 11.63
CA ALA C 75 1.89 -8.81 11.96
C ALA C 75 3.28 -9.37 12.23
N LYS C 76 4.19 -9.21 11.27
CA LYS C 76 5.58 -9.76 11.32
C LYS C 76 6.49 -8.89 12.18
N ASN C 77 5.96 -7.82 12.79
CA ASN C 77 6.73 -6.88 13.65
C ASN C 77 8.00 -6.48 12.90
N SER C 78 7.83 -6.04 11.65
CA SER C 78 8.94 -5.74 10.70
C SER C 78 8.70 -4.39 10.03
N LEU C 79 9.74 -3.56 9.99
CA LEU C 79 9.81 -2.29 9.22
C LEU C 79 10.70 -2.54 7.99
N TYR C 80 10.30 -2.00 6.83
CA TYR C 80 11.02 -2.19 5.55
C TYR C 80 11.37 -0.84 4.91
N LEU C 81 12.46 -0.82 4.16
CA LEU C 81 12.87 0.32 3.30
C LEU C 81 13.41 -0.22 1.97
N GLN C 82 12.62 -0.09 0.90
CA GLN C 82 13.04 -0.42 -0.48
C GLN C 82 13.81 0.79 -1.01
N MET C 83 15.10 0.59 -1.36
CA MET C 83 16.01 1.66 -1.84
C MET C 83 16.40 1.38 -3.30
N ASN C 84 15.95 2.22 -4.23
CA ASN C 84 16.22 2.08 -5.69
C ASN C 84 17.09 3.22 -6.18
N SER C 85 17.70 3.07 -7.36
CA SER C 85 18.58 4.10 -8.00
C SER C 85 19.57 4.64 -6.97
N LEU C 86 20.33 3.73 -6.36
CA LEU C 86 21.21 4.04 -5.22
C LEU C 86 22.44 4.82 -5.69
N ARG C 87 22.85 5.78 -4.88
CA ARG C 87 23.98 6.67 -5.25
C ARG C 87 25.12 6.53 -4.26
N SER C 88 26.28 7.12 -4.60
N SER C 88 26.28 7.10 -4.59
CA SER C 88 27.48 7.01 -3.71
CA SER C 88 27.48 7.01 -3.71
C SER C 88 27.29 7.82 -2.43
C SER C 88 27.29 7.83 -2.43
N ASP C 89 26.37 8.78 -2.45
CA ASP C 89 26.07 9.58 -1.25
C ASP C 89 25.01 8.87 -0.38
N ASP C 90 24.57 7.68 -0.75
CA ASP C 90 23.66 6.94 0.12
C ASP C 90 24.51 6.04 0.99
N THR C 91 25.80 6.00 0.72
CA THR C 91 26.74 5.19 1.53
C THR C 91 26.67 5.67 2.98
N ALA C 92 26.11 4.84 3.85
CA ALA C 92 25.97 5.21 5.27
C ALA C 92 25.67 3.98 6.12
N MET C 93 25.71 4.19 7.43
CA MET C 93 25.13 3.26 8.44
C MET C 93 23.64 3.59 8.59
N TYR C 94 22.75 2.63 8.32
CA TYR C 94 21.28 2.76 8.40
C TYR C 94 20.77 2.14 9.70
N TYR C 95 20.13 2.96 10.54
CA TYR C 95 19.47 2.54 11.80
C TYR C 95 17.94 2.63 11.63
N CYS C 96 17.18 1.71 12.24
CA CYS C 96 15.74 1.89 12.55
C CYS C 96 15.65 2.36 14.01
N ALA C 97 14.78 3.36 14.28
CA ALA C 97 14.54 3.95 15.61
C ALA C 97 13.03 4.04 15.86
N ARG C 98 12.62 4.02 17.14
CA ARG C 98 11.20 3.91 17.56
C ARG C 98 10.71 5.25 18.11
N GLY C 99 9.54 5.71 17.63
CA GLY C 99 8.83 6.91 18.13
C GLY C 99 9.47 8.19 17.66
N SER C 100 8.86 9.35 17.98
CA SER C 100 9.39 10.70 17.68
C SER C 100 10.65 10.93 18.53
N THR C 101 10.55 10.57 19.81
CA THR C 101 11.59 10.69 20.87
C THR C 101 12.95 10.19 20.35
N GLY C 102 12.97 9.04 19.65
CA GLY C 102 14.19 8.28 19.33
C GLY C 102 14.74 7.59 20.58
N GLY C 103 13.91 6.79 21.26
CA GLY C 103 14.20 6.17 22.56
C GLY C 103 14.95 4.86 22.41
N TYR C 104 14.74 4.15 21.31
CA TYR C 104 15.32 2.81 21.04
C TYR C 104 15.76 2.75 19.58
N TRP C 105 17.04 2.38 19.38
CA TRP C 105 17.75 2.32 18.08
C TRP C 105 18.29 0.92 17.87
N GLY C 106 18.20 0.37 16.66
CA GLY C 106 18.82 -0.93 16.33
C GLY C 106 20.32 -0.83 16.24
N GLN C 107 21.00 -1.96 16.10
CA GLN C 107 22.48 -2.07 16.10
C GLN C 107 23.04 -1.33 14.88
N GLY C 108 22.26 -1.21 13.81
CA GLY C 108 22.66 -0.54 12.56
C GLY C 108 23.22 -1.52 11.54
N THR C 109 22.98 -1.26 10.25
CA THR C 109 23.44 -2.08 9.10
C THR C 109 24.11 -1.13 8.10
N LEU C 110 25.32 -1.47 7.64
CA LEU C 110 26.15 -0.62 6.76
C LEU C 110 25.84 -0.91 5.28
N ILE C 111 25.64 0.15 4.50
CA ILE C 111 25.38 0.11 3.05
C ILE C 111 26.54 0.82 2.37
N THR C 112 27.20 0.13 1.44
CA THR C 112 28.33 0.69 0.65
C THR C 112 27.90 0.70 -0.82
N VAL C 113 27.70 1.89 -1.39
CA VAL C 113 27.38 2.06 -2.84
C VAL C 113 28.71 2.32 -3.55
N SER C 114 29.29 1.27 -4.17
CA SER C 114 30.59 1.29 -4.87
C SER C 114 30.55 0.27 -6.00
N SER C 115 31.19 0.60 -7.14
N SER C 115 31.19 0.60 -7.14
CA SER C 115 31.38 -0.31 -8.29
CA SER C 115 31.39 -0.32 -8.29
C SER C 115 32.47 -1.35 -7.96
C SER C 115 32.47 -1.36 -7.95
N ALA C 116 33.34 -1.06 -6.98
CA ALA C 116 34.49 -1.92 -6.59
C ALA C 116 33.97 -3.28 -6.09
N SER C 117 34.78 -4.33 -6.27
CA SER C 117 34.45 -5.74 -5.93
C SER C 117 34.80 -5.99 -4.46
N THR C 118 34.05 -6.87 -3.78
CA THR C 118 34.42 -7.38 -2.43
C THR C 118 35.80 -8.05 -2.52
N LYS C 119 36.70 -7.73 -1.59
CA LYS C 119 38.02 -8.39 -1.43
C LYS C 119 38.20 -8.74 0.05
N GLY C 120 38.59 -9.98 0.34
CA GLY C 120 38.81 -10.48 1.70
C GLY C 120 40.14 -10.00 2.29
N PRO C 121 40.26 -9.91 3.62
CA PRO C 121 41.47 -9.43 4.26
C PRO C 121 42.58 -10.49 4.35
N SER C 122 43.83 -10.04 4.22
N SER C 122 43.83 -10.04 4.22
CA SER C 122 45.06 -10.78 4.63
CA SER C 122 45.06 -10.77 4.62
C SER C 122 45.42 -10.38 6.05
C SER C 122 45.42 -10.38 6.05
N VAL C 123 45.59 -11.37 6.94
CA VAL C 123 45.90 -11.15 8.39
C VAL C 123 47.35 -11.54 8.65
N PHE C 124 48.14 -10.63 9.22
CA PHE C 124 49.60 -10.78 9.45
C PHE C 124 49.88 -10.53 10.93
N PRO C 125 50.74 -11.34 11.58
CA PRO C 125 51.05 -11.17 12.99
C PRO C 125 51.97 -9.98 13.26
N LEU C 126 51.68 -9.22 14.32
CA LEU C 126 52.59 -8.20 14.92
C LEU C 126 53.18 -8.81 16.19
N ALA C 127 54.39 -9.37 16.09
CA ALA C 127 54.96 -10.27 17.12
C ALA C 127 55.62 -9.46 18.23
N PRO C 128 55.45 -9.85 19.52
CA PRO C 128 56.09 -9.14 20.62
C PRO C 128 57.60 -9.41 20.69
N SER C 129 58.38 -8.41 21.10
CA SER C 129 59.85 -8.54 21.36
C SER C 129 60.11 -9.28 22.68
N SER C 130 59.68 -8.69 23.82
CA SER C 130 60.08 -9.07 25.20
C SER C 130 59.29 -8.24 26.23
N GLY C 135 60.73 -5.66 31.50
CA GLY C 135 60.13 -5.14 30.26
C GLY C 135 58.94 -4.23 30.53
N GLY C 136 58.16 -4.49 31.59
CA GLY C 136 56.96 -3.73 32.01
C GLY C 136 55.68 -4.22 31.34
N THR C 137 55.20 -3.48 30.34
CA THR C 137 54.13 -3.88 29.39
C THR C 137 54.78 -4.38 28.09
N ALA C 138 54.18 -5.39 27.46
CA ALA C 138 54.59 -6.00 26.16
C ALA C 138 53.36 -6.03 25.23
N ALA C 139 53.56 -5.67 23.97
CA ALA C 139 52.48 -5.48 22.97
C ALA C 139 52.63 -6.53 21.87
N LEU C 140 51.50 -7.04 21.40
CA LEU C 140 51.38 -7.92 20.22
C LEU C 140 50.07 -7.56 19.51
N GLY C 141 49.90 -7.98 18.25
CA GLY C 141 48.75 -7.55 17.44
C GLY C 141 48.58 -8.35 16.18
N CYS C 142 47.61 -7.95 15.36
CA CYS C 142 47.34 -8.48 14.01
C CYS C 142 47.14 -7.29 13.05
N LEU C 143 47.81 -7.34 11.91
CA LEU C 143 47.58 -6.39 10.79
C LEU C 143 46.57 -7.04 9.87
N VAL C 144 45.41 -6.40 9.71
CA VAL C 144 44.32 -6.86 8.81
C VAL C 144 44.34 -5.97 7.57
N LYS C 145 44.82 -6.49 6.44
CA LYS C 145 45.33 -5.67 5.31
C LYS C 145 44.61 -6.03 4.00
N ASP C 146 44.15 -5.02 3.27
CA ASP C 146 43.69 -5.07 1.86
C ASP C 146 42.34 -5.79 1.78
N TYR C 147 41.29 -5.19 2.35
CA TYR C 147 39.89 -5.68 2.28
C TYR C 147 38.99 -4.56 1.76
N PHE C 148 37.79 -4.95 1.30
CA PHE C 148 36.69 -4.06 0.85
C PHE C 148 35.40 -4.85 0.76
N PRO C 149 34.24 -4.32 1.23
CA PRO C 149 34.16 -3.04 1.91
C PRO C 149 34.48 -3.21 3.40
N GLU C 150 34.32 -2.15 4.19
CA GLU C 150 34.10 -2.27 5.67
C GLU C 150 32.78 -2.99 5.89
N PRO C 151 32.50 -3.55 7.10
CA PRO C 151 33.45 -3.61 8.21
C PRO C 151 34.13 -4.97 8.43
N VAL C 152 35.18 -5.02 9.25
CA VAL C 152 35.75 -6.27 9.83
C VAL C 152 35.57 -6.22 11.34
N THR C 153 35.21 -7.34 11.97
CA THR C 153 35.19 -7.51 13.44
C THR C 153 36.46 -8.26 13.83
N VAL C 154 37.17 -7.79 14.86
CA VAL C 154 38.38 -8.47 15.44
C VAL C 154 38.12 -8.82 16.91
N SER C 155 38.41 -10.05 17.30
CA SER C 155 38.38 -10.54 18.71
C SER C 155 39.72 -11.18 19.02
N TRP C 156 39.98 -11.43 20.31
CA TRP C 156 41.21 -12.10 20.80
C TRP C 156 40.81 -13.28 21.67
N ASN C 157 41.32 -14.48 21.36
CA ASN C 157 41.07 -15.73 22.11
C ASN C 157 39.55 -15.95 22.19
N SER C 158 38.86 -15.72 21.07
CA SER C 158 37.39 -15.89 20.86
C SER C 158 36.58 -15.14 21.91
N GLY C 159 36.92 -13.87 22.19
CA GLY C 159 36.17 -13.01 23.12
C GLY C 159 36.64 -13.14 24.57
N ALA C 160 37.58 -14.05 24.85
CA ALA C 160 38.11 -14.34 26.21
C ALA C 160 38.98 -13.17 26.70
N LEU C 161 39.77 -12.59 25.79
CA LEU C 161 40.70 -11.47 26.08
C LEU C 161 40.06 -10.15 25.64
N THR C 162 39.85 -9.23 26.58
CA THR C 162 39.25 -7.88 26.36
C THR C 162 40.13 -6.80 26.98
N SER C 163 40.69 -7.05 28.17
CA SER C 163 41.68 -6.16 28.85
C SER C 163 42.86 -5.84 27.92
N GLY C 164 43.01 -4.57 27.56
CA GLY C 164 44.20 -4.03 26.87
C GLY C 164 44.09 -4.10 25.36
N VAL C 165 42.89 -4.35 24.82
CA VAL C 165 42.65 -4.48 23.34
C VAL C 165 42.31 -3.12 22.76
N HIS C 166 43.05 -2.69 21.74
CA HIS C 166 42.78 -1.49 20.91
C HIS C 166 42.71 -1.93 19.44
N THR C 167 41.53 -1.91 18.85
CA THR C 167 41.31 -2.09 17.39
C THR C 167 41.22 -0.69 16.78
N PHE C 168 42.17 -0.31 15.92
CA PHE C 168 42.27 1.05 15.36
C PHE C 168 41.24 1.25 14.27
N PRO C 169 40.73 2.48 14.07
CA PRO C 169 39.94 2.80 12.88
C PRO C 169 40.68 2.34 11.62
N ALA C 170 39.94 1.87 10.61
CA ALA C 170 40.47 1.49 9.29
C ALA C 170 40.97 2.73 8.54
N VAL C 171 42.02 2.57 7.71
CA VAL C 171 42.53 3.63 6.80
C VAL C 171 42.41 3.11 5.37
N LEU C 172 41.89 3.94 4.46
CA LEU C 172 41.88 3.63 3.01
C LEU C 172 43.29 3.88 2.48
N GLN C 173 43.80 2.93 1.70
CA GLN C 173 45.15 2.97 1.07
C GLN C 173 45.00 3.47 -0.37
N SER C 174 46.11 3.80 -1.02
CA SER C 174 46.19 4.26 -2.43
C SER C 174 45.58 3.20 -3.36
N SER C 175 45.61 1.93 -2.93
CA SER C 175 45.04 0.75 -3.63
C SER C 175 43.51 0.81 -3.68
N GLY C 176 42.87 1.68 -2.89
CA GLY C 176 41.41 1.72 -2.72
C GLY C 176 40.93 0.60 -1.80
N LEU C 177 41.85 -0.02 -1.05
CA LEU C 177 41.56 -1.11 -0.09
C LEU C 177 41.81 -0.61 1.32
N TYR C 178 41.12 -1.20 2.30
CA TYR C 178 41.23 -0.83 3.73
C TYR C 178 42.28 -1.70 4.42
N SER C 179 42.90 -1.12 5.45
CA SER C 179 43.83 -1.80 6.39
C SER C 179 43.53 -1.28 7.79
N LEU C 180 43.46 -2.18 8.78
CA LEU C 180 43.46 -1.77 10.22
C LEU C 180 44.43 -2.68 10.97
N SER C 181 44.82 -2.23 12.16
CA SER C 181 45.61 -3.02 13.13
C SER C 181 44.83 -3.19 14.42
N SER C 182 44.88 -4.38 15.00
CA SER C 182 44.41 -4.66 16.38
C SER C 182 45.63 -5.02 17.23
N VAL C 183 45.79 -4.35 18.37
CA VAL C 183 46.89 -4.61 19.34
C VAL C 183 46.28 -4.96 20.69
N VAL C 184 46.98 -5.78 21.46
CA VAL C 184 46.66 -6.11 22.88
C VAL C 184 47.95 -5.93 23.68
N THR C 185 47.89 -5.25 24.82
CA THR C 185 49.03 -5.10 25.75
C THR C 185 48.83 -6.07 26.91
N VAL C 186 49.89 -6.76 27.28
CA VAL C 186 49.89 -7.75 28.39
C VAL C 186 51.12 -7.45 29.24
N PRO C 187 51.13 -7.86 30.53
CA PRO C 187 52.34 -7.78 31.34
C PRO C 187 53.44 -8.65 30.72
N SER C 188 54.65 -8.11 30.61
CA SER C 188 55.81 -8.71 29.88
C SER C 188 56.14 -10.08 30.46
N SER C 189 55.97 -10.25 31.77
CA SER C 189 56.19 -11.52 32.51
C SER C 189 55.08 -12.55 32.24
N SER C 190 54.02 -12.19 31.49
CA SER C 190 52.88 -13.08 31.17
C SER C 190 53.03 -13.69 29.77
N LEU C 191 54.09 -13.33 29.04
CA LEU C 191 54.35 -13.84 27.66
C LEU C 191 54.76 -15.31 27.71
N GLY C 192 54.27 -16.11 26.76
CA GLY C 192 54.59 -17.55 26.62
C GLY C 192 53.99 -18.37 27.74
N THR C 193 53.13 -17.75 28.55
CA THR C 193 52.32 -18.35 29.65
C THR C 193 50.88 -18.52 29.16
N GLN C 194 50.39 -17.51 28.46
CA GLN C 194 49.07 -17.47 27.76
C GLN C 194 49.33 -17.67 26.26
N THR C 195 48.34 -18.21 25.52
CA THR C 195 48.32 -18.26 24.04
C THR C 195 47.47 -17.09 23.52
N TYR C 196 47.88 -16.46 22.41
CA TYR C 196 47.25 -15.23 21.83
C TYR C 196 46.86 -15.50 20.38
N ILE C 197 45.56 -15.48 20.09
CA ILE C 197 44.98 -15.71 18.73
C ILE C 197 44.04 -14.56 18.40
N CYS C 198 44.28 -13.87 17.27
CA CYS C 198 43.39 -12.80 16.78
C CYS C 198 42.38 -13.40 15.81
N ASN C 199 41.12 -13.20 16.14
CA ASN C 199 39.95 -13.68 15.36
C ASN C 199 39.47 -12.55 14.46
N VAL C 200 39.65 -12.70 13.15
CA VAL C 200 39.25 -11.66 12.17
C VAL C 200 38.05 -12.19 11.37
N ASN C 201 36.97 -11.41 11.31
CA ASN C 201 35.79 -11.81 10.51
C ASN C 201 35.39 -10.72 9.52
N HIS C 202 35.24 -11.07 8.26
CA HIS C 202 34.79 -10.13 7.22
C HIS C 202 33.62 -10.78 6.49
N LYS C 203 32.41 -10.48 6.93
CA LYS C 203 31.19 -11.17 6.44
C LYS C 203 30.98 -10.86 4.95
N PRO C 204 31.23 -9.62 4.51
CA PRO C 204 31.11 -9.29 3.10
C PRO C 204 31.87 -10.22 2.13
N SER C 205 32.88 -10.94 2.60
CA SER C 205 33.69 -11.87 1.78
C SER C 205 33.62 -13.33 2.25
N ASN C 206 32.84 -13.64 3.29
CA ASN C 206 32.75 -14.99 3.90
C ASN C 206 34.12 -15.43 4.39
N THR C 207 34.88 -14.50 4.96
CA THR C 207 36.27 -14.78 5.38
C THR C 207 36.37 -14.76 6.89
N LYS C 208 36.70 -15.90 7.48
CA LYS C 208 36.94 -15.98 8.94
C LYS C 208 38.35 -16.52 9.10
N VAL C 209 39.19 -15.80 9.82
CA VAL C 209 40.61 -16.24 9.99
C VAL C 209 41.01 -16.14 11.46
N ASP C 210 41.65 -17.18 11.98
CA ASP C 210 42.22 -17.13 13.35
C ASP C 210 43.74 -17.21 13.21
N LYS C 211 44.45 -16.12 13.47
CA LYS C 211 45.93 -16.13 13.40
C LYS C 211 46.52 -16.19 14.82
N LYS C 212 47.40 -17.16 15.05
CA LYS C 212 48.13 -17.31 16.34
C LYS C 212 49.31 -16.34 16.30
N VAL C 213 49.46 -15.51 17.33
CA VAL C 213 50.55 -14.50 17.44
C VAL C 213 51.54 -15.02 18.50
N GLU C 214 52.75 -15.37 18.05
CA GLU C 214 53.83 -15.94 18.90
C GLU C 214 55.05 -15.04 18.80
N PRO C 215 55.87 -14.95 19.88
CA PRO C 215 57.17 -14.27 19.83
C PRO C 215 58.05 -14.70 18.64
N LYS C 216 58.70 -13.75 17.95
CA LYS C 216 59.54 -14.01 16.75
C LYS C 216 61.02 -13.95 17.17
N ASP D 1 11.22 23.31 7.05
CA ASP D 1 12.56 22.69 7.24
C ASP D 1 13.21 23.35 8.46
N ILE D 2 13.04 22.78 9.66
CA ILE D 2 13.60 23.33 10.92
C ILE D 2 15.08 22.99 10.98
N VAL D 3 15.96 24.00 11.02
CA VAL D 3 17.44 23.85 11.11
C VAL D 3 17.84 23.94 12.58
N MET D 4 18.58 22.94 13.08
CA MET D 4 19.13 22.94 14.46
C MET D 4 20.63 23.26 14.39
N THR D 5 21.05 24.34 15.03
CA THR D 5 22.47 24.79 15.07
C THR D 5 23.05 24.42 16.43
N GLN D 6 23.93 23.42 16.49
CA GLN D 6 24.49 22.93 17.77
C GLN D 6 25.81 23.67 18.05
N THR D 7 25.99 24.10 19.30
CA THR D 7 27.19 24.81 19.79
C THR D 7 27.54 24.27 21.17
N PRO D 8 28.83 24.12 21.54
CA PRO D 8 29.94 24.29 20.59
C PRO D 8 30.10 23.04 19.70
N LEU D 9 31.07 23.10 18.77
CA LEU D 9 31.42 21.97 17.86
C LEU D 9 32.24 20.93 18.64
N SER D 10 33.11 21.38 19.54
CA SER D 10 33.90 20.52 20.46
C SER D 10 33.97 21.20 21.83
N SER D 11 34.16 20.40 22.89
CA SER D 11 34.21 20.89 24.29
C SER D 11 35.14 19.99 25.11
N ALA D 12 36.23 20.56 25.62
CA ALA D 12 37.19 19.89 26.53
C ALA D 12 36.84 20.25 27.98
N VAL D 13 36.57 19.23 28.80
CA VAL D 13 36.13 19.39 30.22
C VAL D 13 37.04 18.54 31.10
N THR D 14 37.42 19.05 32.27
CA THR D 14 38.13 18.28 33.34
C THR D 14 37.11 17.34 34.00
N LEU D 15 37.51 16.13 34.36
CA LEU D 15 36.61 15.14 35.03
C LEU D 15 36.07 15.75 36.31
N GLY D 16 34.77 15.59 36.55
CA GLY D 16 34.06 16.08 37.75
C GLY D 16 33.66 17.54 37.62
N GLN D 17 33.97 18.20 36.50
CA GLN D 17 33.60 19.61 36.22
C GLN D 17 32.36 19.65 35.32
N PRO D 18 31.52 20.70 35.43
CA PRO D 18 30.28 20.79 34.66
C PRO D 18 30.54 21.01 33.16
N ALA D 19 29.57 20.64 32.31
CA ALA D 19 29.60 20.82 30.84
C ALA D 19 28.22 21.26 30.35
N SER D 20 28.18 22.06 29.28
CA SER D 20 26.94 22.65 28.74
C SER D 20 26.99 22.59 27.21
N ILE D 21 25.96 22.02 26.58
CA ILE D 21 25.79 21.99 25.09
C ILE D 21 24.53 22.76 24.73
N SER D 22 24.56 23.53 23.65
CA SER D 22 23.45 24.43 23.22
C SER D 22 22.93 24.00 21.85
N CYS D 23 21.63 24.14 21.64
CA CYS D 23 20.92 23.89 20.37
C CYS D 23 19.94 25.03 20.12
N ARG D 24 19.98 25.64 18.92
CA ARG D 24 19.09 26.74 18.49
C ARG D 24 18.31 26.26 17.25
N SER D 25 16.98 26.34 17.29
CA SER D 25 16.07 26.02 16.16
C SER D 25 15.78 27.29 15.36
N SER D 26 15.56 27.16 14.05
CA SER D 26 15.27 28.31 13.14
C SER D 26 13.86 28.84 13.38
N GLN D 27 12.91 27.99 13.79
CA GLN D 27 11.54 28.43 14.20
C GLN D 27 11.18 27.82 15.56
N ARG D 28 10.08 28.30 16.15
CA ARG D 28 9.55 27.85 17.46
C ARG D 28 9.17 26.38 17.34
N LEU D 29 9.41 25.60 18.39
CA LEU D 29 9.43 24.11 18.34
C LEU D 29 8.26 23.53 19.16
N VAL D 30 7.17 24.28 19.34
CA VAL D 30 5.95 23.80 20.06
C VAL D 30 5.01 23.15 19.04
N HIS D 31 4.53 21.94 19.35
CA HIS D 31 3.60 21.15 18.49
C HIS D 31 2.16 21.63 18.75
N SER D 32 1.24 21.28 17.84
CA SER D 32 -0.22 21.53 17.94
C SER D 32 -0.77 21.04 19.28
N ASP D 33 -0.30 19.87 19.76
CA ASP D 33 -0.79 19.21 21.00
C ASP D 33 -0.27 19.95 22.25
N GLY D 34 0.75 20.81 22.10
CA GLY D 34 1.22 21.72 23.17
C GLY D 34 2.58 21.30 23.74
N ASN D 35 2.98 20.05 23.56
CA ASN D 35 4.33 19.54 23.93
C ASN D 35 5.39 20.09 22.98
N THR D 36 6.65 20.07 23.41
CA THR D 36 7.84 20.40 22.60
C THR D 36 8.71 19.14 22.48
N TYR D 37 8.81 18.58 21.26
CA TYR D 37 9.46 17.27 20.97
C TYR D 37 10.91 17.49 20.52
N LEU D 38 11.73 18.05 21.42
CA LEU D 38 13.20 18.12 21.28
C LEU D 38 13.84 17.05 22.16
N SER D 39 14.83 16.35 21.63
CA SER D 39 15.54 15.23 22.29
C SER D 39 17.05 15.45 22.24
N TRP D 40 17.78 14.88 23.21
CA TRP D 40 19.26 14.86 23.29
C TRP D 40 19.72 13.41 23.26
N LEU D 41 20.65 13.09 22.35
CA LEU D 41 21.19 11.73 22.11
C LEU D 41 22.69 11.74 22.36
N HIS D 42 23.23 10.65 22.90
CA HIS D 42 24.69 10.43 23.04
C HIS D 42 25.10 9.25 22.14
N GLN D 43 26.26 9.34 21.52
CA GLN D 43 26.83 8.27 20.66
C GLN D 43 28.30 8.09 21.00
N ARG D 44 28.64 6.98 21.68
CA ARG D 44 30.01 6.45 21.80
C ARG D 44 30.44 6.01 20.40
N PRO D 45 31.74 6.16 20.04
CA PRO D 45 32.16 6.00 18.64
C PRO D 45 31.88 4.61 18.03
N GLY D 46 31.34 4.59 16.80
CA GLY D 46 30.98 3.39 16.04
C GLY D 46 29.95 2.50 16.74
N GLN D 47 29.06 3.11 17.53
CA GLN D 47 27.98 2.41 18.29
C GLN D 47 26.66 3.13 18.02
N PRO D 48 25.49 2.53 18.29
CA PRO D 48 24.21 3.22 18.08
C PRO D 48 23.92 4.32 19.10
N PRO D 49 23.12 5.36 18.74
CA PRO D 49 22.70 6.39 19.69
C PRO D 49 21.89 5.85 20.88
N ARG D 50 22.05 6.48 22.04
CA ARG D 50 21.23 6.28 23.26
C ARG D 50 20.52 7.60 23.60
N LEU D 51 19.22 7.53 23.91
CA LEU D 51 18.39 8.71 24.32
C LEU D 51 18.72 9.08 25.76
N LEU D 52 19.08 10.35 26.00
CA LEU D 52 19.32 10.93 27.35
C LEU D 52 18.06 11.68 27.80
N ILE D 53 17.65 12.69 27.04
CA ILE D 53 16.55 13.64 27.38
C ILE D 53 15.54 13.61 26.24
N TYR D 54 14.26 13.65 26.55
CA TYR D 54 13.15 13.82 25.57
C TYR D 54 12.20 14.90 26.09
N LYS D 55 11.44 15.52 25.18
CA LYS D 55 10.53 16.65 25.48
C LYS D 55 11.26 17.66 26.37
N VAL D 56 12.47 18.05 25.95
CA VAL D 56 13.26 19.20 26.50
C VAL D 56 13.97 18.84 27.81
N SER D 57 13.27 18.31 28.82
CA SER D 57 13.79 18.22 30.22
C SER D 57 13.47 16.88 30.90
N LEU D 58 12.97 15.86 30.17
CA LEU D 58 12.60 14.56 30.78
C LEU D 58 13.72 13.54 30.56
N ARG D 59 14.33 13.07 31.64
CA ARG D 59 15.36 11.99 31.60
C ARG D 59 14.68 10.69 31.18
N PHE D 60 15.25 10.00 30.18
CA PHE D 60 14.88 8.62 29.78
C PHE D 60 15.32 7.67 30.89
N SER D 61 14.61 6.54 31.02
CA SER D 61 14.86 5.48 32.03
C SER D 61 16.31 5.01 31.91
N GLY D 62 17.03 4.92 33.05
CA GLY D 62 18.40 4.41 33.14
C GLY D 62 19.46 5.49 32.96
N VAL D 63 19.04 6.69 32.53
CA VAL D 63 19.94 7.87 32.32
C VAL D 63 20.30 8.43 33.70
N PRO D 64 21.61 8.61 34.01
CA PRO D 64 22.03 9.16 35.29
C PRO D 64 21.54 10.61 35.46
N ASP D 65 21.37 11.01 36.72
CA ASP D 65 20.73 12.28 37.15
C ASP D 65 21.62 13.49 36.85
N ARG D 66 22.90 13.29 36.54
CA ARG D 66 23.86 14.39 36.22
C ARG D 66 23.47 15.07 34.90
N PHE D 67 22.64 14.42 34.06
CA PHE D 67 22.10 14.98 32.78
C PHE D 67 20.79 15.73 33.06
N SER D 68 20.73 16.99 32.63
CA SER D 68 19.53 17.87 32.74
C SER D 68 19.30 18.60 31.42
N GLY D 69 18.04 18.76 31.03
CA GLY D 69 17.64 19.46 29.80
C GLY D 69 16.80 20.69 30.13
N SER D 70 16.99 21.77 29.35
CA SER D 70 16.34 23.08 29.55
C SER D 70 16.11 23.77 28.21
N GLY D 71 15.24 24.80 28.22
CA GLY D 71 15.01 25.70 27.08
C GLY D 71 13.53 25.78 26.72
N ALA D 72 13.21 26.70 25.81
CA ALA D 72 11.84 26.98 25.33
C ALA D 72 11.93 27.84 24.08
N GLY D 73 10.93 27.72 23.19
CA GLY D 73 10.87 28.46 21.92
C GLY D 73 11.89 27.97 20.92
N THR D 74 13.05 28.64 20.86
CA THR D 74 14.15 28.40 19.90
C THR D 74 15.42 27.92 20.62
N ASP D 75 15.72 28.43 21.82
CA ASP D 75 16.97 28.13 22.57
C ASP D 75 16.71 26.93 23.51
N PHE D 76 17.61 25.94 23.49
CA PHE D 76 17.55 24.69 24.30
C PHE D 76 18.97 24.30 24.72
N THR D 77 19.12 23.64 25.87
CA THR D 77 20.43 23.39 26.50
C THR D 77 20.43 22.02 27.21
N LEU D 78 21.41 21.18 26.90
CA LEU D 78 21.78 19.99 27.70
C LEU D 78 22.90 20.41 28.65
N LYS D 79 22.78 20.06 29.94
CA LYS D 79 23.78 20.37 30.98
C LYS D 79 24.19 19.07 31.68
N ILE D 80 25.49 18.85 31.84
CA ILE D 80 26.07 17.76 32.66
C ILE D 80 26.61 18.40 33.94
N SER D 81 26.09 18.01 35.11
CA SER D 81 26.45 18.59 36.43
C SER D 81 27.93 18.29 36.74
N ARG D 82 28.34 17.03 36.71
CA ARG D 82 29.76 16.61 36.80
C ARG D 82 30.03 15.53 35.74
N VAL D 83 30.91 15.81 34.77
CA VAL D 83 31.25 14.87 33.67
C VAL D 83 32.02 13.67 34.25
N GLU D 84 31.67 12.47 33.80
CA GLU D 84 32.40 11.21 34.10
C GLU D 84 33.13 10.76 32.83
N ALA D 85 34.09 9.85 32.96
CA ALA D 85 34.90 9.28 31.85
C ALA D 85 34.00 8.75 30.74
N GLU D 86 32.88 8.12 31.10
CA GLU D 86 31.95 7.42 30.16
C GLU D 86 31.21 8.44 29.28
N ASP D 87 31.23 9.73 29.66
CA ASP D 87 30.45 10.80 28.99
C ASP D 87 31.14 11.28 27.71
N VAL D 88 32.35 10.78 27.42
CA VAL D 88 33.04 11.07 26.14
C VAL D 88 32.15 10.59 25.00
N GLY D 89 32.25 11.22 23.85
CA GLY D 89 31.53 10.87 22.62
C GLY D 89 30.87 12.08 22.00
N ILE D 90 29.91 11.85 21.13
CA ILE D 90 29.22 12.93 20.37
C ILE D 90 27.78 13.01 20.88
N TYR D 91 27.30 14.22 21.18
CA TYR D 91 25.92 14.52 21.61
C TYR D 91 25.19 15.22 20.47
N TYR D 92 23.92 14.89 20.28
CA TYR D 92 23.04 15.47 19.23
C TYR D 92 21.76 15.98 19.88
N CYS D 93 21.29 17.17 19.50
CA CYS D 93 19.87 17.54 19.68
C CYS D 93 19.11 16.97 18.47
N MET D 94 17.89 16.51 18.69
CA MET D 94 16.93 16.11 17.62
C MET D 94 15.61 16.85 17.87
N GLN D 95 14.99 17.38 16.82
CA GLN D 95 13.60 17.90 16.83
C GLN D 95 12.70 16.90 16.10
N ALA D 96 11.52 16.62 16.66
CA ALA D 96 10.46 15.79 16.05
C ALA D 96 9.10 16.45 16.32
N THR D 97 9.03 17.77 16.13
CA THR D 97 7.78 18.58 16.19
C THR D 97 7.18 18.67 14.79
N GLN D 98 8.03 18.88 13.78
CA GLN D 98 7.65 19.13 12.37
C GLN D 98 8.53 18.27 11.46
N PHE D 99 7.94 17.61 10.47
CA PHE D 99 8.67 16.82 9.42
C PHE D 99 9.19 17.82 8.40
N PRO D 100 10.41 17.65 7.83
CA PRO D 100 11.31 16.53 8.14
C PRO D 100 12.01 16.63 9.52
N LEU D 101 12.22 15.50 10.19
CA LEU D 101 13.02 15.42 11.44
C LEU D 101 14.43 15.92 11.14
N THR D 102 15.01 16.70 12.05
CA THR D 102 16.36 17.30 11.85
C THR D 102 17.18 17.14 13.12
N PHE D 103 18.50 17.03 12.95
CA PHE D 103 19.51 16.88 14.01
C PHE D 103 20.46 18.09 13.97
N GLY D 104 21.03 18.44 15.11
CA GLY D 104 22.21 19.32 15.20
C GLY D 104 23.42 18.60 14.62
N GLY D 105 24.41 19.34 14.14
CA GLY D 105 25.63 18.77 13.52
C GLY D 105 26.43 17.93 14.50
N GLY D 106 26.19 18.10 15.81
CA GLY D 106 26.82 17.30 16.87
C GLY D 106 27.85 18.10 17.63
N THR D 107 28.24 17.61 18.81
CA THR D 107 29.25 18.21 19.71
C THR D 107 30.13 17.09 20.27
N LYS D 108 31.45 17.11 20.00
CA LYS D 108 32.38 16.12 20.58
C LYS D 108 32.73 16.59 22.00
N VAL D 109 32.50 15.75 23.01
CA VAL D 109 32.93 15.99 24.41
C VAL D 109 34.25 15.23 24.64
N GLU D 110 35.33 15.99 24.86
CA GLU D 110 36.67 15.47 25.20
C GLU D 110 36.88 15.64 26.71
N ILE D 111 37.53 14.67 27.37
CA ILE D 111 37.87 14.73 28.82
C ILE D 111 39.32 15.21 28.98
N LYS D 112 39.55 16.13 29.92
CA LYS D 112 40.89 16.67 30.26
C LYS D 112 41.39 15.95 31.52
N ARG D 113 42.39 15.10 31.36
CA ARG D 113 43.01 14.29 32.45
C ARG D 113 44.50 14.66 32.58
N THR D 114 45.20 14.09 33.55
CA THR D 114 46.66 14.30 33.75
C THR D 114 47.41 13.77 32.52
N VAL D 115 48.56 14.37 32.21
CA VAL D 115 49.48 13.91 31.14
C VAL D 115 49.82 12.45 31.38
N ALA D 116 49.81 11.64 30.32
CA ALA D 116 50.18 10.20 30.32
C ALA D 116 51.15 9.93 29.16
N ALA D 117 52.32 9.39 29.48
CA ALA D 117 53.38 9.07 28.49
C ALA D 117 52.93 7.89 27.66
N PRO D 118 53.13 7.90 26.33
CA PRO D 118 52.90 6.70 25.53
C PRO D 118 53.93 5.62 25.88
N SER D 119 53.47 4.38 25.99
CA SER D 119 54.28 3.16 25.78
C SER D 119 54.46 2.99 24.27
N VAL D 120 55.71 2.85 23.80
CA VAL D 120 56.04 2.70 22.35
C VAL D 120 56.53 1.28 22.08
N PHE D 121 56.09 0.72 20.95
CA PHE D 121 56.45 -0.63 20.43
C PHE D 121 56.65 -0.51 18.91
N ILE D 122 57.54 -1.32 18.34
CA ILE D 122 57.80 -1.38 16.88
C ILE D 122 57.71 -2.85 16.45
N PHE D 123 56.99 -3.11 15.36
CA PHE D 123 56.76 -4.47 14.81
C PHE D 123 57.38 -4.55 13.43
N PRO D 124 58.30 -5.51 13.19
CA PRO D 124 58.80 -5.76 11.83
C PRO D 124 57.73 -6.49 11.04
N PRO D 125 57.73 -6.43 9.69
CA PRO D 125 56.77 -7.17 8.89
C PRO D 125 56.95 -8.68 9.07
N SER D 126 55.85 -9.44 8.99
CA SER D 126 55.85 -10.93 8.99
C SER D 126 56.50 -11.44 7.70
N ASP D 127 56.99 -12.69 7.70
CA ASP D 127 57.65 -13.32 6.52
C ASP D 127 56.57 -13.58 5.46
N GLU D 128 55.36 -13.93 5.90
CA GLU D 128 54.18 -14.20 5.04
C GLU D 128 53.81 -12.95 4.22
N GLN D 129 53.98 -11.76 4.80
CA GLN D 129 53.66 -10.48 4.12
C GLN D 129 54.72 -10.19 3.05
N LEU D 130 56.00 -10.36 3.38
CA LEU D 130 57.14 -10.07 2.45
C LEU D 130 57.00 -10.93 1.20
N LYS D 131 56.47 -12.15 1.33
CA LYS D 131 56.22 -13.09 0.20
C LYS D 131 55.15 -12.49 -0.75
N SER D 132 54.34 -11.55 -0.27
CA SER D 132 53.28 -10.87 -1.07
C SER D 132 53.84 -9.63 -1.79
N GLY D 133 55.12 -9.31 -1.59
CA GLY D 133 55.82 -8.21 -2.28
C GLY D 133 55.62 -6.84 -1.63
N THR D 134 55.04 -6.79 -0.42
CA THR D 134 54.84 -5.56 0.38
C THR D 134 55.44 -5.75 1.77
N ALA D 135 55.92 -4.66 2.37
CA ALA D 135 56.48 -4.61 3.74
C ALA D 135 55.81 -3.48 4.53
N SER D 136 55.10 -3.84 5.59
CA SER D 136 54.49 -2.90 6.57
C SER D 136 55.25 -3.01 7.90
N VAL D 137 55.90 -1.92 8.31
CA VAL D 137 56.47 -1.72 9.66
C VAL D 137 55.46 -0.90 10.45
N VAL D 138 55.03 -1.39 11.62
CA VAL D 138 54.03 -0.71 12.49
C VAL D 138 54.72 -0.19 13.75
N CYS D 139 54.42 1.05 14.12
CA CYS D 139 54.83 1.72 15.38
C CYS D 139 53.57 2.05 16.18
N LEU D 140 53.50 1.57 17.43
CA LEU D 140 52.32 1.70 18.32
C LEU D 140 52.64 2.63 19.50
N LEU D 141 51.95 3.76 19.60
CA LEU D 141 51.89 4.61 20.82
C LEU D 141 50.62 4.22 21.58
N ASN D 142 50.74 3.78 22.83
CA ASN D 142 49.61 3.19 23.59
C ASN D 142 49.33 4.01 24.85
N ASN D 143 48.06 4.41 25.05
CA ASN D 143 47.48 4.94 26.32
C ASN D 143 48.20 6.23 26.72
N PHE D 144 48.09 7.26 25.88
CA PHE D 144 48.76 8.57 26.06
C PHE D 144 47.71 9.69 26.07
N TYR D 145 48.04 10.79 26.77
CA TYR D 145 47.26 12.05 26.83
C TYR D 145 48.25 13.19 27.07
N PRO D 146 48.19 14.33 26.36
CA PRO D 146 47.13 14.65 25.39
C PRO D 146 47.30 13.99 24.02
N ARG D 147 46.39 14.29 23.08
CA ARG D 147 46.29 13.61 21.77
C ARG D 147 47.47 13.97 20.86
N GLU D 148 48.03 15.18 20.99
CA GLU D 148 49.15 15.66 20.12
C GLU D 148 50.43 14.83 20.43
N ALA D 149 50.81 13.98 19.47
CA ALA D 149 52.07 13.21 19.45
C ALA D 149 52.66 13.28 18.04
N LYS D 150 53.99 13.33 17.93
CA LYS D 150 54.76 13.32 16.66
C LYS D 150 55.53 11.99 16.56
N VAL D 151 55.34 11.25 15.47
CA VAL D 151 56.06 9.97 15.18
C VAL D 151 56.90 10.18 13.92
N GLN D 152 58.20 9.96 14.01
CA GLN D 152 59.17 10.19 12.90
C GLN D 152 59.82 8.85 12.55
N TRP D 153 59.73 8.45 11.27
CA TRP D 153 60.30 7.18 10.75
C TRP D 153 61.72 7.45 10.24
N LYS D 154 62.66 6.60 10.64
CA LYS D 154 64.08 6.61 10.16
C LYS D 154 64.38 5.23 9.56
N VAL D 155 65.07 5.21 8.41
CA VAL D 155 65.55 3.97 7.74
C VAL D 155 67.05 4.15 7.45
N ASP D 156 67.89 3.42 8.19
CA ASP D 156 69.36 3.62 8.31
C ASP D 156 69.65 5.10 8.64
N ASN D 157 68.79 5.72 9.45
CA ASN D 157 68.86 7.13 9.95
C ASN D 157 68.28 8.14 8.95
N ALA D 158 68.14 7.80 7.67
CA ALA D 158 67.53 8.71 6.67
C ALA D 158 66.08 9.01 7.11
N LEU D 159 65.73 10.30 7.24
CA LEU D 159 64.36 10.74 7.58
C LEU D 159 63.40 10.43 6.43
N GLN D 160 62.29 9.77 6.75
CA GLN D 160 61.24 9.30 5.80
C GLN D 160 60.11 10.32 5.71
N SER D 161 59.55 10.49 4.52
CA SER D 161 58.42 11.40 4.21
C SER D 161 57.45 10.70 3.24
N GLY D 162 56.15 10.85 3.48
CA GLY D 162 55.06 10.55 2.53
C GLY D 162 54.89 9.06 2.22
N ASN D 163 55.37 8.18 3.10
CA ASN D 163 55.26 6.70 2.92
C ASN D 163 54.69 6.08 4.20
N SER D 164 53.99 6.87 5.03
CA SER D 164 53.43 6.45 6.34
C SER D 164 51.97 6.93 6.49
N GLN D 165 51.13 6.13 7.14
CA GLN D 165 49.73 6.49 7.52
C GLN D 165 49.56 6.32 9.03
N GLU D 166 48.87 7.26 9.67
CA GLU D 166 48.61 7.30 11.13
C GLU D 166 47.12 7.10 11.37
N SER D 167 46.79 6.24 12.33
CA SER D 167 45.42 6.03 12.85
C SER D 167 45.38 6.17 14.37
N VAL D 168 44.46 7.00 14.84
CA VAL D 168 44.31 7.25 16.30
C VAL D 168 42.98 6.68 16.78
N THR D 169 42.96 6.13 17.98
CA THR D 169 41.70 5.66 18.60
C THR D 169 40.90 6.84 19.12
N GLU D 170 39.66 6.60 19.46
CA GLU D 170 38.86 7.64 20.11
C GLU D 170 39.23 7.59 21.58
N GLN D 171 38.89 8.63 22.33
CA GLN D 171 39.24 8.68 23.77
C GLN D 171 38.55 7.51 24.48
N ASP D 172 39.29 6.82 25.33
CA ASP D 172 38.77 5.69 26.12
C ASP D 172 37.71 6.15 27.12
N SER D 173 36.67 5.35 27.32
CA SER D 173 35.56 5.67 28.25
C SER D 173 35.94 5.33 29.69
N LYS D 174 37.14 4.79 29.90
CA LYS D 174 37.53 4.37 31.27
C LYS D 174 38.65 5.29 31.78
N ASP D 175 39.81 5.28 31.10
CA ASP D 175 41.04 6.00 31.55
C ASP D 175 41.29 7.25 30.69
N SER D 176 40.45 7.52 29.68
CA SER D 176 40.38 8.79 28.91
C SER D 176 41.67 9.01 28.11
N THR D 177 42.39 7.96 27.77
CA THR D 177 43.66 8.04 27.00
C THR D 177 43.37 7.81 25.52
N TYR D 178 44.37 8.06 24.68
CA TYR D 178 44.38 7.76 23.23
C TYR D 178 45.40 6.64 22.94
N SER D 179 45.25 5.97 21.80
CA SER D 179 46.29 5.10 21.21
C SER D 179 46.47 5.49 19.74
N LEU D 180 47.66 5.28 19.20
CA LEU D 180 48.03 5.67 17.81
C LEU D 180 48.88 4.56 17.18
N SER D 181 48.55 4.22 15.93
CA SER D 181 49.37 3.37 15.04
C SER D 181 49.94 4.25 13.93
N SER D 182 51.25 4.14 13.67
CA SER D 182 51.89 4.62 12.41
C SER D 182 52.36 3.39 11.63
N THR D 183 52.09 3.36 10.32
CA THR D 183 52.43 2.24 9.41
C THR D 183 53.27 2.79 8.26
N LEU D 184 54.55 2.39 8.19
CA LEU D 184 55.48 2.71 7.08
C LEU D 184 55.37 1.60 6.02
N THR D 185 54.88 1.93 4.82
CA THR D 185 54.59 0.96 3.73
C THR D 185 55.69 1.07 2.67
N LEU D 186 56.37 -0.06 2.40
CA LEU D 186 57.48 -0.18 1.41
C LEU D 186 57.22 -1.41 0.54
N SER D 187 57.86 -1.45 -0.63
CA SER D 187 57.99 -2.69 -1.46
C SER D 187 58.96 -3.65 -0.75
N LYS D 188 58.82 -4.95 -1.01
CA LYS D 188 59.75 -6.00 -0.49
C LYS D 188 61.19 -5.58 -0.83
N ALA D 189 61.43 -5.14 -2.06
CA ALA D 189 62.77 -4.80 -2.59
C ALA D 189 63.35 -3.65 -1.78
N ASP D 190 62.59 -2.55 -1.65
CA ASP D 190 63.03 -1.34 -0.91
C ASP D 190 63.29 -1.71 0.54
N TYR D 191 62.42 -2.50 1.14
CA TYR D 191 62.55 -2.96 2.56
C TYR D 191 63.88 -3.70 2.74
N GLU D 192 64.31 -4.49 1.75
CA GLU D 192 65.52 -5.35 1.86
C GLU D 192 66.80 -4.53 1.56
N LYS D 193 66.68 -3.34 0.98
CA LYS D 193 67.82 -2.42 0.68
C LYS D 193 68.40 -1.81 1.97
N HIS D 194 67.70 -1.90 3.11
CA HIS D 194 68.10 -1.24 4.38
C HIS D 194 68.07 -2.25 5.53
N LYS D 195 68.74 -1.93 6.64
CA LYS D 195 69.00 -2.85 7.78
C LYS D 195 68.24 -2.40 9.03
N VAL D 196 68.47 -1.15 9.47
CA VAL D 196 67.93 -0.59 10.73
C VAL D 196 66.69 0.25 10.45
N TYR D 197 65.57 -0.10 11.07
CA TYR D 197 64.27 0.59 10.98
C TYR D 197 63.88 1.06 12.38
N ALA D 198 63.54 2.34 12.53
CA ALA D 198 63.24 2.97 13.83
C ALA D 198 62.06 3.93 13.67
N CYS D 199 61.18 4.01 14.68
CA CYS D 199 60.24 5.14 14.86
C CYS D 199 60.66 5.90 16.12
N GLU D 200 60.74 7.21 16.00
CA GLU D 200 61.11 8.17 17.08
C GLU D 200 59.83 8.91 17.49
N VAL D 201 59.49 8.90 18.78
CA VAL D 201 58.24 9.49 19.31
C VAL D 201 58.56 10.71 20.19
N THR D 202 57.85 11.81 19.94
CA THR D 202 57.86 13.05 20.74
C THR D 202 56.47 13.28 21.34
N HIS D 203 56.37 13.47 22.67
CA HIS D 203 55.09 13.71 23.40
C HIS D 203 55.34 14.52 24.67
N GLN D 204 54.35 15.30 25.08
CA GLN D 204 54.41 16.21 26.24
C GLN D 204 54.79 15.46 27.53
N GLY D 205 54.56 14.14 27.59
CA GLY D 205 54.81 13.31 28.79
C GLY D 205 56.18 12.63 28.75
N LEU D 206 57.06 13.02 27.82
CA LEU D 206 58.38 12.37 27.65
C LEU D 206 59.49 13.42 27.75
N SER D 207 60.36 13.29 28.76
CA SER D 207 61.51 14.18 29.05
C SER D 207 62.44 14.23 27.83
N SER D 208 62.75 13.07 27.24
CA SER D 208 63.55 12.89 25.99
C SER D 208 62.70 12.09 25.00
N PRO D 209 62.86 12.27 23.67
CA PRO D 209 62.12 11.43 22.70
C PRO D 209 62.45 9.94 22.88
N VAL D 210 61.49 9.06 22.60
CA VAL D 210 61.67 7.57 22.65
C VAL D 210 61.91 7.08 21.23
N THR D 211 63.00 6.32 21.02
CA THR D 211 63.29 5.61 19.76
C THR D 211 63.15 4.12 20.05
N LYS D 212 62.27 3.44 19.31
CA LYS D 212 62.23 1.98 19.22
C LYS D 212 62.70 1.62 17.80
N SER D 213 63.53 0.59 17.68
CA SER D 213 64.18 0.18 16.41
C SER D 213 64.36 -1.33 16.40
N PHE D 214 64.53 -1.89 15.20
CA PHE D 214 64.92 -3.30 14.99
C PHE D 214 65.89 -3.35 13.81
N ASN D 215 66.71 -4.41 13.76
CA ASN D 215 67.57 -4.79 12.63
C ASN D 215 66.85 -5.87 11.80
N ARG D 216 66.63 -5.63 10.51
CA ARG D 216 65.95 -6.56 9.57
C ARG D 216 66.69 -7.90 9.57
N GLY D 217 65.95 -9.00 9.76
CA GLY D 217 66.47 -10.37 9.91
C GLY D 217 66.95 -10.66 11.33
N GLU D 218 67.92 -9.87 11.81
CA GLU D 218 68.65 -10.06 13.09
C GLU D 218 67.71 -9.71 14.26
N GLU E 1 -23.69 -4.26 -15.76
CA GLU E 1 -24.60 -5.44 -15.85
C GLU E 1 -25.96 -4.99 -16.38
N VAL E 2 -26.80 -5.94 -16.76
CA VAL E 2 -28.18 -5.62 -17.23
C VAL E 2 -29.10 -5.46 -16.05
N GLN E 3 -29.77 -4.32 -15.97
CA GLN E 3 -30.74 -4.07 -14.89
C GLN E 3 -32.09 -3.72 -15.47
N LEU E 4 -33.14 -4.36 -14.98
CA LEU E 4 -34.53 -4.10 -15.42
C LEU E 4 -35.32 -3.90 -14.13
N LEU E 5 -35.86 -2.72 -13.93
CA LEU E 5 -36.55 -2.40 -12.66
C LEU E 5 -37.97 -1.95 -12.95
N GLU E 6 -38.94 -2.57 -12.28
CA GLU E 6 -40.36 -2.25 -12.51
C GLU E 6 -40.94 -1.37 -11.43
N SER E 7 -41.85 -0.50 -11.83
CA SER E 7 -42.56 0.38 -10.88
C SER E 7 -43.99 0.60 -11.40
N GLY E 8 -44.87 1.12 -10.56
CA GLY E 8 -46.23 1.42 -10.99
C GLY E 8 -47.26 0.63 -10.21
N GLY E 9 -46.82 -0.42 -9.55
CA GLY E 9 -47.71 -1.49 -9.05
C GLY E 9 -48.40 -1.08 -7.77
N GLY E 10 -49.27 -1.96 -7.25
CA GLY E 10 -49.99 -1.76 -5.98
C GLY E 10 -51.46 -2.05 -6.10
N LEU E 11 -52.25 -1.51 -5.17
CA LEU E 11 -53.72 -1.73 -5.06
C LEU E 11 -54.43 -0.76 -6.02
N VAL E 12 -55.50 -1.22 -6.67
CA VAL E 12 -56.32 -0.44 -7.63
C VAL E 12 -57.73 -1.03 -7.62
N LYS E 13 -58.75 -0.17 -7.65
CA LYS E 13 -60.18 -0.57 -7.57
C LYS E 13 -60.60 -1.13 -8.92
N PRO E 14 -61.58 -2.06 -8.98
CA PRO E 14 -62.05 -2.58 -10.26
C PRO E 14 -62.61 -1.43 -11.12
N GLY E 15 -62.23 -1.39 -12.40
CA GLY E 15 -62.53 -0.27 -13.32
C GLY E 15 -61.44 0.79 -13.31
N GLY E 16 -60.68 0.89 -12.21
CA GLY E 16 -59.56 1.83 -12.06
C GLY E 16 -58.47 1.56 -13.10
N SER E 17 -57.41 2.37 -13.09
CA SER E 17 -56.31 2.28 -14.08
C SER E 17 -54.95 2.47 -13.40
N LEU E 18 -53.90 1.88 -14.00
CA LEU E 18 -52.50 2.00 -13.53
C LEU E 18 -51.58 2.20 -14.74
N ARG E 19 -50.42 2.80 -14.50
N ARG E 19 -50.42 2.84 -14.51
CA ARG E 19 -49.32 2.96 -15.47
CA ARG E 19 -49.32 2.95 -15.50
C ARG E 19 -48.07 2.31 -14.87
C ARG E 19 -48.07 2.32 -14.88
N LEU E 20 -47.64 1.18 -15.44
CA LEU E 20 -46.38 0.50 -15.05
C LEU E 20 -45.25 1.09 -15.88
N SER E 21 -44.07 1.21 -15.28
N SER E 21 -44.06 1.20 -15.28
CA SER E 21 -42.80 1.66 -15.93
CA SER E 21 -42.81 1.65 -15.92
C SER E 21 -41.71 0.62 -15.65
C SER E 21 -41.72 0.61 -15.66
N CYS E 22 -40.92 0.30 -16.68
CA CYS E 22 -39.73 -0.57 -16.58
C CYS E 22 -38.52 0.23 -17.10
N ALA E 23 -37.70 0.73 -16.18
CA ALA E 23 -36.40 1.39 -16.46
C ALA E 23 -35.35 0.30 -16.73
N ALA E 24 -34.47 0.51 -17.70
CA ALA E 24 -33.49 -0.50 -18.18
C ALA E 24 -32.09 0.12 -18.28
N SER E 25 -31.04 -0.69 -18.09
CA SER E 25 -29.61 -0.28 -18.16
C SER E 25 -28.73 -1.47 -18.54
N GLY E 26 -27.55 -1.19 -19.11
CA GLY E 26 -26.47 -2.19 -19.32
C GLY E 26 -26.54 -2.86 -20.67
N PHE E 27 -27.38 -2.36 -21.59
CA PHE E 27 -27.58 -2.88 -22.97
C PHE E 27 -28.20 -1.78 -23.82
N THR E 28 -28.22 -1.98 -25.15
CA THR E 28 -28.77 -0.98 -26.11
C THR E 28 -30.29 -1.17 -26.22
N PHE E 29 -31.06 -0.33 -25.52
CA PHE E 29 -32.54 -0.45 -25.37
C PHE E 29 -33.19 -0.58 -26.76
N ASN E 30 -32.82 0.26 -27.71
CA ASN E 30 -33.53 0.41 -29.01
C ASN E 30 -33.31 -0.83 -29.90
N GLU E 31 -32.33 -1.69 -29.61
CA GLU E 31 -31.97 -2.86 -30.46
C GLU E 31 -32.87 -4.07 -30.16
N TYR E 32 -33.59 -4.08 -29.03
CA TYR E 32 -34.38 -5.25 -28.55
C TYR E 32 -35.87 -4.94 -28.49
N MET E 33 -36.68 -5.98 -28.67
CA MET E 33 -38.13 -5.98 -28.38
C MET E 33 -38.32 -6.21 -26.87
N MET E 34 -39.29 -5.53 -26.26
CA MET E 34 -39.58 -5.61 -24.81
C MET E 34 -40.96 -6.27 -24.60
N ASN E 35 -41.02 -7.23 -23.66
CA ASN E 35 -42.23 -8.03 -23.35
C ASN E 35 -42.73 -7.67 -21.94
N TRP E 36 -44.04 -7.55 -21.77
CA TRP E 36 -44.73 -7.66 -20.46
C TRP E 36 -45.28 -9.07 -20.33
N VAL E 37 -44.94 -9.75 -19.24
CA VAL E 37 -45.44 -11.11 -18.88
C VAL E 37 -45.99 -11.02 -17.46
N ARG E 38 -46.98 -11.83 -17.12
CA ARG E 38 -47.61 -11.74 -15.78
C ARG E 38 -47.83 -13.14 -15.21
N GLN E 39 -47.93 -13.22 -13.88
CA GLN E 39 -48.13 -14.49 -13.13
C GLN E 39 -49.28 -14.27 -12.14
N PRO E 40 -50.50 -14.77 -12.44
CA PRO E 40 -51.59 -14.78 -11.46
C PRO E 40 -51.18 -15.63 -10.27
N PRO E 41 -51.69 -15.35 -9.05
CA PRO E 41 -51.20 -16.00 -7.84
C PRO E 41 -51.37 -17.53 -7.89
N GLY E 42 -50.27 -18.28 -7.67
CA GLY E 42 -50.22 -19.75 -7.67
C GLY E 42 -50.33 -20.37 -9.07
N LYS E 43 -50.44 -19.54 -10.12
CA LYS E 43 -50.65 -19.99 -11.52
C LYS E 43 -49.36 -19.77 -12.31
N GLY E 44 -49.34 -20.19 -13.58
CA GLY E 44 -48.13 -20.18 -14.44
C GLY E 44 -47.91 -18.83 -15.11
N LEU E 45 -47.04 -18.77 -16.13
CA LEU E 45 -46.63 -17.52 -16.82
C LEU E 45 -47.59 -17.24 -17.97
N GLU E 46 -47.99 -15.99 -18.13
CA GLU E 46 -48.85 -15.57 -19.24
C GLU E 46 -48.25 -14.36 -19.92
N TRP E 47 -48.18 -14.37 -21.24
CA TRP E 47 -47.73 -13.17 -21.98
C TRP E 47 -48.86 -12.16 -22.04
N VAL E 48 -48.52 -10.88 -21.96
CA VAL E 48 -49.51 -9.78 -21.99
C VAL E 48 -49.33 -8.98 -23.29
N SER E 49 -48.11 -8.51 -23.53
CA SER E 49 -47.86 -7.48 -24.57
C SER E 49 -46.39 -7.53 -25.01
N SER E 50 -46.12 -7.11 -26.26
CA SER E 50 -44.77 -7.03 -26.86
C SER E 50 -44.68 -5.80 -27.76
N ILE E 51 -43.52 -5.16 -27.80
CA ILE E 51 -43.25 -3.94 -28.60
C ILE E 51 -41.83 -4.04 -29.18
N SER E 52 -41.71 -3.87 -30.52
CA SER E 52 -40.42 -3.82 -31.26
C SER E 52 -39.60 -2.60 -30.81
N GLY E 53 -38.28 -2.62 -31.08
CA GLY E 53 -37.38 -1.48 -30.84
C GLY E 53 -37.91 -0.19 -31.42
N THR E 54 -38.43 -0.27 -32.65
CA THR E 54 -38.94 0.87 -33.47
C THR E 54 -40.37 1.25 -33.05
N SER E 55 -41.03 0.45 -32.21
CA SER E 55 -42.44 0.61 -31.76
C SER E 55 -43.41 0.33 -32.91
N THR E 56 -42.95 -0.40 -33.93
CA THR E 56 -43.68 -0.70 -35.19
C THR E 56 -44.58 -1.92 -34.99
N TYR E 57 -44.00 -3.06 -34.61
CA TYR E 57 -44.76 -4.28 -34.22
C TYR E 57 -45.10 -4.20 -32.73
N ILE E 58 -46.38 -4.00 -32.46
CA ILE E 58 -47.02 -4.10 -31.12
C ILE E 58 -47.97 -5.31 -31.17
N ASN E 59 -47.93 -6.16 -30.15
CA ASN E 59 -48.86 -7.31 -30.01
C ASN E 59 -49.44 -7.29 -28.59
N TYR E 60 -50.74 -7.60 -28.46
CA TYR E 60 -51.45 -7.77 -27.18
C TYR E 60 -52.07 -9.17 -27.13
N ALA E 61 -52.19 -9.71 -25.92
CA ALA E 61 -52.96 -10.93 -25.60
C ALA E 61 -54.45 -10.60 -25.73
N ASP E 62 -55.27 -11.59 -26.10
CA ASP E 62 -56.73 -11.41 -26.33
C ASP E 62 -57.36 -10.87 -25.03
N SER E 63 -56.92 -11.38 -23.88
CA SER E 63 -57.48 -11.04 -22.55
C SER E 63 -57.37 -9.53 -22.27
N VAL E 64 -56.32 -8.87 -22.77
CA VAL E 64 -56.03 -7.44 -22.42
C VAL E 64 -56.36 -6.49 -23.59
N LYS E 65 -56.69 -7.02 -24.76
CA LYS E 65 -57.01 -6.19 -25.97
C LYS E 65 -58.11 -5.19 -25.64
N GLY E 66 -57.89 -3.91 -25.96
CA GLY E 66 -58.88 -2.83 -25.81
C GLY E 66 -58.71 -2.04 -24.52
N ARG E 67 -58.13 -2.65 -23.50
CA ARG E 67 -58.01 -2.07 -22.14
C ARG E 67 -56.57 -1.59 -21.87
N PHE E 68 -55.58 -2.38 -22.32
CA PHE E 68 -54.14 -2.14 -22.08
C PHE E 68 -53.49 -1.53 -23.33
N THR E 69 -52.42 -0.78 -23.13
CA THR E 69 -51.61 -0.11 -24.18
C THR E 69 -50.14 -0.17 -23.78
N ILE E 70 -49.27 -0.51 -24.72
CA ILE E 70 -47.80 -0.62 -24.50
C ILE E 70 -47.09 0.51 -25.27
N SER E 71 -46.08 1.10 -24.65
CA SER E 71 -45.27 2.21 -25.22
C SER E 71 -43.85 2.11 -24.67
N ARG E 72 -42.87 2.67 -25.41
CA ARG E 72 -41.45 2.70 -25.00
C ARG E 72 -40.85 4.06 -25.36
N ASP E 73 -40.19 4.71 -24.39
CA ASP E 73 -39.37 5.93 -24.59
C ASP E 73 -37.90 5.51 -24.64
N ASN E 74 -37.39 5.25 -25.86
CA ASN E 74 -36.01 4.75 -26.13
C ASN E 74 -34.96 5.69 -25.52
N ALA E 75 -35.26 7.00 -25.48
CA ALA E 75 -34.43 8.06 -24.85
C ALA E 75 -34.28 7.78 -23.35
N LYS E 76 -35.42 7.64 -22.65
CA LYS E 76 -35.48 7.45 -21.18
C LYS E 76 -35.21 6.00 -20.80
N ASN E 77 -34.91 5.12 -21.78
CA ASN E 77 -34.64 3.68 -21.55
C ASN E 77 -35.76 3.12 -20.65
N SER E 78 -37.00 3.37 -21.02
CA SER E 78 -38.21 3.04 -20.21
C SER E 78 -39.28 2.38 -21.10
N LEU E 79 -39.82 1.26 -20.61
CA LEU E 79 -40.98 0.55 -21.19
C LEU E 79 -42.20 0.86 -20.31
N TYR E 80 -43.35 1.11 -20.92
CA TYR E 80 -44.60 1.49 -20.20
C TYR E 80 -45.73 0.53 -20.59
N LEU E 81 -46.66 0.34 -19.64
CA LEU E 81 -47.93 -0.38 -19.86
C LEU E 81 -49.05 0.39 -19.17
N GLN E 82 -49.89 1.08 -19.94
CA GLN E 82 -51.10 1.78 -19.45
C GLN E 82 -52.22 0.73 -19.37
N MET E 83 -52.75 0.48 -18.18
CA MET E 83 -53.78 -0.56 -17.91
C MET E 83 -55.07 0.15 -17.47
N ASN E 84 -56.12 0.08 -18.28
CA ASN E 84 -57.43 0.73 -18.01
C ASN E 84 -58.50 -0.34 -17.83
N SER E 85 -59.65 0.04 -17.28
CA SER E 85 -60.81 -0.88 -17.05
C SER E 85 -60.32 -2.17 -16.40
N LEU E 86 -59.56 -2.06 -15.31
CA LEU E 86 -58.92 -3.22 -14.64
C LEU E 86 -59.99 -4.11 -14.02
N ARG E 87 -59.75 -5.43 -14.09
CA ARG E 87 -60.66 -6.50 -13.59
C ARG E 87 -59.91 -7.31 -12.53
N SER E 88 -60.66 -8.06 -11.71
N SER E 88 -60.66 -8.06 -11.71
CA SER E 88 -60.12 -8.87 -10.58
CA SER E 88 -60.11 -8.87 -10.57
C SER E 88 -59.13 -9.92 -11.07
C SER E 88 -59.13 -9.92 -11.07
N ASP E 89 -59.31 -10.41 -12.30
CA ASP E 89 -58.45 -11.48 -12.90
C ASP E 89 -57.13 -10.87 -13.38
N ASP E 90 -57.03 -9.54 -13.51
CA ASP E 90 -55.76 -8.86 -13.90
C ASP E 90 -54.79 -8.83 -12.71
N THR E 91 -55.29 -9.11 -11.50
CA THR E 91 -54.46 -9.32 -10.28
C THR E 91 -53.37 -10.34 -10.60
N ALA E 92 -52.10 -9.93 -10.56
CA ALA E 92 -50.93 -10.78 -10.89
C ALA E 92 -49.62 -10.05 -10.59
N MET E 93 -48.51 -10.79 -10.63
N MET E 93 -48.51 -10.80 -10.63
CA MET E 93 -47.13 -10.26 -10.65
CA MET E 93 -47.13 -10.26 -10.65
C MET E 93 -46.75 -9.94 -12.10
C MET E 93 -46.76 -9.93 -12.10
N TYR E 94 -46.43 -8.67 -12.39
CA TYR E 94 -46.10 -8.16 -13.74
C TYR E 94 -44.59 -8.00 -13.87
N TYR E 95 -43.98 -8.74 -14.80
CA TYR E 95 -42.54 -8.65 -15.15
C TYR E 95 -42.37 -7.98 -16.52
N CYS E 96 -41.31 -7.18 -16.71
CA CYS E 96 -40.78 -6.82 -18.05
C CYS E 96 -39.63 -7.77 -18.36
N ALA E 97 -39.56 -8.29 -19.59
CA ALA E 97 -38.52 -9.20 -20.08
C ALA E 97 -37.99 -8.70 -21.44
N ARG E 98 -36.74 -9.03 -21.76
CA ARG E 98 -36.00 -8.50 -22.94
C ARG E 98 -35.87 -9.59 -24.02
N GLY E 99 -36.23 -9.24 -25.27
CA GLY E 99 -36.08 -10.08 -26.46
C GLY E 99 -37.08 -11.22 -26.51
N SER E 100 -37.08 -12.00 -27.60
CA SER E 100 -37.93 -13.19 -27.79
C SER E 100 -37.48 -14.29 -26.81
N THR E 101 -36.15 -14.46 -26.73
CA THR E 101 -35.42 -15.44 -25.88
C THR E 101 -35.99 -15.44 -24.45
N GLY E 102 -36.26 -14.27 -23.87
CA GLY E 102 -36.54 -14.07 -22.44
C GLY E 102 -35.28 -14.26 -21.61
N GLY E 103 -34.21 -13.53 -21.95
CA GLY E 103 -32.86 -13.68 -21.35
C GLY E 103 -32.69 -12.87 -20.09
N TYR E 104 -33.44 -11.78 -19.93
CA TYR E 104 -33.36 -10.86 -18.78
C TYR E 104 -34.78 -10.45 -18.37
N TRP E 105 -35.09 -10.65 -17.08
CA TRP E 105 -36.39 -10.38 -16.44
C TRP E 105 -36.17 -9.43 -15.27
N GLY E 106 -37.03 -8.43 -15.10
CA GLY E 106 -36.99 -7.54 -13.93
C GLY E 106 -37.46 -8.27 -12.67
N GLN E 107 -37.34 -7.60 -11.51
CA GLN E 107 -37.65 -8.18 -10.18
C GLN E 107 -39.14 -8.51 -10.10
N GLY E 108 -39.97 -7.79 -10.85
CA GLY E 108 -41.44 -7.96 -10.87
C GLY E 108 -42.12 -7.01 -9.90
N THR E 109 -43.33 -6.54 -10.25
CA THR E 109 -44.17 -5.61 -9.45
C THR E 109 -45.57 -6.21 -9.36
N LEU E 110 -46.13 -6.29 -8.15
CA LEU E 110 -47.43 -6.95 -7.86
C LEU E 110 -48.58 -5.94 -7.97
N ILE E 111 -49.63 -6.33 -8.68
CA ILE E 111 -50.84 -5.51 -8.96
C ILE E 111 -52.03 -6.25 -8.36
N THR E 112 -52.77 -5.60 -7.47
CA THR E 112 -53.97 -6.18 -6.82
C THR E 112 -55.18 -5.32 -7.20
N VAL E 113 -56.10 -5.90 -7.97
CA VAL E 113 -57.42 -5.29 -8.32
C VAL E 113 -58.43 -5.76 -7.29
N SER E 114 -58.73 -4.93 -6.29
CA SER E 114 -59.74 -5.20 -5.23
C SER E 114 -60.40 -3.90 -4.78
N SER E 115 -61.68 -3.96 -4.42
CA SER E 115 -62.44 -2.83 -3.81
C SER E 115 -62.03 -2.63 -2.36
N ALA E 116 -61.44 -3.64 -1.71
CA ALA E 116 -61.01 -3.61 -0.30
C ALA E 116 -59.95 -2.53 -0.09
N SER E 117 -59.89 -1.96 1.12
CA SER E 117 -58.99 -0.85 1.51
C SER E 117 -57.63 -1.41 1.94
N THR E 118 -56.55 -0.66 1.68
CA THR E 118 -55.20 -0.95 2.22
C THR E 118 -55.27 -0.98 3.74
N LYS E 119 -54.72 -2.01 4.37
CA LYS E 119 -54.55 -2.09 5.85
C LYS E 119 -53.10 -2.51 6.13
N GLY E 120 -52.43 -1.78 7.04
CA GLY E 120 -51.04 -2.03 7.43
C GLY E 120 -50.94 -3.23 8.37
N PRO E 121 -49.78 -3.91 8.40
CA PRO E 121 -49.61 -5.09 9.26
C PRO E 121 -49.33 -4.73 10.72
N SER E 122 -49.85 -5.57 11.62
N SER E 122 -49.85 -5.55 11.63
CA SER E 122 -49.46 -5.62 13.06
CA SER E 122 -49.46 -5.61 13.06
C SER E 122 -48.39 -6.71 13.21
C SER E 122 -48.39 -6.70 13.22
N VAL E 123 -47.23 -6.36 13.79
CA VAL E 123 -46.07 -7.28 13.93
C VAL E 123 -45.92 -7.66 15.40
N PHE E 124 -45.90 -8.96 15.68
CA PHE E 124 -45.93 -9.53 17.06
C PHE E 124 -44.78 -10.52 17.19
N PRO E 125 -44.00 -10.47 18.29
CA PRO E 125 -42.84 -11.36 18.44
C PRO E 125 -43.24 -12.80 18.79
N LEU E 126 -42.57 -13.78 18.18
CA LEU E 126 -42.59 -15.21 18.58
C LEU E 126 -41.31 -15.50 19.35
N ALA E 127 -41.38 -15.48 20.68
CA ALA E 127 -40.21 -15.60 21.59
C ALA E 127 -39.83 -17.07 21.75
N PRO E 128 -38.52 -17.41 21.78
CA PRO E 128 -38.07 -18.79 21.96
C PRO E 128 -38.29 -19.31 23.38
N SER E 129 -38.74 -20.58 23.54
CA SER E 129 -39.11 -21.16 24.86
C SER E 129 -37.85 -21.61 25.61
N SER E 130 -37.13 -22.58 25.03
CA SER E 130 -35.97 -23.31 25.62
C SER E 130 -35.29 -24.17 24.55
N GLY E 135 -32.34 -29.07 24.48
CA GLY E 135 -32.48 -28.30 23.23
C GLY E 135 -31.16 -28.22 22.49
N GLY E 136 -31.17 -28.50 21.17
CA GLY E 136 -30.04 -28.27 20.26
C GLY E 136 -30.34 -27.06 19.40
N THR E 137 -31.51 -27.05 18.76
CA THR E 137 -32.03 -25.92 17.93
C THR E 137 -33.05 -25.14 18.75
N ALA E 138 -33.03 -23.80 18.62
CA ALA E 138 -34.01 -22.86 19.24
C ALA E 138 -34.57 -21.96 18.14
N ALA E 139 -35.90 -21.79 18.12
CA ALA E 139 -36.63 -21.05 17.06
C ALA E 139 -37.22 -19.77 17.67
N LEU E 140 -37.15 -18.68 16.93
CA LEU E 140 -37.82 -17.40 17.25
C LEU E 140 -38.33 -16.82 15.94
N GLY E 141 -39.24 -15.84 15.98
CA GLY E 141 -39.91 -15.34 14.77
C GLY E 141 -40.66 -14.05 15.01
N CYS E 142 -41.35 -13.59 13.96
CA CYS E 142 -42.31 -12.45 14.02
C CYS E 142 -43.58 -12.88 13.28
N LEU E 143 -44.74 -12.66 13.91
CA LEU E 143 -46.06 -12.83 13.27
C LEU E 143 -46.46 -11.49 12.66
N VAL E 144 -46.62 -11.45 11.34
CA VAL E 144 -47.04 -10.24 10.57
C VAL E 144 -48.51 -10.46 10.21
N LYS E 145 -49.42 -9.75 10.87
CA LYS E 145 -50.84 -10.15 10.96
C LYS E 145 -51.76 -9.01 10.49
N ASP E 146 -52.72 -9.35 9.62
CA ASP E 146 -53.89 -8.50 9.24
C ASP E 146 -53.42 -7.32 8.38
N TYR E 147 -52.91 -7.61 7.18
CA TYR E 147 -52.52 -6.61 6.17
C TYR E 147 -53.24 -6.91 4.85
N PHE E 148 -53.28 -5.90 3.98
CA PHE E 148 -53.86 -5.96 2.61
C PHE E 148 -53.42 -4.73 1.83
N PRO E 149 -52.99 -4.86 0.57
CA PRO E 149 -52.85 -6.15 -0.11
C PRO E 149 -51.48 -6.76 0.21
N GLU E 150 -51.15 -7.87 -0.46
CA GLU E 150 -49.75 -8.32 -0.64
C GLU E 150 -49.02 -7.27 -1.48
N PRO E 151 -47.66 -7.23 -1.49
CA PRO E 151 -46.81 -8.06 -0.65
C PRO E 151 -46.23 -7.35 0.59
N VAL E 152 -45.66 -8.12 1.53
CA VAL E 152 -44.75 -7.60 2.60
C VAL E 152 -43.37 -8.21 2.35
N THR E 153 -42.31 -7.43 2.55
CA THR E 153 -40.90 -7.91 2.62
C THR E 153 -40.54 -8.07 4.10
N VAL E 154 -39.99 -9.22 4.50
CA VAL E 154 -39.45 -9.46 5.87
C VAL E 154 -37.95 -9.79 5.76
N SER E 155 -37.14 -9.11 6.57
CA SER E 155 -35.69 -9.34 6.72
C SER E 155 -35.37 -9.51 8.21
N TRP E 156 -34.17 -10.00 8.50
CA TRP E 156 -33.68 -10.18 9.90
C TRP E 156 -32.33 -9.51 10.05
N ASN E 157 -32.21 -8.59 11.01
CA ASN E 157 -30.99 -7.78 11.27
C ASN E 157 -30.58 -7.08 9.96
N SER E 158 -31.56 -6.55 9.22
CA SER E 158 -31.45 -5.80 7.94
C SER E 158 -30.64 -6.58 6.89
N GLY E 159 -30.93 -7.88 6.71
CA GLY E 159 -30.29 -8.73 5.70
C GLY E 159 -29.01 -9.38 6.17
N ALA E 160 -28.56 -9.09 7.41
CA ALA E 160 -27.33 -9.67 8.02
C ALA E 160 -27.54 -11.16 8.33
N LEU E 161 -28.74 -11.53 8.81
CA LEU E 161 -29.14 -12.93 9.12
C LEU E 161 -29.94 -13.50 7.93
N THR E 162 -29.44 -14.58 7.32
CA THR E 162 -30.09 -15.36 6.22
C THR E 162 -30.10 -16.85 6.58
N SER E 163 -29.03 -17.37 7.19
CA SER E 163 -28.92 -18.76 7.69
C SER E 163 -30.09 -19.08 8.64
N GLY E 164 -30.95 -20.02 8.25
CA GLY E 164 -32.02 -20.59 9.09
C GLY E 164 -33.32 -19.81 9.03
N VAL E 165 -33.49 -18.90 8.05
CA VAL E 165 -34.70 -18.04 7.92
C VAL E 165 -35.71 -18.73 7.01
N HIS E 166 -36.94 -18.90 7.50
CA HIS E 166 -38.12 -19.33 6.71
C HIS E 166 -39.20 -18.24 6.83
N THR E 167 -39.48 -17.51 5.76
CA THR E 167 -40.67 -16.64 5.62
C THR E 167 -41.74 -17.44 4.89
N PHE E 168 -42.84 -17.76 5.56
CA PHE E 168 -43.90 -18.65 5.01
C PHE E 168 -44.74 -17.88 3.99
N PRO E 169 -45.28 -18.56 2.95
CA PRO E 169 -46.30 -17.96 2.10
C PRO E 169 -47.41 -17.37 2.97
N ALA E 170 -48.00 -16.25 2.55
CA ALA E 170 -49.10 -15.57 3.26
C ALA E 170 -50.38 -16.40 3.15
N VAL E 171 -51.24 -16.36 4.17
CA VAL E 171 -52.56 -17.05 4.17
C VAL E 171 -53.65 -15.98 4.31
N LEU E 172 -54.67 -16.04 3.45
CA LEU E 172 -55.86 -15.16 3.57
C LEU E 172 -56.74 -15.69 4.69
N GLN E 173 -57.17 -14.82 5.58
CA GLN E 173 -58.04 -15.13 6.74
C GLN E 173 -59.49 -14.83 6.36
N SER E 174 -60.45 -15.30 7.15
CA SER E 174 -61.91 -15.08 6.94
C SER E 174 -62.21 -13.57 6.97
N SER E 175 -61.36 -12.78 7.63
CA SER E 175 -61.41 -11.30 7.70
C SER E 175 -61.15 -10.65 6.32
N GLY E 176 -60.64 -11.41 5.34
CA GLY E 176 -60.19 -10.88 4.04
C GLY E 176 -58.84 -10.20 4.16
N LEU E 177 -58.11 -10.44 5.26
CA LEU E 177 -56.76 -9.89 5.52
C LEU E 177 -55.73 -11.02 5.50
N TYR E 178 -54.47 -10.69 5.16
CA TYR E 178 -53.36 -11.64 5.07
C TYR E 178 -52.60 -11.70 6.41
N SER E 179 -52.00 -12.86 6.68
N SER E 179 -52.01 -12.86 6.68
CA SER E 179 -51.09 -13.12 7.83
CA SER E 179 -51.09 -13.12 7.83
C SER E 179 -49.95 -14.03 7.34
C SER E 179 -49.95 -14.02 7.34
N LEU E 180 -48.72 -13.75 7.76
CA LEU E 180 -47.56 -14.68 7.58
C LEU E 180 -46.70 -14.62 8.84
N SER E 181 -45.84 -15.62 9.04
CA SER E 181 -45.15 -15.88 10.35
C SER E 181 -43.67 -16.21 10.11
N SER E 182 -42.75 -15.26 9.97
CA SER E 182 -41.32 -15.47 9.62
C SER E 182 -40.57 -16.01 10.85
N VAL E 183 -39.82 -17.10 10.67
CA VAL E 183 -39.06 -17.77 11.76
C VAL E 183 -37.58 -17.84 11.36
N VAL E 184 -36.69 -17.80 12.34
CA VAL E 184 -35.23 -18.10 12.20
C VAL E 184 -34.87 -19.12 13.28
N THR E 185 -34.11 -20.17 12.93
CA THR E 185 -33.57 -21.18 13.87
C THR E 185 -32.10 -20.86 14.14
N VAL E 186 -31.73 -20.92 15.40
CA VAL E 186 -30.34 -20.63 15.87
C VAL E 186 -29.95 -21.74 16.83
N PRO E 187 -28.64 -21.98 17.05
CA PRO E 187 -28.19 -22.88 18.10
C PRO E 187 -28.65 -22.35 19.46
N SER E 188 -29.22 -23.24 20.29
CA SER E 188 -29.90 -22.92 21.57
C SER E 188 -28.96 -22.16 22.51
N SER E 189 -27.67 -22.52 22.50
CA SER E 189 -26.62 -21.90 23.35
C SER E 189 -26.16 -20.55 22.76
N SER E 190 -26.72 -20.11 21.62
CA SER E 190 -26.40 -18.80 20.99
C SER E 190 -27.43 -17.73 21.35
N LEU E 191 -28.45 -18.09 22.14
CA LEU E 191 -29.50 -17.14 22.63
C LEU E 191 -28.90 -16.13 23.61
N GLY E 192 -29.30 -14.86 23.51
CA GLY E 192 -28.88 -13.76 24.40
C GLY E 192 -27.42 -13.38 24.16
N THR E 193 -26.82 -13.93 23.10
CA THR E 193 -25.43 -13.68 22.64
C THR E 193 -25.47 -12.78 21.40
N GLN E 194 -26.42 -13.06 20.51
CA GLN E 194 -26.78 -12.29 19.30
C GLN E 194 -28.06 -11.50 19.59
N THR E 195 -28.26 -10.36 18.93
CA THR E 195 -29.54 -9.59 18.93
C THR E 195 -30.33 -9.95 17.65
N TYR E 196 -31.65 -10.08 17.76
CA TYR E 196 -32.55 -10.55 16.66
C TYR E 196 -33.67 -9.52 16.46
N ILE E 197 -33.69 -8.88 15.29
CA ILE E 197 -34.71 -7.86 14.91
C ILE E 197 -35.30 -8.28 13.57
N CYS E 198 -36.62 -8.43 13.51
CA CYS E 198 -37.37 -8.71 12.26
C CYS E 198 -37.81 -7.38 11.64
N ASN E 199 -37.35 -7.10 10.42
CA ASN E 199 -37.64 -5.84 9.68
C ASN E 199 -38.79 -6.12 8.72
N VAL E 200 -39.97 -5.56 8.98
CA VAL E 200 -41.20 -5.76 8.14
C VAL E 200 -41.46 -4.46 7.37
N ASN E 201 -41.69 -4.56 6.07
CA ASN E 201 -41.99 -3.40 5.18
C ASN E 201 -43.21 -3.76 4.33
N HIS E 202 -44.28 -2.95 4.46
CA HIS E 202 -45.52 -3.01 3.64
C HIS E 202 -45.66 -1.68 2.90
N LYS E 203 -45.14 -1.61 1.68
CA LYS E 203 -45.08 -0.36 0.87
C LYS E 203 -46.49 0.14 0.59
N PRO E 204 -47.46 -0.73 0.23
CA PRO E 204 -48.81 -0.26 -0.08
C PRO E 204 -49.47 0.59 1.02
N SER E 205 -49.01 0.49 2.27
CA SER E 205 -49.52 1.26 3.43
C SER E 205 -48.43 2.16 4.03
N ASN E 206 -47.29 2.33 3.34
CA ASN E 206 -46.13 3.14 3.82
C ASN E 206 -45.81 2.74 5.27
N THR E 207 -45.84 1.44 5.59
CA THR E 207 -45.58 0.87 6.95
C THR E 207 -44.22 0.16 6.98
N LYS E 208 -43.27 0.67 7.75
CA LYS E 208 -41.94 0.05 8.03
C LYS E 208 -41.82 -0.13 9.53
N VAL E 209 -41.61 -1.36 10.01
CA VAL E 209 -41.56 -1.70 11.46
C VAL E 209 -40.36 -2.62 11.70
N ASP E 210 -39.56 -2.31 12.72
CA ASP E 210 -38.44 -3.14 13.20
C ASP E 210 -38.79 -3.62 14.61
N LYS E 211 -39.06 -4.92 14.77
CA LYS E 211 -39.45 -5.54 16.06
C LYS E 211 -38.28 -6.37 16.58
N LYS E 212 -37.83 -6.07 17.80
CA LYS E 212 -36.79 -6.83 18.53
C LYS E 212 -37.45 -8.06 19.14
N VAL E 213 -36.88 -9.23 18.90
CA VAL E 213 -37.35 -10.53 19.45
C VAL E 213 -36.38 -10.95 20.54
N GLU E 214 -36.86 -10.99 21.79
CA GLU E 214 -36.05 -11.33 22.99
C GLU E 214 -36.59 -12.60 23.65
N PRO E 215 -35.70 -13.43 24.25
CA PRO E 215 -36.12 -14.57 25.06
C PRO E 215 -37.21 -14.22 26.10
N LYS E 216 -38.21 -15.10 26.26
CA LYS E 216 -39.25 -15.06 27.32
C LYS E 216 -38.83 -15.97 28.49
N ASP F 1 -53.03 -19.09 -32.06
CA ASP F 1 -52.27 -19.26 -30.80
C ASP F 1 -51.71 -20.68 -30.75
N ILE F 2 -50.39 -20.81 -30.77
CA ILE F 2 -49.75 -22.15 -30.68
C ILE F 2 -49.76 -22.56 -29.20
N VAL F 3 -50.36 -23.72 -28.94
CA VAL F 3 -50.53 -24.31 -27.58
C VAL F 3 -49.32 -25.18 -27.26
N MET F 4 -48.66 -24.95 -26.12
CA MET F 4 -47.55 -25.77 -25.61
C MET F 4 -48.07 -26.63 -24.46
N THR F 5 -48.01 -27.96 -24.61
CA THR F 5 -48.46 -28.93 -23.56
C THR F 5 -47.22 -29.47 -22.85
N GLN F 6 -46.99 -29.08 -21.60
CA GLN F 6 -45.78 -29.47 -20.84
C GLN F 6 -46.10 -30.74 -20.04
N THR F 7 -45.18 -31.70 -20.08
CA THR F 7 -45.29 -33.01 -19.39
C THR F 7 -43.92 -33.34 -18.80
N PRO F 8 -43.85 -33.93 -17.61
CA PRO F 8 -45.01 -34.13 -16.75
C PRO F 8 -45.37 -32.85 -15.98
N LEU F 9 -46.46 -32.89 -15.20
CA LEU F 9 -46.91 -31.78 -14.33
C LEU F 9 -46.00 -31.70 -13.09
N SER F 10 -45.59 -32.85 -12.55
CA SER F 10 -44.62 -32.95 -11.44
C SER F 10 -43.63 -34.09 -11.73
N SER F 11 -42.41 -34.00 -11.19
CA SER F 11 -41.33 -35.00 -11.39
C SER F 11 -40.46 -35.08 -10.14
N ALA F 12 -40.49 -36.21 -9.44
CA ALA F 12 -39.68 -36.47 -8.22
C ALA F 12 -38.46 -37.30 -8.61
N VAL F 13 -37.27 -36.77 -8.35
CA VAL F 13 -35.97 -37.38 -8.74
C VAL F 13 -35.06 -37.46 -7.51
N THR F 14 -34.27 -38.54 -7.40
CA THR F 14 -33.18 -38.69 -6.42
C THR F 14 -32.01 -37.80 -6.88
N LEU F 15 -31.31 -37.18 -5.92
CA LEU F 15 -30.12 -36.33 -6.19
C LEU F 15 -29.10 -37.13 -7.00
N GLY F 16 -28.54 -36.52 -8.04
CA GLY F 16 -27.52 -37.12 -8.92
C GLY F 16 -28.10 -38.02 -9.99
N GLN F 17 -29.43 -38.15 -10.05
CA GLN F 17 -30.15 -38.95 -11.08
C GLN F 17 -30.66 -38.02 -12.17
N PRO F 18 -30.76 -38.50 -13.43
CA PRO F 18 -31.20 -37.67 -14.54
C PRO F 18 -32.68 -37.30 -14.43
N ALA F 19 -33.08 -36.18 -15.07
CA ALA F 19 -34.48 -35.69 -15.12
C ALA F 19 -34.76 -35.19 -16.54
N SER F 20 -36.00 -35.37 -16.99
CA SER F 20 -36.42 -35.07 -18.38
C SER F 20 -37.79 -34.40 -18.35
N ILE F 21 -37.91 -33.23 -18.98
CA ILE F 21 -39.18 -32.47 -19.13
C ILE F 21 -39.48 -32.37 -20.63
N SER F 22 -40.75 -32.55 -21.01
CA SER F 22 -41.21 -32.56 -22.42
C SER F 22 -42.17 -31.39 -22.67
N CYS F 23 -42.08 -30.82 -23.87
CA CYS F 23 -42.99 -29.77 -24.37
C CYS F 23 -43.41 -30.14 -25.81
N ARG F 24 -44.71 -30.14 -26.07
CA ARG F 24 -45.29 -30.52 -27.39
C ARG F 24 -46.13 -29.34 -27.88
N SER F 25 -45.84 -28.84 -29.10
CA SER F 25 -46.57 -27.72 -29.75
C SER F 25 -47.70 -28.28 -30.63
N SER F 26 -48.78 -27.51 -30.76
CA SER F 26 -49.97 -27.84 -31.57
C SER F 26 -49.64 -27.78 -33.07
N GLN F 27 -48.73 -26.89 -33.50
CA GLN F 27 -48.24 -26.79 -34.90
C GLN F 27 -46.71 -26.73 -34.88
N ARG F 28 -46.07 -26.85 -36.05
CA ARG F 28 -44.58 -26.80 -36.18
C ARG F 28 -44.10 -25.41 -35.76
N LEU F 29 -42.96 -25.36 -35.08
CA LEU F 29 -42.45 -24.17 -34.35
C LEU F 29 -41.17 -23.67 -35.03
N VAL F 30 -41.01 -23.93 -36.32
CA VAL F 30 -39.95 -23.35 -37.18
C VAL F 30 -40.45 -22.02 -37.74
N HIS F 31 -39.63 -20.97 -37.62
CA HIS F 31 -39.92 -19.59 -38.11
C HIS F 31 -39.60 -19.52 -39.60
N SER F 32 -40.10 -18.48 -40.29
CA SER F 32 -39.83 -18.19 -41.72
C SER F 32 -38.32 -18.10 -41.97
N ASP F 33 -37.56 -17.54 -41.02
CA ASP F 33 -36.09 -17.33 -41.14
C ASP F 33 -35.33 -18.66 -40.98
N GLY F 34 -35.97 -19.71 -40.46
CA GLY F 34 -35.44 -21.09 -40.42
C GLY F 34 -35.04 -21.53 -39.02
N ASN F 35 -34.82 -20.59 -38.10
CA ASN F 35 -34.53 -20.86 -36.67
C ASN F 35 -35.82 -21.34 -35.97
N THR F 36 -35.67 -22.00 -34.82
CA THR F 36 -36.78 -22.40 -33.91
C THR F 36 -36.57 -21.67 -32.58
N TYR F 37 -37.48 -20.75 -32.24
CA TYR F 37 -37.39 -19.83 -31.06
C TYR F 37 -38.18 -20.39 -29.88
N LEU F 38 -37.76 -21.58 -29.41
CA LEU F 38 -38.27 -22.20 -28.15
C LEU F 38 -37.22 -22.01 -27.06
N SER F 39 -37.66 -21.66 -25.85
CA SER F 39 -36.80 -21.40 -24.67
C SER F 39 -37.28 -22.22 -23.47
N TRP F 40 -36.36 -22.53 -22.55
CA TRP F 40 -36.62 -23.19 -21.26
C TRP F 40 -36.22 -22.26 -20.11
N LEU F 41 -37.16 -22.01 -19.19
CA LEU F 41 -37.00 -21.07 -18.06
C LEU F 41 -37.12 -21.87 -16.75
N HIS F 42 -36.37 -21.48 -15.74
CA HIS F 42 -36.48 -22.01 -14.36
C HIS F 42 -36.94 -20.88 -13.44
N GLN F 43 -37.80 -21.19 -12.48
CA GLN F 43 -38.33 -20.19 -11.52
C GLN F 43 -38.33 -20.81 -10.12
N ARG F 44 -37.38 -20.39 -9.29
CA ARG F 44 -37.42 -20.58 -7.81
C ARG F 44 -38.59 -19.75 -7.28
N PRO F 45 -39.31 -20.24 -6.25
CA PRO F 45 -40.51 -19.58 -5.74
C PRO F 45 -40.28 -18.12 -5.29
N GLY F 46 -41.18 -17.21 -5.68
CA GLY F 46 -41.14 -15.77 -5.36
C GLY F 46 -39.89 -15.08 -5.92
N GLN F 47 -39.36 -15.58 -7.05
CA GLN F 47 -38.25 -14.96 -7.81
C GLN F 47 -38.70 -14.81 -9.26
N PRO F 48 -38.05 -13.92 -10.05
CA PRO F 48 -38.32 -13.88 -11.49
C PRO F 48 -37.73 -15.07 -12.25
N PRO F 49 -38.30 -15.46 -13.40
CA PRO F 49 -37.73 -16.55 -14.21
C PRO F 49 -36.32 -16.26 -14.74
N ARG F 50 -35.49 -17.30 -14.83
CA ARG F 50 -34.10 -17.24 -15.37
C ARG F 50 -33.99 -18.19 -16.58
N LEU F 51 -33.36 -17.72 -17.66
CA LEU F 51 -33.21 -18.46 -18.94
C LEU F 51 -32.13 -19.52 -18.79
N LEU F 52 -32.47 -20.78 -19.10
CA LEU F 52 -31.52 -21.93 -19.14
C LEU F 52 -31.09 -22.17 -20.59
N ILE F 53 -32.06 -22.48 -21.46
CA ILE F 53 -31.83 -22.85 -22.88
C ILE F 53 -32.64 -21.90 -23.76
N TYR F 54 -32.08 -21.50 -24.90
CA TYR F 54 -32.79 -20.71 -25.95
C TYR F 54 -32.50 -21.35 -27.31
N LYS F 55 -33.38 -21.10 -28.28
CA LYS F 55 -33.33 -21.70 -29.64
C LYS F 55 -33.09 -23.20 -29.49
N VAL F 56 -33.87 -23.87 -28.64
CA VAL F 56 -33.98 -25.36 -28.52
C VAL F 56 -32.82 -25.95 -27.70
N SER F 57 -31.56 -25.66 -28.05
CA SER F 57 -30.37 -26.43 -27.54
C SER F 57 -29.19 -25.53 -27.18
N LEU F 58 -29.35 -24.22 -27.08
CA LEU F 58 -28.23 -23.27 -26.77
C LEU F 58 -28.29 -22.89 -25.30
N ARG F 59 -27.28 -23.26 -24.50
CA ARG F 59 -27.15 -22.85 -23.08
C ARG F 59 -26.92 -21.35 -23.02
N PHE F 60 -27.68 -20.63 -22.19
CA PHE F 60 -27.43 -19.22 -21.83
C PHE F 60 -26.16 -19.16 -20.96
N SER F 61 -25.46 -18.03 -21.02
CA SER F 61 -24.21 -17.79 -20.26
C SER F 61 -24.49 -17.94 -18.77
N GLY F 62 -23.64 -18.69 -18.05
CA GLY F 62 -23.72 -18.88 -16.58
C GLY F 62 -24.52 -20.11 -16.20
N VAL F 63 -25.24 -20.70 -17.17
CA VAL F 63 -26.07 -21.92 -16.97
C VAL F 63 -25.14 -23.12 -16.88
N PRO F 64 -25.26 -23.95 -15.81
CA PRO F 64 -24.41 -25.13 -15.68
C PRO F 64 -24.68 -26.15 -16.82
N ASP F 65 -23.65 -26.93 -17.13
CA ASP F 65 -23.55 -27.80 -18.34
C ASP F 65 -24.46 -29.04 -18.20
N ARG F 66 -24.97 -29.33 -16.99
CA ARG F 66 -25.90 -30.48 -16.76
C ARG F 66 -27.25 -30.26 -17.46
N PHE F 67 -27.56 -29.01 -17.85
CA PHE F 67 -28.80 -28.64 -18.61
C PHE F 67 -28.53 -28.75 -20.11
N SER F 68 -29.37 -29.50 -20.82
CA SER F 68 -29.31 -29.74 -22.30
C SER F 68 -30.71 -29.62 -22.89
N GLY F 69 -30.83 -29.06 -24.09
CA GLY F 69 -32.09 -28.91 -24.82
C GLY F 69 -32.07 -29.65 -26.13
N SER F 70 -33.20 -30.22 -26.53
CA SER F 70 -33.33 -31.08 -27.74
C SER F 70 -34.74 -30.94 -28.33
N GLY F 71 -34.90 -31.37 -29.59
CA GLY F 71 -36.21 -31.43 -30.27
C GLY F 71 -36.19 -30.72 -31.61
N ALA F 72 -37.27 -30.89 -32.38
CA ALA F 72 -37.52 -30.28 -33.71
C ALA F 72 -38.99 -30.51 -34.09
N GLY F 73 -39.56 -29.63 -34.91
CA GLY F 73 -40.96 -29.70 -35.35
C GLY F 73 -41.93 -29.36 -34.23
N THR F 74 -42.47 -30.39 -33.57
CA THR F 74 -43.50 -30.27 -32.50
C THR F 74 -42.97 -30.72 -31.14
N ASP F 75 -42.09 -31.73 -31.12
CA ASP F 75 -41.58 -32.38 -29.89
C ASP F 75 -40.26 -31.69 -29.49
N PHE F 76 -40.15 -31.29 -28.21
CA PHE F 76 -38.96 -30.62 -27.62
C PHE F 76 -38.76 -31.13 -26.19
N THR F 77 -37.52 -31.16 -25.72
CA THR F 77 -37.14 -31.81 -24.44
C THR F 77 -36.02 -31.04 -23.75
N LEU F 78 -36.23 -30.67 -22.47
CA LEU F 78 -35.17 -30.24 -21.54
C LEU F 78 -34.72 -31.47 -20.76
N LYS F 79 -33.40 -31.68 -20.66
CA LYS F 79 -32.80 -32.82 -19.92
C LYS F 79 -31.82 -32.25 -18.90
N ILE F 80 -31.89 -32.74 -17.66
CA ILE F 80 -30.86 -32.52 -16.60
C ILE F 80 -30.08 -33.84 -16.47
N SER F 81 -28.77 -33.82 -16.72
CA SER F 81 -27.89 -35.03 -16.72
C SER F 81 -27.83 -35.62 -15.30
N ARG F 82 -27.48 -34.80 -14.29
CA ARG F 82 -27.58 -35.17 -12.85
C ARG F 82 -28.19 -33.99 -12.08
N VAL F 83 -29.36 -34.17 -11.48
CA VAL F 83 -30.07 -33.10 -10.71
C VAL F 83 -29.28 -32.78 -9.44
N GLU F 84 -29.14 -31.47 -9.15
CA GLU F 84 -28.59 -30.96 -7.87
C GLU F 84 -29.74 -30.39 -7.04
N ALA F 85 -29.51 -30.15 -5.75
CA ALA F 85 -30.50 -29.60 -4.80
C ALA F 85 -31.09 -28.29 -5.32
N GLU F 86 -30.26 -27.46 -5.95
CA GLU F 86 -30.61 -26.09 -6.43
C GLU F 86 -31.62 -26.15 -7.58
N ASP F 87 -31.77 -27.31 -8.21
CA ASP F 87 -32.59 -27.50 -9.45
C ASP F 87 -34.08 -27.60 -9.12
N VAL F 88 -34.44 -27.65 -7.83
CA VAL F 88 -35.87 -27.60 -7.40
C VAL F 88 -36.48 -26.30 -7.94
N GLY F 89 -37.79 -26.34 -8.19
CA GLY F 89 -38.57 -25.18 -8.64
C GLY F 89 -39.45 -25.56 -9.81
N ILE F 90 -39.95 -24.57 -10.53
CA ILE F 90 -40.86 -24.79 -11.70
C ILE F 90 -40.09 -24.45 -12.98
N TYR F 91 -40.17 -25.31 -13.98
CA TYR F 91 -39.57 -25.13 -15.33
C TYR F 91 -40.69 -24.86 -16.33
N TYR F 92 -40.45 -23.96 -17.28
CA TYR F 92 -41.40 -23.60 -18.35
C TYR F 92 -40.71 -23.72 -19.70
N CYS F 93 -41.37 -24.27 -20.71
CA CYS F 93 -41.02 -24.00 -22.13
C CYS F 93 -41.71 -22.70 -22.51
N MET F 94 -41.06 -21.89 -23.33
CA MET F 94 -41.65 -20.70 -23.96
C MET F 94 -41.42 -20.74 -25.47
N GLN F 95 -42.46 -20.46 -26.24
CA GLN F 95 -42.32 -20.35 -27.71
C GLN F 95 -42.36 -18.88 -28.10
N ALA F 96 -41.45 -18.44 -28.96
CA ALA F 96 -41.46 -17.05 -29.49
C ALA F 96 -41.22 -17.12 -31.00
N THR F 97 -41.83 -18.11 -31.65
CA THR F 97 -41.76 -18.23 -33.12
C THR F 97 -42.95 -17.47 -33.72
N GLN F 98 -44.15 -17.62 -33.17
CA GLN F 98 -45.36 -16.93 -33.68
C GLN F 98 -46.17 -16.27 -32.57
N PHE F 99 -46.59 -15.03 -32.76
CA PHE F 99 -47.45 -14.33 -31.78
C PHE F 99 -48.90 -14.82 -31.93
N PRO F 100 -49.67 -15.08 -30.84
CA PRO F 100 -49.25 -14.72 -29.46
C PRO F 100 -48.15 -15.58 -28.82
N LEU F 101 -47.29 -14.99 -28.01
CA LEU F 101 -46.23 -15.75 -27.29
C LEU F 101 -46.87 -16.65 -26.25
N THR F 102 -46.44 -17.89 -26.20
CA THR F 102 -47.11 -18.87 -25.31
C THR F 102 -46.13 -19.67 -24.45
N PHE F 103 -46.58 -20.09 -23.27
CA PHE F 103 -45.77 -20.90 -22.33
C PHE F 103 -46.44 -22.27 -22.14
N GLY F 104 -45.71 -23.28 -21.67
CA GLY F 104 -46.23 -24.52 -21.09
C GLY F 104 -46.76 -24.24 -19.70
N GLY F 105 -47.70 -25.07 -19.22
CA GLY F 105 -48.33 -24.91 -17.90
C GLY F 105 -47.33 -25.01 -16.76
N GLY F 106 -46.16 -25.58 -17.01
CA GLY F 106 -45.07 -25.68 -16.02
C GLY F 106 -44.91 -27.11 -15.52
N THR F 107 -43.76 -27.38 -14.90
CA THR F 107 -43.39 -28.69 -14.31
C THR F 107 -42.68 -28.41 -12.98
N LYS F 108 -43.24 -28.91 -11.87
CA LYS F 108 -42.57 -28.82 -10.55
C LYS F 108 -41.55 -29.96 -10.47
N VAL F 109 -40.28 -29.63 -10.25
CA VAL F 109 -39.19 -30.63 -10.03
C VAL F 109 -38.98 -30.75 -8.52
N GLU F 110 -39.29 -31.92 -7.97
CA GLU F 110 -39.12 -32.28 -6.54
C GLU F 110 -37.84 -33.11 -6.43
N ILE F 111 -37.08 -32.93 -5.34
CA ILE F 111 -35.91 -33.80 -4.99
C ILE F 111 -36.37 -34.86 -3.99
N LYS F 112 -35.98 -36.11 -4.21
CA LYS F 112 -36.33 -37.27 -3.35
C LYS F 112 -35.12 -37.59 -2.46
N ARG F 113 -35.21 -37.26 -1.17
CA ARG F 113 -34.11 -37.39 -0.18
C ARG F 113 -34.57 -38.33 0.93
N THR F 114 -33.68 -38.63 1.88
CA THR F 114 -33.99 -39.49 3.06
C THR F 114 -35.08 -38.80 3.89
N VAL F 115 -35.92 -39.59 4.55
CA VAL F 115 -36.95 -39.12 5.51
C VAL F 115 -36.25 -38.26 6.57
N ALA F 116 -36.86 -37.12 6.92
CA ALA F 116 -36.39 -36.20 7.97
C ALA F 116 -37.56 -35.86 8.88
N ALA F 117 -37.41 -36.13 10.17
CA ALA F 117 -38.41 -35.79 11.21
C ALA F 117 -38.46 -34.27 11.37
N PRO F 118 -39.66 -33.67 11.47
CA PRO F 118 -39.76 -32.26 11.81
C PRO F 118 -39.25 -32.01 13.23
N SER F 119 -38.49 -30.92 13.41
CA SER F 119 -38.33 -30.21 14.70
C SER F 119 -39.61 -29.40 14.93
N VAL F 120 -40.25 -29.56 16.09
CA VAL F 120 -41.53 -28.88 16.43
C VAL F 120 -41.27 -27.85 17.54
N PHE F 121 -41.89 -26.69 17.41
CA PHE F 121 -41.86 -25.56 18.37
C PHE F 121 -43.26 -24.97 18.45
N ILE F 122 -43.67 -24.53 19.64
CA ILE F 122 -44.99 -23.91 19.89
C ILE F 122 -44.75 -22.56 20.57
N PHE F 123 -45.39 -21.51 20.06
CA PHE F 123 -45.24 -20.12 20.55
C PHE F 123 -46.57 -19.65 21.11
N PRO F 124 -46.61 -19.23 22.40
CA PRO F 124 -47.80 -18.60 22.94
C PRO F 124 -47.93 -17.19 22.38
N PRO F 125 -49.13 -16.58 22.38
CA PRO F 125 -49.29 -15.21 21.91
C PRO F 125 -48.52 -14.23 22.79
N SER F 126 -47.99 -13.16 22.19
CA SER F 126 -47.28 -12.03 22.88
C SER F 126 -48.30 -11.24 23.72
N ASP F 127 -47.83 -10.50 24.73
CA ASP F 127 -48.69 -9.68 25.62
C ASP F 127 -49.31 -8.54 24.80
N GLU F 128 -48.52 -7.98 23.88
CA GLU F 128 -48.93 -6.85 23.01
C GLU F 128 -50.10 -7.26 22.11
N GLN F 129 -50.13 -8.53 21.68
CA GLN F 129 -51.22 -9.05 20.81
C GLN F 129 -52.52 -9.20 21.64
N LEU F 130 -52.42 -9.79 22.84
CA LEU F 130 -53.60 -10.05 23.71
C LEU F 130 -54.31 -8.73 24.04
N LYS F 131 -53.55 -7.64 24.17
CA LYS F 131 -54.08 -6.27 24.41
C LYS F 131 -54.92 -5.80 23.21
N SER F 132 -54.73 -6.39 22.03
CA SER F 132 -55.47 -6.06 20.79
C SER F 132 -56.76 -6.89 20.67
N GLY F 133 -57.02 -7.78 21.64
CA GLY F 133 -58.28 -8.56 21.73
C GLY F 133 -58.25 -9.84 20.90
N THR F 134 -57.08 -10.22 20.38
CA THR F 134 -56.87 -11.44 19.56
C THR F 134 -55.73 -12.25 20.16
N ALA F 135 -55.78 -13.58 20.02
CA ALA F 135 -54.75 -14.54 20.47
C ALA F 135 -54.41 -15.49 19.33
N SER F 136 -53.17 -15.42 18.85
CA SER F 136 -52.58 -16.35 17.83
C SER F 136 -51.53 -17.22 18.51
N VAL F 137 -51.79 -18.53 18.53
CA VAL F 137 -50.82 -19.59 18.92
C VAL F 137 -50.23 -20.14 17.62
N VAL F 138 -48.91 -20.13 17.49
CA VAL F 138 -48.20 -20.64 16.29
C VAL F 138 -47.48 -21.95 16.63
N CYS F 139 -47.60 -22.92 15.74
CA CYS F 139 -46.89 -24.22 15.76
C CYS F 139 -46.01 -24.29 14.50
N LEU F 140 -44.71 -24.51 14.67
CA LEU F 140 -43.71 -24.58 13.58
C LEU F 140 -43.17 -26.01 13.45
N LEU F 141 -43.41 -26.65 12.31
CA LEU F 141 -42.70 -27.88 11.87
C LEU F 141 -41.57 -27.43 10.94
N ASN F 142 -40.32 -27.75 11.29
CA ASN F 142 -39.13 -27.20 10.61
C ASN F 142 -38.30 -28.34 10.02
N ASN F 143 -37.96 -28.24 8.73
CA ASN F 143 -36.92 -29.04 8.01
C ASN F 143 -37.30 -30.53 8.03
N PHE F 144 -38.43 -30.86 7.40
CA PHE F 144 -38.99 -32.24 7.34
C PHE F 144 -39.15 -32.67 5.89
N TYR F 145 -39.10 -33.98 5.65
CA TYR F 145 -39.33 -34.65 4.34
C TYR F 145 -39.87 -36.06 4.64
N PRO F 146 -40.94 -36.55 3.97
CA PRO F 146 -41.59 -35.87 2.84
C PRO F 146 -42.58 -34.76 3.27
N ARG F 147 -43.29 -34.17 2.31
CA ARG F 147 -44.10 -32.94 2.50
C ARG F 147 -45.36 -33.22 3.34
N GLU F 148 -45.91 -34.43 3.27
CA GLU F 148 -47.18 -34.83 3.95
C GLU F 148 -46.96 -34.83 5.47
N ALA F 149 -47.54 -33.84 6.17
CA ALA F 149 -47.56 -33.71 7.63
C ALA F 149 -48.96 -33.27 8.08
N LYS F 150 -49.43 -33.81 9.21
CA LYS F 150 -50.72 -33.40 9.85
C LYS F 150 -50.42 -32.74 11.20
N VAL F 151 -51.03 -31.58 11.45
CA VAL F 151 -50.96 -30.84 12.75
C VAL F 151 -52.36 -30.80 13.35
N GLN F 152 -52.50 -31.28 14.59
CA GLN F 152 -53.77 -31.29 15.36
C GLN F 152 -53.62 -30.36 16.57
N TRP F 153 -54.54 -29.40 16.71
CA TRP F 153 -54.59 -28.45 17.86
C TRP F 153 -55.47 -29.05 18.96
N LYS F 154 -54.99 -29.02 20.20
CA LYS F 154 -55.74 -29.41 21.42
C LYS F 154 -55.75 -28.21 22.37
N VAL F 155 -56.89 -27.95 23.00
CA VAL F 155 -57.07 -26.91 24.05
C VAL F 155 -57.74 -27.56 25.27
N ASP F 156 -56.97 -27.75 26.35
CA ASP F 156 -57.29 -28.62 27.52
C ASP F 156 -57.69 -30.01 27.02
N ASN F 157 -57.06 -30.49 25.95
CA ASN F 157 -57.24 -31.82 25.29
C ASN F 157 -58.41 -31.84 24.30
N ALA F 158 -59.34 -30.89 24.37
CA ALA F 158 -60.47 -30.79 23.42
C ALA F 158 -59.90 -30.61 22.01
N LEU F 159 -60.29 -31.46 21.07
CA LEU F 159 -59.83 -31.40 19.66
C LEU F 159 -60.47 -30.18 18.99
N GLN F 160 -59.64 -29.36 18.33
CA GLN F 160 -60.02 -28.08 17.68
C GLN F 160 -60.25 -28.31 16.18
N SER F 161 -61.25 -27.63 15.63
CA SER F 161 -61.64 -27.69 14.20
C SER F 161 -61.97 -26.28 13.69
N GLY F 162 -61.50 -25.95 12.49
CA GLY F 162 -61.92 -24.79 11.68
C GLY F 162 -61.53 -23.44 12.27
N ASN F 163 -60.51 -23.41 13.14
CA ASN F 163 -60.01 -22.15 13.76
C ASN F 163 -58.48 -22.09 13.58
N SER F 164 -57.94 -22.80 12.57
CA SER F 164 -56.49 -22.90 12.29
C SER F 164 -56.22 -22.75 10.78
N GLN F 165 -55.10 -22.11 10.41
CA GLN F 165 -54.61 -22.00 9.02
C GLN F 165 -53.16 -22.48 8.94
N GLU F 166 -52.81 -23.19 7.86
CA GLU F 166 -51.46 -23.76 7.60
C GLU F 166 -50.82 -23.05 6.41
N SER F 167 -49.52 -22.77 6.49
CA SER F 167 -48.68 -22.32 5.36
C SER F 167 -47.45 -23.21 5.30
N VAL F 168 -47.12 -23.75 4.12
CA VAL F 168 -45.94 -24.63 3.89
C VAL F 168 -44.95 -23.88 2.99
N THR F 169 -43.65 -23.95 3.28
CA THR F 169 -42.58 -23.38 2.41
C THR F 169 -42.43 -24.28 1.18
N GLU F 170 -41.75 -23.77 0.17
CA GLU F 170 -41.34 -24.55 -1.02
C GLU F 170 -40.13 -25.37 -0.60
N GLN F 171 -39.73 -26.37 -1.40
CA GLN F 171 -38.59 -27.27 -1.05
C GLN F 171 -37.33 -26.42 -1.01
N ASP F 172 -36.57 -26.50 0.08
CA ASP F 172 -35.29 -25.76 0.27
C ASP F 172 -34.32 -26.17 -0.85
N SER F 173 -33.53 -25.22 -1.33
CA SER F 173 -32.56 -25.38 -2.44
C SER F 173 -31.24 -26.01 -1.97
N LYS F 174 -31.05 -26.22 -0.66
CA LYS F 174 -29.76 -26.76 -0.11
C LYS F 174 -29.99 -28.17 0.44
N ASP F 175 -30.88 -28.31 1.45
CA ASP F 175 -31.09 -29.59 2.19
C ASP F 175 -32.40 -30.26 1.77
N SER F 176 -33.17 -29.64 0.86
CA SER F 176 -34.30 -30.25 0.11
C SER F 176 -35.45 -30.61 1.05
N THR F 177 -35.55 -29.93 2.19
CA THR F 177 -36.58 -30.16 3.22
C THR F 177 -37.71 -29.15 3.02
N TYR F 178 -38.82 -29.36 3.73
CA TYR F 178 -39.97 -28.41 3.82
C TYR F 178 -40.06 -27.86 5.25
N SER F 179 -40.74 -26.73 5.42
CA SER F 179 -41.18 -26.21 6.74
C SER F 179 -42.68 -25.87 6.67
N LEU F 180 -43.37 -25.91 7.81
CA LEU F 180 -44.83 -25.66 7.92
C LEU F 180 -45.11 -24.84 9.18
N SER F 181 -45.96 -23.81 9.04
CA SER F 181 -46.56 -23.04 10.16
C SER F 181 -48.04 -23.37 10.25
N SER F 182 -48.54 -23.69 11.45
CA SER F 182 -49.98 -23.71 11.78
C SER F 182 -50.27 -22.59 12.78
N THR F 183 -51.34 -21.82 12.56
CA THR F 183 -51.77 -20.70 13.43
C THR F 183 -53.21 -20.94 13.92
N LEU F 184 -53.39 -21.17 15.21
CA LEU F 184 -54.71 -21.26 15.90
C LEU F 184 -55.13 -19.86 16.35
N THR F 185 -56.22 -19.32 15.79
CA THR F 185 -56.71 -17.94 16.06
C THR F 185 -57.91 -17.99 16.99
N LEU F 186 -57.83 -17.30 18.13
CA LEU F 186 -58.91 -17.18 19.16
C LEU F 186 -59.07 -15.70 19.53
N SER F 187 -60.21 -15.35 20.12
CA SER F 187 -60.42 -14.07 20.85
C SER F 187 -59.64 -14.12 22.17
N LYS F 188 -59.29 -12.95 22.71
CA LYS F 188 -58.63 -12.84 24.05
C LYS F 188 -59.44 -13.64 25.08
N ALA F 189 -60.76 -13.48 25.06
CA ALA F 189 -61.70 -14.08 26.04
C ALA F 189 -61.62 -15.61 25.95
N ASP F 190 -61.78 -16.15 24.73
CA ASP F 190 -61.74 -17.62 24.48
C ASP F 190 -60.37 -18.16 24.93
N TYR F 191 -59.29 -17.45 24.57
CA TYR F 191 -57.91 -17.85 24.92
C TYR F 191 -57.75 -17.96 26.45
N GLU F 192 -58.40 -17.09 27.21
CA GLU F 192 -58.26 -17.02 28.69
C GLU F 192 -59.15 -18.06 29.39
N LYS F 193 -60.14 -18.64 28.68
CA LYS F 193 -61.05 -19.68 29.24
C LYS F 193 -60.31 -21.01 29.46
N HIS F 194 -59.11 -21.19 28.88
CA HIS F 194 -58.38 -22.49 28.87
C HIS F 194 -56.93 -22.26 29.33
N LYS F 195 -56.25 -23.34 29.74
CA LYS F 195 -54.93 -23.30 30.41
C LYS F 195 -53.86 -23.93 29.51
N VAL F 196 -54.05 -25.18 29.09
CA VAL F 196 -53.04 -25.98 28.34
C VAL F 196 -53.35 -25.96 26.85
N TYR F 197 -52.41 -25.48 26.05
CA TYR F 197 -52.48 -25.39 24.57
C TYR F 197 -51.36 -26.25 23.99
N ALA F 198 -51.71 -27.15 23.07
CA ALA F 198 -50.77 -28.13 22.47
C ALA F 198 -51.05 -28.25 20.98
N CYS F 199 -49.99 -28.41 20.19
CA CYS F 199 -50.08 -28.91 18.79
C CYS F 199 -49.43 -30.29 18.76
N GLU F 200 -50.14 -31.23 18.14
CA GLU F 200 -49.73 -32.64 17.98
C GLU F 200 -49.36 -32.84 16.51
N VAL F 201 -48.17 -33.34 16.23
CA VAL F 201 -47.64 -33.49 14.84
C VAL F 201 -47.54 -34.97 14.50
N THR F 202 -48.10 -35.35 13.34
CA THR F 202 -47.96 -36.70 12.72
C THR F 202 -47.15 -36.55 11.43
N HIS F 203 -46.07 -37.34 11.30
CA HIS F 203 -45.19 -37.35 10.11
C HIS F 203 -44.55 -38.73 9.95
N GLN F 204 -44.25 -39.10 8.70
CA GLN F 204 -43.71 -40.42 8.31
C GLN F 204 -42.39 -40.69 9.04
N GLY F 205 -41.67 -39.67 9.52
CA GLY F 205 -40.36 -39.79 10.19
C GLY F 205 -40.46 -39.91 11.70
N LEU F 206 -41.68 -40.00 12.22
CA LEU F 206 -41.98 -40.13 13.67
C LEU F 206 -42.90 -41.35 13.84
N SER F 207 -42.43 -42.36 14.57
CA SER F 207 -43.15 -43.64 14.81
C SER F 207 -44.44 -43.33 15.59
N SER F 208 -44.36 -42.45 16.60
CA SER F 208 -45.52 -41.93 17.37
C SER F 208 -45.58 -40.41 17.24
N PRO F 209 -46.78 -39.79 17.22
CA PRO F 209 -46.87 -38.34 17.05
C PRO F 209 -46.16 -37.57 18.17
N VAL F 210 -45.61 -36.40 17.86
CA VAL F 210 -44.95 -35.49 18.85
C VAL F 210 -45.94 -34.39 19.25
N THR F 211 -46.06 -34.16 20.55
CA THR F 211 -46.82 -33.05 21.16
C THR F 211 -45.82 -32.03 21.72
N LYS F 212 -45.97 -30.78 21.32
CA LYS F 212 -45.43 -29.62 22.06
C LYS F 212 -46.62 -28.88 22.68
N SER F 213 -46.48 -28.40 23.91
CA SER F 213 -47.55 -27.73 24.68
C SER F 213 -46.96 -26.64 25.57
N PHE F 214 -47.79 -25.69 25.98
CA PHE F 214 -47.47 -24.68 27.02
C PHE F 214 -48.71 -24.51 27.90
N ASN F 215 -48.50 -24.03 29.13
CA ASN F 215 -49.56 -23.58 30.07
C ASN F 215 -49.64 -22.05 30.01
N ARG F 216 -50.81 -21.50 29.69
CA ARG F 216 -51.08 -20.04 29.62
C ARG F 216 -50.71 -19.40 30.97
N GLY F 217 -49.92 -18.31 30.93
CA GLY F 217 -49.57 -17.52 32.12
C GLY F 217 -48.33 -18.03 32.83
N GLU F 218 -47.99 -19.31 32.68
CA GLU F 218 -46.74 -19.92 33.23
C GLU F 218 -45.53 -19.43 32.41
N GLU G 1 39.60 41.67 -19.56
CA GLU G 1 38.62 41.22 -18.53
C GLU G 1 39.27 40.14 -17.64
N VAL G 2 38.62 39.85 -16.51
CA VAL G 2 39.05 38.81 -15.55
C VAL G 2 38.72 37.43 -16.12
N GLN G 3 39.70 36.53 -16.15
CA GLN G 3 39.56 35.13 -16.65
C GLN G 3 40.21 34.18 -15.66
N LEU G 4 39.45 33.26 -15.08
CA LEU G 4 39.93 32.14 -14.24
C LEU G 4 39.50 30.84 -14.94
N LEU G 5 40.46 29.96 -15.25
CA LEU G 5 40.21 28.71 -16.00
C LEU G 5 40.82 27.54 -15.22
N GLU G 6 39.96 26.62 -14.75
CA GLU G 6 40.36 25.40 -13.98
C GLU G 6 40.65 24.26 -14.96
N SER G 7 41.57 23.37 -14.57
CA SER G 7 41.89 22.13 -15.32
C SER G 7 42.47 21.08 -14.35
N GLY G 8 42.64 19.85 -14.82
CA GLY G 8 43.22 18.74 -14.04
C GLY G 8 42.16 17.82 -13.47
N GLY G 9 40.88 18.11 -13.73
CA GLY G 9 39.74 17.33 -13.21
C GLY G 9 39.53 16.04 -14.00
N GLY G 10 38.51 15.27 -13.61
CA GLY G 10 38.10 14.02 -14.28
C GLY G 10 37.89 12.88 -13.31
N LEU G 11 37.95 11.65 -13.82
CA LEU G 11 37.74 10.38 -13.07
C LEU G 11 39.04 10.00 -12.36
N VAL G 12 38.94 9.50 -11.14
CA VAL G 12 40.11 9.10 -10.30
C VAL G 12 39.61 8.03 -9.32
N LYS G 13 40.40 6.96 -9.14
CA LYS G 13 40.01 5.78 -8.33
C LYS G 13 40.20 6.16 -6.86
N PRO G 14 39.41 5.59 -5.92
CA PRO G 14 39.57 5.90 -4.50
C PRO G 14 40.99 5.57 -4.04
N GLY G 15 41.62 6.47 -3.28
CA GLY G 15 43.04 6.39 -2.89
C GLY G 15 43.95 7.10 -3.89
N GLY G 16 43.51 7.22 -5.15
CA GLY G 16 44.23 7.91 -6.23
C GLY G 16 44.48 9.37 -5.90
N SER G 17 45.17 10.10 -6.77
CA SER G 17 45.54 11.52 -6.55
C SER G 17 45.37 12.34 -7.84
N LEU G 18 45.11 13.63 -7.69
CA LEU G 18 44.93 14.61 -8.80
C LEU G 18 45.67 15.90 -8.47
N ARG G 19 46.07 16.64 -9.50
N ARG G 19 46.04 16.65 -9.50
CA ARG G 19 46.68 17.99 -9.40
CA ARG G 19 46.68 17.98 -9.40
C ARG G 19 45.83 18.96 -10.23
C ARG G 19 45.86 18.98 -10.23
N LEU G 20 45.09 19.84 -9.55
CA LEU G 20 44.26 20.87 -10.21
C LEU G 20 45.13 22.11 -10.43
N SER G 21 44.90 22.80 -11.54
N SER G 21 44.91 22.79 -11.56
CA SER G 21 45.57 24.08 -11.90
CA SER G 21 45.57 24.05 -12.00
C SER G 21 44.52 25.11 -12.27
C SER G 21 44.50 25.10 -12.26
N CYS G 22 44.67 26.34 -11.78
CA CYS G 22 43.80 27.50 -12.11
C CYS G 22 44.69 28.62 -12.66
N ALA G 23 44.69 28.79 -13.98
CA ALA G 23 45.33 29.92 -14.71
C ALA G 23 44.44 31.17 -14.58
N ALA G 24 45.04 32.34 -14.37
CA ALA G 24 44.33 33.63 -14.14
C ALA G 24 44.85 34.72 -15.07
N SER G 25 44.01 35.69 -15.43
CA SER G 25 44.33 36.71 -16.45
C SER G 25 43.47 37.94 -16.20
N GLY G 26 44.02 39.14 -16.37
CA GLY G 26 43.20 40.36 -16.27
C GLY G 26 43.22 41.08 -14.94
N PHE G 27 44.07 40.65 -14.01
CA PHE G 27 44.04 41.27 -12.66
C PHE G 27 45.39 41.13 -12.00
N THR G 28 45.57 41.81 -10.86
CA THR G 28 46.85 41.70 -10.09
C THR G 28 46.79 40.44 -9.21
N PHE G 29 47.48 39.37 -9.61
CA PHE G 29 47.42 38.08 -8.89
C PHE G 29 48.04 38.20 -7.50
N ASN G 30 49.17 38.90 -7.37
CA ASN G 30 49.88 38.99 -6.08
C ASN G 30 49.02 39.68 -5.01
N GLU G 31 48.26 40.71 -5.37
CA GLU G 31 47.50 41.50 -4.36
C GLU G 31 46.28 40.74 -3.84
N TYR G 32 45.95 39.60 -4.42
CA TYR G 32 44.70 38.89 -4.03
C TYR G 32 44.96 37.51 -3.42
N MET G 33 44.08 37.08 -2.52
CA MET G 33 44.18 35.69 -1.97
C MET G 33 43.38 34.74 -2.86
N MET G 34 43.90 33.54 -3.10
CA MET G 34 43.23 32.54 -3.96
C MET G 34 42.53 31.45 -3.14
N ASN G 35 41.24 31.20 -3.43
CA ASN G 35 40.44 30.19 -2.70
C ASN G 35 40.14 28.99 -3.60
N TRP G 36 40.18 27.77 -3.07
CA TRP G 36 39.50 26.59 -3.66
C TRP G 36 38.20 26.35 -2.88
N VAL G 37 37.09 26.27 -3.61
CA VAL G 37 35.73 26.00 -3.05
C VAL G 37 35.16 24.84 -3.86
N ARG G 38 34.31 24.01 -3.27
CA ARG G 38 33.79 22.81 -3.98
C ARG G 38 32.30 22.66 -3.72
N GLN G 39 31.62 21.95 -4.63
CA GLN G 39 30.17 21.68 -4.55
C GLN G 39 29.94 20.19 -4.80
N PRO G 40 29.71 19.40 -3.72
CA PRO G 40 29.29 18.01 -3.86
C PRO G 40 27.95 17.95 -4.60
N PRO G 41 27.67 16.85 -5.33
CA PRO G 41 26.48 16.79 -6.19
C PRO G 41 25.18 16.97 -5.40
N GLY G 42 24.34 17.92 -5.82
CA GLY G 42 23.03 18.21 -5.20
C GLY G 42 23.16 18.99 -3.89
N LYS G 43 24.38 19.27 -3.42
CA LYS G 43 24.65 19.90 -2.11
C LYS G 43 25.14 21.33 -2.35
N GLY G 44 25.37 22.10 -1.27
CA GLY G 44 25.73 23.53 -1.31
C GLY G 44 27.22 23.74 -1.44
N LEU G 45 27.70 24.95 -1.16
CA LEU G 45 29.12 25.36 -1.36
C LEU G 45 29.94 25.04 -0.10
N GLU G 46 31.10 24.41 -0.25
CA GLU G 46 32.06 24.08 0.83
C GLU G 46 33.42 24.71 0.50
N TRP G 47 33.94 25.55 1.40
CA TRP G 47 35.34 26.04 1.34
C TRP G 47 36.28 24.86 1.51
N VAL G 48 37.42 24.86 0.82
CA VAL G 48 38.42 23.76 0.88
C VAL G 48 39.76 24.29 1.38
N SER G 49 40.28 25.35 0.78
CA SER G 49 41.67 25.84 1.00
C SER G 49 41.77 27.31 0.58
N SER G 50 42.70 28.04 1.19
CA SER G 50 42.98 29.48 0.91
C SER G 50 44.48 29.74 1.04
N ILE G 51 45.02 30.61 0.18
CA ILE G 51 46.46 30.98 0.15
C ILE G 51 46.56 32.49 -0.11
N SER G 52 47.28 33.21 0.76
CA SER G 52 47.58 34.67 0.64
C SER G 52 48.46 34.92 -0.60
N GLY G 53 48.50 36.17 -1.07
CA GLY G 53 49.37 36.59 -2.20
C GLY G 53 50.80 36.15 -2.01
N THR G 54 51.33 36.32 -0.79
CA THR G 54 52.73 36.05 -0.39
C THR G 54 52.95 34.56 -0.13
N SER G 55 51.89 33.75 -0.07
CA SER G 55 51.89 32.30 0.26
C SER G 55 52.25 32.08 1.74
N THR G 56 52.03 33.11 2.56
CA THR G 56 52.37 33.14 4.00
C THR G 56 51.23 32.53 4.81
N TYR G 57 50.01 33.09 4.67
CA TYR G 57 48.78 32.50 5.26
C TYR G 57 48.21 31.45 4.30
N ILE G 58 48.32 30.19 4.70
CA ILE G 58 47.66 29.01 4.07
C ILE G 58 46.66 28.45 5.09
N ASN G 59 45.43 28.16 4.67
CA ASN G 59 44.40 27.53 5.52
C ASN G 59 43.79 26.37 4.74
N TYR G 60 43.50 25.27 5.43
CA TYR G 60 42.78 24.08 4.90
C TYR G 60 41.55 23.83 5.77
N ALA G 61 40.49 23.28 5.17
CA ALA G 61 39.30 22.74 5.86
C ALA G 61 39.71 21.45 6.59
N ASP G 62 39.06 21.13 7.72
CA ASP G 62 39.38 19.94 8.54
C ASP G 62 39.30 18.69 7.66
N SER G 63 38.28 18.62 6.79
CA SER G 63 37.98 17.44 5.94
C SER G 63 39.18 17.08 5.04
N VAL G 64 39.95 18.08 4.59
CA VAL G 64 41.03 17.86 3.56
C VAL G 64 42.42 17.95 4.19
N LYS G 65 42.53 18.36 5.46
CA LYS G 65 43.85 18.50 6.15
C LYS G 65 44.58 17.15 6.09
N GLY G 66 45.85 17.17 5.66
CA GLY G 66 46.74 15.99 5.63
C GLY G 66 46.77 15.30 4.28
N ARG G 67 45.73 15.48 3.46
CA ARG G 67 45.58 14.81 2.13
C ARG G 67 45.86 15.82 1.01
N PHE G 68 45.38 17.05 1.15
CA PHE G 68 45.43 18.12 0.13
C PHE G 68 46.53 19.13 0.49
N THR G 69 47.06 19.81 -0.54
CA THR G 69 48.12 20.84 -0.43
C THR G 69 47.88 21.93 -1.48
N ILE G 70 47.98 23.20 -1.08
CA ILE G 70 47.71 24.37 -1.95
C ILE G 70 49.03 25.12 -2.21
N SER G 71 49.24 25.59 -3.44
CA SER G 71 50.43 26.35 -3.87
C SER G 71 50.02 27.33 -4.96
N ARG G 72 50.79 28.40 -5.15
CA ARG G 72 50.57 29.43 -6.20
C ARG G 72 51.92 29.82 -6.80
N ASP G 73 52.03 29.77 -8.12
CA ASP G 73 53.18 30.31 -8.90
C ASP G 73 52.79 31.68 -9.45
N ASN G 74 53.10 32.75 -8.69
CA ASN G 74 52.74 34.17 -8.99
C ASN G 74 53.25 34.57 -10.38
N ALA G 75 54.40 34.02 -10.79
CA ALA G 75 55.02 34.22 -12.12
C ALA G 75 54.09 33.70 -13.21
N LYS G 76 53.69 32.43 -13.10
CA LYS G 76 52.86 31.72 -14.10
C LYS G 76 51.37 32.08 -13.94
N ASN G 77 51.02 32.97 -13.00
CA ASN G 77 49.62 33.38 -12.70
C ASN G 77 48.76 32.11 -12.58
N SER G 78 49.20 31.16 -11.76
CA SER G 78 48.59 29.82 -11.62
C SER G 78 48.44 29.47 -10.13
N LEU G 79 47.25 28.98 -9.76
CA LEU G 79 46.93 28.40 -8.43
C LEU G 79 46.84 26.88 -8.59
N TYR G 80 47.40 26.13 -7.64
CA TYR G 80 47.45 24.64 -7.68
C TYR G 80 46.83 24.04 -6.41
N LEU G 81 46.26 22.84 -6.56
CA LEU G 81 45.78 21.99 -5.43
C LEU G 81 46.16 20.53 -5.70
N GLN G 82 47.14 20.03 -4.97
CA GLN G 82 47.54 18.59 -4.99
C GLN G 82 46.60 17.84 -4.04
N MET G 83 45.82 16.89 -4.57
CA MET G 83 44.81 16.11 -3.80
C MET G 83 45.24 14.64 -3.77
N ASN G 84 45.59 14.13 -2.59
CA ASN G 84 46.06 12.72 -2.39
C ASN G 84 45.05 11.96 -1.53
N SER G 85 45.13 10.63 -1.51
CA SER G 85 44.25 9.74 -0.73
C SER G 85 42.79 10.15 -0.92
N LEU G 86 42.36 10.27 -2.17
CA LEU G 86 41.01 10.76 -2.52
C LEU G 86 39.94 9.74 -2.07
N ARG G 87 38.81 10.26 -1.60
CA ARG G 87 37.65 9.49 -1.08
CA ARG G 87 37.64 9.50 -1.06
C ARG G 87 36.42 9.80 -1.93
N SER G 88 35.39 8.94 -1.87
N SER G 88 35.38 8.95 -1.83
CA SER G 88 34.13 9.05 -2.64
CA SER G 88 34.11 9.02 -2.61
C SER G 88 33.41 10.37 -2.33
C SER G 88 33.34 10.31 -2.28
N ASP G 89 33.57 10.89 -1.10
CA ASP G 89 32.89 12.14 -0.65
C ASP G 89 33.62 13.37 -1.21
N ASP G 90 34.85 13.22 -1.71
CA ASP G 90 35.61 14.33 -2.34
C ASP G 90 35.07 14.60 -3.75
N THR G 91 34.26 13.68 -4.29
CA THR G 91 33.52 13.85 -5.57
C THR G 91 32.75 15.17 -5.47
N ALA G 92 33.08 16.13 -6.34
CA ALA G 92 32.48 17.48 -6.34
C ALA G 92 32.95 18.29 -7.54
N MET G 93 32.27 19.42 -7.77
N MET G 93 32.33 19.47 -7.72
CA MET G 93 32.72 20.50 -8.69
CA MET G 93 32.70 20.52 -8.70
C MET G 93 33.67 21.41 -7.93
C MET G 93 33.64 21.55 -8.03
N TYR G 94 34.92 21.53 -8.39
CA TYR G 94 35.99 22.36 -7.75
C TYR G 94 36.14 23.67 -8.52
N TYR G 95 35.90 24.79 -7.85
CA TYR G 95 36.09 26.17 -8.36
C TYR G 95 37.31 26.81 -7.69
N CYS G 96 38.09 27.62 -8.43
CA CYS G 96 38.99 28.64 -7.85
C CYS G 96 38.25 29.98 -7.83
N ALA G 97 38.36 30.72 -6.73
CA ALA G 97 37.69 32.03 -6.51
C ALA G 97 38.71 33.03 -5.96
N ARG G 98 38.50 34.33 -6.21
CA ARG G 98 39.48 35.40 -5.95
C ARG G 98 39.03 36.26 -4.78
N GLY G 99 39.92 36.47 -3.79
CA GLY G 99 39.71 37.34 -2.62
C GLY G 99 38.75 36.74 -1.59
N SER G 100 38.56 37.44 -0.47
CA SER G 100 37.58 37.12 0.59
C SER G 100 36.16 37.30 0.03
N THR G 101 35.97 38.41 -0.68
CA THR G 101 34.69 38.87 -1.29
C THR G 101 34.03 37.71 -2.06
N GLY G 102 34.83 36.94 -2.82
CA GLY G 102 34.35 35.95 -3.81
C GLY G 102 33.78 36.65 -5.02
N GLY G 103 34.54 37.56 -5.65
CA GLY G 103 34.07 38.45 -6.73
C GLY G 103 34.20 37.79 -8.10
N TYR G 104 35.15 36.86 -8.25
CA TYR G 104 35.42 36.17 -9.54
C TYR G 104 35.65 34.69 -9.24
N TRP G 105 34.91 33.85 -9.96
CA TRP G 105 34.90 32.36 -9.87
C TRP G 105 35.20 31.79 -11.25
N GLY G 106 36.02 30.75 -11.33
CA GLY G 106 36.28 30.06 -12.60
C GLY G 106 35.09 29.22 -13.03
N GLN G 107 35.15 28.66 -14.24
CA GLN G 107 34.09 27.84 -14.89
C GLN G 107 33.77 26.63 -14.01
N GLY G 108 34.77 26.13 -13.29
CA GLY G 108 34.69 24.92 -12.44
C GLY G 108 35.12 23.69 -13.20
N THR G 109 35.74 22.74 -12.49
CA THR G 109 36.21 21.44 -13.03
C THR G 109 35.68 20.33 -12.12
N LEU G 110 35.06 19.30 -12.72
CA LEU G 110 34.38 18.20 -11.99
C LEU G 110 35.37 17.07 -11.71
N ILE G 111 35.37 16.58 -10.47
CA ILE G 111 36.19 15.44 -9.97
C ILE G 111 35.21 14.34 -9.59
N THR G 112 35.38 13.15 -10.16
CA THR G 112 34.58 11.95 -9.81
C THR G 112 35.53 10.92 -9.22
N VAL G 113 35.39 10.62 -7.93
CA VAL G 113 36.15 9.55 -7.23
C VAL G 113 35.27 8.29 -7.28
N SER G 114 35.54 7.40 -8.24
CA SER G 114 34.80 6.14 -8.47
C SER G 114 35.77 5.08 -8.98
N SER G 115 35.58 3.83 -8.56
CA SER G 115 36.32 2.63 -9.06
C SER G 115 35.83 2.27 -10.46
N ALA G 116 34.62 2.70 -10.86
CA ALA G 116 34.00 2.37 -12.17
C ALA G 116 34.85 2.93 -13.31
N SER G 117 34.82 2.29 -14.47
CA SER G 117 35.61 2.65 -15.67
C SER G 117 34.87 3.72 -16.48
N THR G 118 35.61 4.60 -17.14
CA THR G 118 35.10 5.55 -18.15
C THR G 118 34.43 4.76 -19.27
N LYS G 119 33.21 5.15 -19.66
CA LYS G 119 32.51 4.62 -20.85
C LYS G 119 31.97 5.80 -21.65
N GLY G 120 32.20 5.79 -22.96
CA GLY G 120 31.77 6.84 -23.90
C GLY G 120 30.28 6.72 -24.24
N PRO G 121 29.62 7.84 -24.60
CA PRO G 121 28.19 7.81 -24.91
C PRO G 121 27.87 7.28 -26.31
N SER G 122 26.74 6.57 -26.43
CA SER G 122 26.05 6.25 -27.70
C SER G 122 24.99 7.33 -27.96
N VAL G 123 25.03 7.96 -29.13
CA VAL G 123 24.12 9.09 -29.52
C VAL G 123 23.13 8.59 -30.56
N PHE G 124 21.84 8.76 -30.30
CA PHE G 124 20.73 8.26 -31.15
C PHE G 124 19.82 9.42 -31.50
N PRO G 125 19.41 9.56 -32.78
CA PRO G 125 18.57 10.68 -33.20
C PRO G 125 17.11 10.52 -32.76
N LEU G 126 16.50 11.60 -32.27
CA LEU G 126 15.04 11.70 -31.97
C LEU G 126 14.40 12.49 -33.12
N ALA G 127 13.84 11.79 -34.10
CA ALA G 127 13.40 12.37 -35.40
C ALA G 127 12.03 13.00 -35.24
N PRO G 128 11.78 14.19 -35.87
CA PRO G 128 10.47 14.84 -35.79
C PRO G 128 9.41 14.12 -36.63
N SER G 129 8.17 14.06 -36.12
CA SER G 129 7.03 13.32 -36.71
C SER G 129 6.45 14.10 -37.90
N SER G 130 5.95 15.32 -37.66
CA SER G 130 5.28 16.18 -38.68
C SER G 130 5.19 17.64 -38.19
N GLY G 135 2.71 22.30 -39.35
CA GLY G 135 2.17 21.93 -38.02
C GLY G 135 2.61 22.87 -36.91
N GLY G 136 3.16 24.05 -37.26
CA GLY G 136 3.55 25.14 -36.33
C GLY G 136 4.98 24.99 -35.82
N THR G 137 5.11 24.52 -34.57
CA THR G 137 6.37 24.06 -33.94
C THR G 137 6.55 22.55 -34.19
N ALA G 138 7.79 22.15 -34.51
CA ALA G 138 8.25 20.75 -34.66
C ALA G 138 9.44 20.53 -33.72
N ALA G 139 9.48 19.40 -33.02
CA ALA G 139 10.53 19.05 -32.03
C ALA G 139 11.40 17.91 -32.59
N LEU G 140 12.71 18.02 -32.37
CA LEU G 140 13.69 16.96 -32.71
C LEU G 140 14.76 16.98 -31.61
N GLY G 141 15.58 15.92 -31.51
CA GLY G 141 16.57 15.83 -30.43
C GLY G 141 17.61 14.75 -30.67
N CYS G 142 18.48 14.56 -29.66
CA CYS G 142 19.46 13.45 -29.58
CA CYS G 142 19.50 13.49 -29.57
C CYS G 142 19.39 12.82 -28.20
N LEU G 143 19.31 11.48 -28.17
CA LEU G 143 19.41 10.68 -26.93
C LEU G 143 20.89 10.30 -26.76
N VAL G 144 21.50 10.76 -25.66
CA VAL G 144 22.91 10.50 -25.32
C VAL G 144 22.91 9.47 -24.20
N LYS G 145 23.29 8.22 -24.50
CA LYS G 145 22.92 7.05 -23.68
C LYS G 145 24.16 6.26 -23.26
N ASP G 146 24.25 5.92 -21.98
CA ASP G 146 25.19 4.91 -21.40
C ASP G 146 26.61 5.45 -21.42
N TYR G 147 26.88 6.50 -20.65
CA TYR G 147 28.23 7.10 -20.45
C TYR G 147 28.54 7.16 -18.94
N PHE G 148 29.83 7.34 -18.62
CA PHE G 148 30.36 7.53 -17.24
C PHE G 148 31.80 8.02 -17.35
N PRO G 149 32.22 9.03 -16.55
CA PRO G 149 31.35 9.74 -15.63
C PRO G 149 30.61 10.87 -16.35
N GLU G 150 29.87 11.70 -15.61
CA GLU G 150 29.50 13.07 -16.06
C GLU G 150 30.80 13.88 -16.18
N PRO G 151 30.83 15.01 -16.92
CA PRO G 151 29.70 15.51 -17.71
C PRO G 151 29.83 15.26 -19.23
N VAL G 152 28.74 15.45 -19.97
CA VAL G 152 28.75 15.61 -21.46
C VAL G 152 28.30 17.03 -21.79
N THR G 153 28.92 17.66 -22.79
CA THR G 153 28.45 18.93 -23.41
C THR G 153 27.70 18.56 -24.69
N VAL G 154 26.49 19.11 -24.89
CA VAL G 154 25.69 18.95 -26.13
C VAL G 154 25.47 20.34 -26.76
N SER G 155 25.78 20.46 -28.05
CA SER G 155 25.53 21.67 -28.86
C SER G 155 24.77 21.25 -30.12
N TRP G 156 24.24 22.24 -30.85
CA TRP G 156 23.48 22.03 -32.11
C TRP G 156 24.09 22.90 -33.20
N ASN G 157 24.47 22.29 -34.32
CA ASN G 157 25.07 22.99 -35.50
C ASN G 157 26.31 23.77 -35.03
N SER G 158 27.11 23.15 -34.16
CA SER G 158 28.39 23.65 -33.57
C SER G 158 28.19 25.02 -32.90
N GLY G 159 27.15 25.17 -32.10
CA GLY G 159 26.90 26.40 -31.31
C GLY G 159 26.08 27.43 -32.06
N ALA G 160 25.74 27.17 -33.34
CA ALA G 160 24.97 28.07 -34.23
C ALA G 160 23.51 28.16 -33.77
N LEU G 161 22.94 27.03 -33.33
CA LEU G 161 21.54 26.94 -32.80
C LEU G 161 21.60 26.93 -31.27
N THR G 162 20.96 27.92 -30.65
CA THR G 162 20.75 28.03 -29.17
C THR G 162 19.27 28.24 -28.84
N SER G 163 18.54 29.03 -29.65
CA SER G 163 17.08 29.27 -29.52
C SER G 163 16.31 27.94 -29.52
N GLY G 164 15.65 27.63 -28.39
CA GLY G 164 14.68 26.53 -28.27
C GLY G 164 15.32 25.21 -27.85
N VAL G 165 16.58 25.26 -27.37
CA VAL G 165 17.37 24.06 -26.94
C VAL G 165 17.12 23.81 -25.45
N HIS G 166 16.70 22.59 -25.10
CA HIS G 166 16.63 22.07 -23.71
C HIS G 166 17.46 20.79 -23.64
N THR G 167 18.59 20.85 -22.92
CA THR G 167 19.41 19.68 -22.54
C THR G 167 18.99 19.27 -21.13
N PHE G 168 18.41 18.08 -20.97
CA PHE G 168 17.81 17.65 -19.67
C PHE G 168 18.92 17.20 -18.71
N PRO G 169 18.73 17.39 -17.39
CA PRO G 169 19.63 16.78 -16.41
C PRO G 169 19.79 15.28 -16.71
N ALA G 170 20.98 14.74 -16.48
CA ALA G 170 21.30 13.30 -16.69
C ALA G 170 20.58 12.47 -15.63
N VAL G 171 20.20 11.25 -15.97
CA VAL G 171 19.60 10.26 -15.02
C VAL G 171 20.53 9.05 -14.95
N LEU G 172 20.84 8.59 -13.74
CA LEU G 172 21.61 7.35 -13.54
C LEU G 172 20.64 6.18 -13.76
N GLN G 173 21.08 5.19 -14.54
CA GLN G 173 20.30 3.98 -14.89
C GLN G 173 20.74 2.85 -13.96
N SER G 174 19.97 1.75 -13.93
CA SER G 174 20.27 0.56 -13.10
C SER G 174 21.64 -0.03 -13.49
N SER G 175 22.08 0.23 -14.73
CA SER G 175 23.39 -0.17 -15.30
C SER G 175 24.55 0.57 -14.61
N GLY G 176 24.28 1.63 -13.83
CA GLY G 176 25.32 2.50 -13.25
C GLY G 176 25.87 3.46 -14.28
N LEU G 177 25.17 3.61 -15.42
CA LEU G 177 25.57 4.51 -16.53
C LEU G 177 24.55 5.65 -16.63
N TYR G 178 24.98 6.79 -17.13
CA TYR G 178 24.15 8.01 -17.30
C TYR G 178 23.52 8.03 -18.69
N SER G 179 22.34 8.65 -18.78
N SER G 179 22.37 8.69 -18.79
CA SER G 179 21.60 8.94 -20.04
CA SER G 179 21.60 8.93 -20.03
C SER G 179 20.97 10.33 -19.91
C SER G 179 20.92 10.30 -19.94
N LEU G 180 21.08 11.15 -20.95
CA LEU G 180 20.34 12.43 -21.04
C LEU G 180 19.80 12.58 -22.46
N SER G 181 18.81 13.44 -22.63
N SER G 181 18.80 13.42 -22.63
CA SER G 181 18.23 13.84 -23.94
CA SER G 181 18.27 13.83 -23.96
C SER G 181 18.40 15.34 -24.13
C SER G 181 18.46 15.34 -24.12
N SER G 182 18.76 15.76 -25.34
CA SER G 182 18.75 17.17 -25.77
C SER G 182 17.70 17.30 -26.87
N VAL G 183 16.78 18.26 -26.70
CA VAL G 183 15.70 18.55 -27.68
C VAL G 183 15.83 20.02 -28.11
N VAL G 184 15.44 20.31 -29.35
CA VAL G 184 15.34 21.69 -29.91
C VAL G 184 13.98 21.79 -30.61
N THR G 185 13.27 22.91 -30.45
CA THR G 185 12.01 23.20 -31.20
C THR G 185 12.31 24.15 -32.36
N VAL G 186 11.81 23.84 -33.55
CA VAL G 186 12.13 24.55 -34.82
C VAL G 186 10.81 24.76 -35.57
N PRO G 187 10.74 25.72 -36.51
CA PRO G 187 9.58 25.85 -37.38
C PRO G 187 9.41 24.57 -38.19
N SER G 188 8.18 24.05 -38.26
CA SER G 188 7.82 22.81 -38.99
C SER G 188 8.20 22.95 -40.48
N SER G 189 8.09 24.16 -41.02
CA SER G 189 8.46 24.52 -42.42
C SER G 189 9.98 24.61 -42.61
N SER G 190 10.78 24.44 -41.55
CA SER G 190 12.26 24.51 -41.61
C SER G 190 12.86 23.10 -41.74
N LEU G 191 12.05 22.05 -41.68
CA LEU G 191 12.50 20.63 -41.81
C LEU G 191 12.87 20.35 -43.27
N GLY G 192 13.98 19.67 -43.53
CA GLY G 192 14.49 19.34 -44.88
C GLY G 192 15.00 20.55 -45.62
N THR G 193 14.94 21.74 -45.00
CA THR G 193 15.34 23.06 -45.54
C THR G 193 16.62 23.50 -44.81
N GLN G 194 16.63 23.33 -43.48
CA GLN G 194 17.81 23.55 -42.61
C GLN G 194 18.37 22.17 -42.23
N THR G 195 19.68 22.07 -42.02
CA THR G 195 20.36 20.88 -41.45
C THR G 195 20.49 21.05 -39.93
N TYR G 196 20.21 19.98 -39.20
CA TYR G 196 20.25 19.92 -37.72
C TYR G 196 21.17 18.77 -37.31
N ILE G 197 22.27 19.11 -36.64
CA ILE G 197 23.32 18.17 -36.17
C ILE G 197 23.52 18.41 -34.68
N CYS G 198 23.38 17.37 -33.86
CA CYS G 198 23.67 17.44 -32.41
CA CYS G 198 23.65 17.39 -32.40
C CYS G 198 25.12 17.02 -32.19
N ASN G 199 25.92 17.91 -31.60
CA ASN G 199 27.36 17.70 -31.34
C ASN G 199 27.49 17.30 -29.88
N VAL G 200 27.83 16.04 -29.62
CA VAL G 200 28.02 15.49 -28.25
C VAL G 200 29.52 15.32 -28.01
N ASN G 201 30.00 15.84 -26.87
CA ASN G 201 31.43 15.76 -26.47
C ASN G 201 31.47 15.22 -25.04
N HIS G 202 32.16 14.09 -24.86
CA HIS G 202 32.47 13.46 -23.55
C HIS G 202 33.99 13.44 -23.40
N LYS G 203 34.55 14.47 -22.76
CA LYS G 203 36.03 14.67 -22.64
C LYS G 203 36.63 13.49 -21.86
N PRO G 204 36.02 13.02 -20.74
CA PRO G 204 36.60 11.93 -19.95
C PRO G 204 36.91 10.67 -20.75
N SER G 205 36.28 10.46 -21.92
CA SER G 205 36.49 9.29 -22.82
C SER G 205 37.05 9.73 -24.17
N ASN G 206 37.46 10.99 -24.32
CA ASN G 206 37.97 11.58 -25.60
C ASN G 206 37.01 11.20 -26.74
N THR G 207 35.69 11.30 -26.49
CA THR G 207 34.61 10.97 -27.45
C THR G 207 33.95 12.27 -27.94
N LYS G 208 34.04 12.55 -29.24
CA LYS G 208 33.26 13.57 -29.97
C LYS G 208 32.41 12.86 -31.02
N VAL G 209 31.10 13.07 -31.00
CA VAL G 209 30.13 12.48 -31.97
C VAL G 209 29.24 13.59 -32.51
N ASP G 210 29.11 13.67 -33.84
CA ASP G 210 28.19 14.60 -34.54
C ASP G 210 27.12 13.73 -35.24
N LYS G 211 25.89 13.80 -34.77
CA LYS G 211 24.75 13.03 -35.32
C LYS G 211 23.82 14.01 -36.06
N LYS G 212 23.56 13.74 -37.34
CA LYS G 212 22.57 14.49 -38.16
C LYS G 212 21.18 13.96 -37.83
N VAL G 213 20.25 14.87 -37.50
CA VAL G 213 18.84 14.53 -37.16
C VAL G 213 17.98 14.97 -38.36
N GLU G 214 17.40 14.01 -39.09
CA GLU G 214 16.56 14.24 -40.28
C GLU G 214 15.16 13.66 -40.03
N PRO G 215 14.11 14.25 -40.64
CA PRO G 215 12.77 13.66 -40.61
C PRO G 215 12.73 12.17 -40.98
N LYS G 216 11.95 11.36 -40.25
CA LYS G 216 11.75 9.90 -40.52
C LYS G 216 10.44 9.71 -41.29
N ASP H 1 35.17 27.70 13.71
CA ASP H 1 34.18 27.36 12.64
C ASP H 1 32.88 28.10 12.94
N ILE H 2 32.72 29.29 12.34
CA ILE H 2 31.49 30.12 12.51
C ILE H 2 30.40 29.54 11.60
N VAL H 3 29.26 29.17 12.18
CA VAL H 3 28.12 28.50 11.48
C VAL H 3 27.12 29.56 10.99
N MET H 4 26.83 29.57 9.70
CA MET H 4 25.81 30.45 9.07
C MET H 4 24.58 29.62 8.73
N THR H 5 23.44 29.97 9.33
CA THR H 5 22.12 29.30 9.12
C THR H 5 21.31 30.14 8.15
N GLN H 6 21.10 29.65 6.92
CA GLN H 6 20.36 30.38 5.87
C GLN H 6 18.88 29.97 5.95
N THR H 7 17.98 30.96 5.88
CA THR H 7 16.52 30.79 5.89
C THR H 7 15.93 31.73 4.84
N PRO H 8 14.87 31.34 4.09
CA PRO H 8 14.36 29.97 4.12
C PRO H 8 15.23 29.01 3.28
N LEU H 9 14.87 27.72 3.28
CA LEU H 9 15.54 26.68 2.45
C LEU H 9 15.08 26.84 0.99
N SER H 10 13.80 27.13 0.78
CA SER H 10 13.19 27.38 -0.55
C SER H 10 12.18 28.53 -0.42
N SER H 11 11.92 29.23 -1.52
CA SER H 11 10.96 30.36 -1.60
C SER H 11 10.37 30.40 -3.01
N ALA H 12 9.05 30.20 -3.15
CA ALA H 12 8.28 30.50 -4.38
C ALA H 12 7.69 31.92 -4.28
N VAL H 13 8.07 32.79 -5.23
CA VAL H 13 7.76 34.25 -5.21
C VAL H 13 7.15 34.60 -6.57
N THR H 14 6.10 35.44 -6.56
CA THR H 14 5.39 35.89 -7.79
C THR H 14 6.27 36.95 -8.48
N LEU H 15 6.32 36.97 -9.80
CA LEU H 15 7.15 37.93 -10.57
C LEU H 15 6.73 39.35 -10.20
N GLY H 16 7.71 40.23 -9.96
CA GLY H 16 7.47 41.65 -9.62
C GLY H 16 7.18 41.86 -8.15
N GLN H 17 7.16 40.78 -7.35
CA GLN H 17 6.91 40.84 -5.88
C GLN H 17 8.24 40.75 -5.15
N PRO H 18 8.37 41.37 -3.96
CA PRO H 18 9.63 41.37 -3.22
C PRO H 18 9.99 39.97 -2.69
N ALA H 19 11.27 39.71 -2.46
CA ALA H 19 11.78 38.45 -1.86
C ALA H 19 12.90 38.78 -0.87
N SER H 20 12.98 38.02 0.21
CA SER H 20 13.86 38.28 1.37
C SER H 20 14.51 36.97 1.81
N ILE H 21 15.84 36.95 1.88
CA ILE H 21 16.65 35.79 2.34
C ILE H 21 17.41 36.23 3.58
N SER H 22 17.48 35.36 4.59
CA SER H 22 18.08 35.64 5.92
C SER H 22 19.27 34.73 6.17
N CYS H 23 20.30 35.28 6.82
CA CYS H 23 21.52 34.55 7.25
C CYS H 23 21.82 34.95 8.70
N ARG H 24 22.02 33.96 9.57
CA ARG H 24 22.27 34.16 11.03
C ARG H 24 23.59 33.46 11.36
N SER H 25 24.55 34.18 11.94
CA SER H 25 25.88 33.66 12.36
C SER H 25 25.82 33.22 13.82
N SER H 26 26.63 32.22 14.19
CA SER H 26 26.75 31.68 15.58
C SER H 26 27.48 32.68 16.48
N GLN H 27 28.40 33.46 15.91
CA GLN H 27 29.26 34.45 16.59
C GLN H 27 29.14 35.80 15.86
N ARG H 28 29.54 36.92 16.49
CA ARG H 28 29.51 38.28 15.88
C ARG H 28 30.49 38.28 14.70
N LEU H 29 30.14 38.98 13.61
CA LEU H 29 30.84 38.90 12.31
C LEU H 29 31.54 40.22 12.00
N VAL H 30 31.86 41.01 13.02
CA VAL H 30 32.70 42.24 12.87
C VAL H 30 34.16 41.85 13.03
N HIS H 31 35.02 42.28 12.10
CA HIS H 31 36.48 42.02 12.08
C HIS H 31 37.17 43.04 13.00
N SER H 32 38.43 42.77 13.37
CA SER H 32 39.31 43.66 14.17
C SER H 32 39.41 45.05 13.52
N ASP H 33 39.46 45.11 12.19
CA ASP H 33 39.62 46.37 11.40
C ASP H 33 38.32 47.19 11.41
N GLY H 34 37.18 46.59 11.79
CA GLY H 34 35.90 47.28 12.02
C GLY H 34 34.87 47.01 10.95
N ASN H 35 35.30 46.54 9.76
CA ASN H 35 34.42 46.12 8.65
C ASN H 35 33.75 44.79 9.01
N THR H 36 32.65 44.46 8.33
CA THR H 36 31.95 43.15 8.41
C THR H 36 32.00 42.49 7.03
N TYR H 37 32.73 41.38 6.89
CA TYR H 37 33.05 40.70 5.59
C TYR H 37 32.07 39.55 5.34
N LEU H 38 30.77 39.87 5.25
CA LEU H 38 29.71 38.95 4.78
C LEU H 38 29.35 39.32 3.34
N SER H 39 29.17 38.29 2.49
CA SER H 39 28.86 38.41 1.05
C SER H 39 27.63 37.58 0.68
N TRP H 40 26.93 37.99 -0.37
CA TRP H 40 25.78 37.26 -0.97
C TRP H 40 26.14 36.87 -2.41
N LEU H 41 25.99 35.59 -2.74
CA LEU H 41 26.32 35.01 -4.06
C LEU H 41 25.06 34.43 -4.68
N HIS H 42 24.93 34.53 -6.01
CA HIS H 42 23.84 33.90 -6.79
C HIS H 42 24.45 32.86 -7.72
N GLN H 43 23.77 31.72 -7.88
CA GLN H 43 24.21 30.65 -8.79
C GLN H 43 23.01 30.16 -9.60
N ARG H 44 22.95 30.53 -10.88
CA ARG H 44 22.07 29.89 -11.89
C ARG H 44 22.55 28.46 -12.07
N PRO H 45 21.65 27.48 -12.34
CA PRO H 45 22.04 26.07 -12.46
C PRO H 45 23.10 25.79 -13.54
N GLY H 46 24.11 24.98 -13.19
CA GLY H 46 25.25 24.61 -14.06
C GLY H 46 26.09 25.81 -14.48
N GLN H 47 26.16 26.84 -13.62
CA GLN H 47 27.05 28.02 -13.78
C GLN H 47 27.85 28.19 -12.49
N PRO H 48 28.97 28.94 -12.51
CA PRO H 48 29.65 29.32 -11.27
C PRO H 48 28.89 30.38 -10.48
N PRO H 49 29.07 30.46 -9.13
CA PRO H 49 28.54 31.58 -8.36
C PRO H 49 29.08 32.96 -8.77
N ARG H 50 28.24 33.99 -8.72
CA ARG H 50 28.55 35.40 -9.06
C ARG H 50 28.20 36.29 -7.86
N LEU H 51 29.07 37.25 -7.53
CA LEU H 51 28.94 38.13 -6.34
C LEU H 51 27.88 39.20 -6.60
N LEU H 52 26.90 39.31 -5.71
CA LEU H 52 25.85 40.38 -5.70
C LEU H 52 26.27 41.47 -4.73
N ILE H 53 26.42 41.11 -3.45
CA ILE H 53 26.65 42.05 -2.32
C ILE H 53 27.92 41.61 -1.61
N TYR H 54 28.74 42.56 -1.17
CA TYR H 54 29.92 42.33 -0.30
C TYR H 54 29.89 43.35 0.84
N LYS H 55 30.54 43.03 1.95
CA LYS H 55 30.55 43.85 3.19
C LYS H 55 29.10 44.27 3.51
N VAL H 56 28.18 43.30 3.52
CA VAL H 56 26.79 43.43 4.06
C VAL H 56 25.86 44.13 3.06
N SER H 57 26.21 45.32 2.55
CA SER H 57 25.25 46.22 1.85
C SER H 57 25.84 46.85 0.58
N LEU H 58 27.02 46.44 0.11
CA LEU H 58 27.68 47.07 -1.06
C LEU H 58 27.42 46.22 -2.30
N ARG H 59 26.72 46.78 -3.30
CA ARG H 59 26.50 46.14 -4.61
C ARG H 59 27.84 46.06 -5.34
N PHE H 60 28.20 44.87 -5.83
CA PHE H 60 29.34 44.64 -6.77
C PHE H 60 28.99 45.28 -8.11
N SER H 61 30.02 45.67 -8.87
CA SER H 61 29.93 46.30 -10.21
C SER H 61 29.07 45.40 -11.12
N GLY H 62 28.10 46.00 -11.83
CA GLY H 62 27.23 45.33 -12.81
C GLY H 62 25.97 44.75 -12.19
N VAL H 63 25.88 44.71 -10.87
CA VAL H 63 24.74 44.10 -10.12
C VAL H 63 23.56 45.08 -10.18
N PRO H 64 22.36 44.63 -10.63
CA PRO H 64 21.19 45.50 -10.70
C PRO H 64 20.77 45.99 -9.31
N ASP H 65 20.14 47.17 -9.28
CA ASP H 65 19.80 47.99 -8.09
C ASP H 65 18.72 47.31 -7.23
N ARG H 66 17.97 46.34 -7.79
CA ARG H 66 16.85 45.66 -7.08
C ARG H 66 17.41 44.77 -5.96
N PHE H 67 18.72 44.47 -5.96
CA PHE H 67 19.43 43.72 -4.90
C PHE H 67 19.95 44.68 -3.82
N SER H 68 19.59 44.45 -2.56
CA SER H 68 19.98 45.27 -1.38
C SER H 68 20.38 44.37 -0.22
N GLY H 69 21.40 44.76 0.55
CA GLY H 69 21.90 43.98 1.70
C GLY H 69 21.81 44.76 2.99
N SER H 70 21.52 44.09 4.10
CA SER H 70 21.24 44.70 5.43
C SER H 70 21.70 43.75 6.55
N GLY H 71 21.86 44.29 7.77
CA GLY H 71 22.16 43.51 8.98
C GLY H 71 23.39 43.99 9.71
N ALA H 72 23.62 43.47 10.91
CA ALA H 72 24.74 43.80 11.83
C ALA H 72 24.79 42.76 12.95
N GLY H 73 25.97 42.51 13.51
CA GLY H 73 26.19 41.53 14.59
C GLY H 73 26.07 40.11 14.09
N THR H 74 24.90 39.50 14.25
CA THR H 74 24.60 38.08 13.91
C THR H 74 23.57 37.98 12.77
N ASP H 75 22.59 38.88 12.74
CA ASP H 75 21.45 38.87 11.78
C ASP H 75 21.82 39.68 10.54
N PHE H 76 21.62 39.10 9.34
CA PHE H 76 21.92 39.73 8.02
C PHE H 76 20.85 39.30 7.01
N THR H 77 20.56 40.14 6.02
CA THR H 77 19.41 39.96 5.10
C THR H 77 19.77 40.45 3.70
N LEU H 78 19.56 39.61 2.68
CA LEU H 78 19.50 40.01 1.25
C LEU H 78 18.03 40.24 0.91
N LYS H 79 17.72 41.35 0.25
CA LYS H 79 16.36 41.68 -0.22
C LYS H 79 16.40 41.92 -1.74
N ILE H 80 15.46 41.33 -2.47
CA ILE H 80 15.17 41.65 -3.90
C ILE H 80 13.87 42.48 -3.90
N SER H 81 13.93 43.72 -4.41
CA SER H 81 12.82 44.70 -4.37
C SER H 81 11.65 44.19 -5.22
N ARG H 82 11.90 43.87 -6.50
CA ARG H 82 10.95 43.15 -7.39
C ARG H 82 11.72 42.04 -8.10
N VAL H 83 11.35 40.78 -7.87
CA VAL H 83 12.02 39.59 -8.51
C VAL H 83 11.71 39.60 -10.01
N GLU H 84 12.75 39.35 -10.81
CA GLU H 84 12.69 39.21 -12.28
C GLU H 84 13.02 37.75 -12.62
N ALA H 85 12.78 37.34 -13.87
CA ALA H 85 12.99 35.97 -14.37
C ALA H 85 14.41 35.48 -14.07
N GLU H 86 15.41 36.36 -14.24
CA GLU H 86 16.85 36.05 -14.13
C GLU H 86 17.22 35.68 -12.69
N ASP H 87 16.36 36.03 -11.71
CA ASP H 87 16.64 35.94 -10.26
C ASP H 87 16.43 34.50 -9.77
N VAL H 88 15.93 33.58 -10.62
CA VAL H 88 15.82 32.14 -10.26
C VAL H 88 17.24 31.65 -9.97
N GLY H 89 17.37 30.64 -9.11
CA GLY H 89 18.64 29.98 -8.81
C GLY H 89 18.81 29.78 -7.32
N ILE H 90 20.03 29.56 -6.88
CA ILE H 90 20.40 29.37 -5.45
C ILE H 90 21.19 30.60 -5.02
N TYR H 91 20.86 31.17 -3.86
CA TYR H 91 21.59 32.28 -3.21
C TYR H 91 22.33 31.75 -1.99
N TYR H 92 23.55 32.23 -1.75
CA TYR H 92 24.39 31.86 -0.57
C TYR H 92 24.84 33.14 0.14
N CYS H 93 24.78 33.16 1.47
CA CYS H 93 25.63 34.08 2.27
C CYS H 93 27.00 33.42 2.43
N MET H 94 28.07 34.21 2.37
CA MET H 94 29.46 33.77 2.68
C MET H 94 30.03 34.73 3.72
N GLN H 95 30.73 34.22 4.73
CA GLN H 95 31.48 35.02 5.73
C GLN H 95 32.97 34.82 5.47
N ALA H 96 33.75 35.91 5.54
CA ALA H 96 35.22 35.92 5.46
C ALA H 96 35.77 36.90 6.50
N THR H 97 35.22 36.87 7.72
CA THR H 97 35.71 37.63 8.91
C THR H 97 36.72 36.77 9.68
N GLN H 98 36.40 35.49 9.85
CA GLN H 98 37.20 34.49 10.61
C GLN H 98 37.35 33.22 9.75
N PHE H 99 38.56 32.68 9.65
CA PHE H 99 38.85 31.35 9.05
C PHE H 99 38.47 30.29 10.08
N PRO H 100 37.85 29.15 9.71
CA PRO H 100 37.57 28.80 8.31
C PRO H 100 36.38 29.56 7.70
N LEU H 101 36.51 29.91 6.40
CA LEU H 101 35.42 30.55 5.61
C LEU H 101 34.23 29.58 5.60
N THR H 102 33.01 30.11 5.76
CA THR H 102 31.78 29.29 5.81
C THR H 102 30.70 29.92 4.94
N PHE H 103 29.82 29.07 4.42
CA PHE H 103 28.65 29.43 3.59
C PHE H 103 27.38 29.00 4.33
N GLY H 104 26.27 29.69 4.07
CA GLY H 104 24.92 29.19 4.36
C GLY H 104 24.62 28.01 3.46
N GLY H 105 23.70 27.14 3.88
CA GLY H 105 23.29 25.93 3.14
C GLY H 105 22.69 26.27 1.78
N GLY H 106 22.25 27.52 1.59
CA GLY H 106 21.68 28.00 0.32
C GLY H 106 20.18 28.17 0.42
N THR H 107 19.60 28.89 -0.53
CA THR H 107 18.13 29.16 -0.66
C THR H 107 17.75 29.07 -2.14
N LYS H 108 16.87 28.14 -2.50
CA LYS H 108 16.38 28.00 -3.89
C LYS H 108 15.24 29.00 -4.07
N VAL H 109 15.36 29.91 -5.04
CA VAL H 109 14.31 30.90 -5.39
C VAL H 109 13.59 30.36 -6.63
N GLU H 110 12.32 30.00 -6.48
CA GLU H 110 11.40 29.61 -7.60
C GLU H 110 10.51 30.81 -7.94
N ILE H 111 10.22 31.03 -9.22
CA ILE H 111 9.36 32.15 -9.70
C ILE H 111 7.94 31.63 -9.95
N LYS H 112 6.94 32.38 -9.50
CA LYS H 112 5.49 32.09 -9.72
C LYS H 112 5.00 32.94 -10.89
N ARG H 113 4.73 32.31 -12.03
CA ARG H 113 4.22 32.95 -13.27
C ARG H 113 2.82 32.39 -13.60
N THR H 114 2.19 32.91 -14.65
CA THR H 114 0.86 32.42 -15.14
C THR H 114 1.00 30.96 -15.58
N VAL H 115 -0.06 30.18 -15.42
CA VAL H 115 -0.17 28.77 -15.89
C VAL H 115 0.18 28.74 -17.39
N ALA H 116 0.98 27.75 -17.79
CA ALA H 116 1.39 27.50 -19.19
C ALA H 116 1.23 26.02 -19.50
N ALA H 117 0.45 25.71 -20.54
CA ALA H 117 0.20 24.32 -21.01
C ALA H 117 1.48 23.76 -21.61
N PRO H 118 1.84 22.50 -21.34
CA PRO H 118 2.92 21.85 -22.07
C PRO H 118 2.51 21.65 -23.54
N SER H 119 3.46 21.90 -24.45
CA SER H 119 3.52 21.27 -25.80
C SER H 119 4.02 19.84 -25.61
N VAL H 120 3.31 18.85 -26.16
CA VAL H 120 3.67 17.41 -26.04
C VAL H 120 4.13 16.89 -27.40
N PHE H 121 5.20 16.07 -27.38
CA PHE H 121 5.81 15.37 -28.53
C PHE H 121 6.14 13.94 -28.11
N ILE H 122 6.06 12.98 -29.03
CA ILE H 122 6.45 11.57 -28.78
C ILE H 122 7.43 11.15 -29.89
N PHE H 123 8.54 10.52 -29.51
CA PHE H 123 9.60 10.06 -30.46
C PHE H 123 9.69 8.54 -30.39
N PRO H 124 9.53 7.82 -31.51
CA PRO H 124 9.84 6.40 -31.55
C PRO H 124 11.35 6.22 -31.52
N PRO H 125 11.86 5.03 -31.09
CA PRO H 125 13.30 4.77 -31.11
C PRO H 125 13.83 4.76 -32.55
N SER H 126 15.08 5.21 -32.73
CA SER H 126 15.82 5.17 -34.03
C SER H 126 16.12 3.71 -34.40
N ASP H 127 16.38 3.44 -35.69
CA ASP H 127 16.71 2.09 -36.21
C ASP H 127 18.07 1.67 -35.65
N GLU H 128 19.00 2.64 -35.53
CA GLU H 128 20.38 2.45 -35.02
C GLU H 128 20.34 1.96 -33.56
N GLN H 129 19.36 2.42 -32.77
CA GLN H 129 19.22 2.02 -31.35
C GLN H 129 18.70 0.59 -31.28
N LEU H 130 17.67 0.24 -32.06
CA LEU H 130 17.04 -1.10 -32.04
C LEU H 130 18.09 -2.17 -32.40
N LYS H 131 19.05 -1.84 -33.27
CA LYS H 131 20.19 -2.73 -33.64
C LYS H 131 21.08 -3.01 -32.41
N SER H 132 21.03 -2.16 -31.39
CA SER H 132 21.81 -2.31 -30.14
C SER H 132 21.05 -3.17 -29.11
N GLY H 133 19.84 -3.62 -29.44
CA GLY H 133 19.02 -4.53 -28.61
C GLY H 133 18.22 -3.83 -27.53
N THR H 134 18.15 -2.49 -27.56
CA THR H 134 17.39 -1.65 -26.60
C THR H 134 16.47 -0.71 -27.38
N ALA H 135 15.32 -0.37 -26.81
CA ALA H 135 14.31 0.55 -27.37
C ALA H 135 13.94 1.60 -26.33
N SER H 136 14.24 2.86 -26.61
CA SER H 136 13.82 4.05 -25.81
C SER H 136 12.77 4.83 -26.60
N VAL H 137 11.55 4.91 -26.07
CA VAL H 137 10.46 5.84 -26.51
C VAL H 137 10.52 7.05 -25.59
N VAL H 138 10.64 8.25 -26.16
CA VAL H 138 10.73 9.53 -25.39
C VAL H 138 9.45 10.32 -25.60
N CYS H 139 8.91 10.84 -24.50
CA CYS H 139 7.77 11.78 -24.44
C CYS H 139 8.28 13.09 -23.85
N LEU H 140 8.09 14.20 -24.56
CA LEU H 140 8.61 15.55 -24.21
C LEU H 140 7.45 16.48 -23.86
N LEU H 141 7.40 16.95 -22.61
CA LEU H 141 6.56 18.09 -22.17
C LEU H 141 7.45 19.33 -22.20
N ASN H 142 7.09 20.35 -22.97
CA ASN H 142 7.96 21.53 -23.22
C ASN H 142 7.27 22.82 -22.75
N ASN H 143 7.98 23.61 -21.93
CA ASN H 143 7.67 25.02 -21.58
C ASN H 143 6.32 25.11 -20.87
N PHE H 144 6.23 24.48 -19.70
CA PHE H 144 5.00 24.38 -18.88
C PHE H 144 5.26 24.94 -17.47
N TYR H 145 4.19 25.45 -16.84
CA TYR H 145 4.15 25.93 -15.45
C TYR H 145 2.74 25.73 -14.92
N PRO H 146 2.51 25.18 -13.70
CA PRO H 146 3.56 24.84 -12.74
C PRO H 146 4.30 23.54 -13.02
N ARG H 147 5.23 23.17 -12.12
CA ARG H 147 6.17 22.03 -12.32
C ARG H 147 5.41 20.69 -12.25
N GLU H 148 4.34 20.62 -11.46
CA GLU H 148 3.54 19.36 -11.24
C GLU H 148 2.83 18.98 -12.55
N ALA H 149 3.30 17.90 -13.18
CA ALA H 149 2.72 17.24 -14.36
C ALA H 149 2.77 15.72 -14.15
N LYS H 150 1.78 15.01 -14.68
CA LYS H 150 1.69 13.52 -14.66
C LYS H 150 1.78 13.04 -16.12
N VAL H 151 2.67 12.08 -16.38
CA VAL H 151 2.83 11.41 -17.72
C VAL H 151 2.51 9.93 -17.54
N GLN H 152 1.55 9.40 -18.30
CA GLN H 152 1.11 7.99 -18.25
C GLN H 152 1.46 7.33 -19.58
N TRP H 153 2.21 6.23 -19.53
CA TRP H 153 2.58 5.42 -20.72
C TRP H 153 1.52 4.33 -20.94
N LYS H 154 1.04 4.19 -22.17
CA LYS H 154 0.16 3.08 -22.62
C LYS H 154 0.86 2.33 -23.75
N VAL H 155 0.78 1.00 -23.73
CA VAL H 155 1.31 0.10 -24.80
C VAL H 155 0.20 -0.86 -25.20
N ASP H 156 -0.38 -0.65 -26.40
CA ASP H 156 -1.65 -1.26 -26.89
C ASP H 156 -2.75 -1.04 -25.84
N ASN H 157 -2.73 0.12 -25.17
CA ASN H 157 -3.70 0.58 -24.14
C ASN H 157 -3.36 0.06 -22.73
N ALA H 158 -2.57 -1.01 -22.59
CA ALA H 158 -2.17 -1.54 -21.28
C ALA H 158 -1.42 -0.45 -20.52
N LEU H 159 -1.83 -0.12 -19.30
CA LEU H 159 -1.16 0.90 -18.46
C LEU H 159 0.19 0.36 -17.99
N GLN H 160 1.26 1.14 -18.16
CA GLN H 160 2.67 0.76 -17.86
C GLN H 160 3.08 1.23 -16.46
N SER H 161 3.92 0.43 -15.81
CA SER H 161 4.47 0.67 -14.45
C SER H 161 5.95 0.28 -14.43
N GLY H 162 6.79 1.12 -13.82
CA GLY H 162 8.17 0.81 -13.38
C GLY H 162 9.15 0.54 -14.51
N ASN H 163 8.87 1.04 -15.72
CA ASN H 163 9.78 0.88 -16.90
C ASN H 163 10.03 2.25 -17.54
N SER H 164 9.87 3.33 -16.77
CA SER H 164 9.97 4.74 -17.25
C SER H 164 10.79 5.58 -16.26
N GLN H 165 11.57 6.53 -16.77
CA GLN H 165 12.31 7.54 -15.96
C GLN H 165 11.94 8.95 -16.46
N GLU H 166 11.77 9.88 -15.52
CA GLU H 166 11.46 11.31 -15.79
C GLU H 166 12.68 12.18 -15.43
N SER H 167 13.04 13.09 -16.31
CA SER H 167 14.03 14.15 -16.04
C SER H 167 13.37 15.51 -16.32
N VAL H 168 13.43 16.41 -15.34
CA VAL H 168 12.87 17.78 -15.43
C VAL H 168 14.02 18.78 -15.50
N THR H 169 13.91 19.79 -16.36
CA THR H 169 14.89 20.89 -16.46
C THR H 169 14.79 21.79 -15.23
N GLU H 170 15.79 22.64 -15.04
CA GLU H 170 15.77 23.78 -14.08
C GLU H 170 14.74 24.79 -14.60
N GLN H 171 14.17 25.63 -13.74
CA GLN H 171 13.26 26.71 -14.19
C GLN H 171 14.09 27.64 -15.11
N ASP H 172 13.56 27.92 -16.31
CA ASP H 172 14.22 28.77 -17.33
C ASP H 172 14.40 30.17 -16.75
N SER H 173 15.52 30.82 -17.08
CA SER H 173 15.89 32.18 -16.58
C SER H 173 15.22 33.28 -17.40
N LYS H 174 14.49 32.94 -18.46
CA LYS H 174 13.89 33.91 -19.42
C LYS H 174 12.35 33.90 -19.26
N ASP H 175 11.70 32.76 -19.45
CA ASP H 175 10.20 32.64 -19.46
C ASP H 175 9.73 31.89 -18.20
N SER H 176 10.63 31.41 -17.35
CA SER H 176 10.34 30.84 -16.00
C SER H 176 9.55 29.53 -16.11
N THR H 177 9.64 28.84 -17.25
CA THR H 177 8.88 27.58 -17.49
C THR H 177 9.79 26.39 -17.16
N TYR H 178 9.21 25.20 -17.11
CA TYR H 178 9.91 23.91 -17.00
C TYR H 178 9.75 23.11 -18.31
N SER H 179 10.65 22.15 -18.51
CA SER H 179 10.48 21.08 -19.52
C SER H 179 10.71 19.73 -18.83
N LEU H 180 10.12 18.68 -19.39
CA LEU H 180 10.19 17.31 -18.82
C LEU H 180 10.33 16.30 -19.96
N SER H 181 11.25 15.35 -19.79
CA SER H 181 11.37 14.13 -20.63
C SER H 181 10.92 12.92 -19.80
N SER H 182 10.03 12.10 -20.37
CA SER H 182 9.74 10.74 -19.88
C SER H 182 10.29 9.75 -20.91
N THR H 183 11.02 8.74 -20.45
CA THR H 183 11.67 7.72 -21.31
C THR H 183 11.18 6.33 -20.88
N LEU H 184 10.43 5.66 -21.75
CA LEU H 184 9.98 4.25 -21.58
C LEU H 184 11.04 3.32 -22.20
N THR H 185 11.73 2.53 -21.37
CA THR H 185 12.90 1.72 -21.77
C THR H 185 12.48 0.25 -21.84
N LEU H 186 12.65 -0.37 -23.01
CA LEU H 186 12.28 -1.78 -23.31
C LEU H 186 13.45 -2.46 -24.03
N SER H 187 13.47 -3.80 -24.03
CA SER H 187 14.33 -4.60 -24.94
C SER H 187 13.75 -4.52 -26.36
N LYS H 188 14.58 -4.72 -27.38
CA LYS H 188 14.14 -4.73 -28.80
C LYS H 188 12.97 -5.72 -28.93
N ALA H 189 13.09 -6.90 -28.34
CA ALA H 189 12.09 -8.00 -28.42
C ALA H 189 10.76 -7.54 -27.83
N ASP H 190 10.78 -7.01 -26.61
CA ASP H 190 9.57 -6.52 -25.89
C ASP H 190 8.92 -5.40 -26.72
N TYR H 191 9.73 -4.47 -27.23
CA TYR H 191 9.27 -3.34 -28.07
C TYR H 191 8.53 -3.85 -29.31
N GLU H 192 8.96 -4.97 -29.89
CA GLU H 192 8.41 -5.53 -31.15
C GLU H 192 7.15 -6.36 -30.88
N LYS H 193 6.89 -6.74 -29.62
CA LYS H 193 5.69 -7.50 -29.19
C LYS H 193 4.42 -6.64 -29.29
N HIS H 194 4.55 -5.30 -29.40
CA HIS H 194 3.40 -4.36 -29.36
C HIS H 194 3.46 -3.41 -30.55
N LYS H 195 2.35 -2.75 -30.90
CA LYS H 195 2.17 -1.93 -32.11
C LYS H 195 2.01 -0.44 -31.73
N VAL H 196 1.05 -0.12 -30.89
CA VAL H 196 0.66 1.30 -30.56
C VAL H 196 1.30 1.71 -29.23
N TYR H 197 2.10 2.78 -29.26
CA TYR H 197 2.78 3.39 -28.09
C TYR H 197 2.28 4.82 -27.94
N ALA H 198 1.82 5.20 -26.75
CA ALA H 198 1.22 6.52 -26.45
C ALA H 198 1.70 7.00 -25.08
N CYS H 199 1.95 8.30 -24.93
CA CYS H 199 2.07 8.97 -23.61
C CYS H 199 0.89 9.92 -23.46
N GLU H 200 0.28 9.84 -22.22
CA GLU H 200 -0.88 10.70 -21.86
C GLU H 200 -0.50 11.68 -20.76
N VAL H 201 -0.65 13.00 -21.11
CA VAL H 201 -0.14 14.07 -20.20
C VAL H 201 -1.32 14.77 -19.52
N THR H 202 -1.23 14.91 -18.19
CA THR H 202 -2.18 15.66 -17.31
C THR H 202 -1.44 16.85 -16.69
N HIS H 203 -2.00 18.06 -16.81
CA HIS H 203 -1.38 19.31 -16.28
C HIS H 203 -2.48 20.35 -16.02
N GLN H 204 -2.23 21.23 -15.03
CA GLN H 204 -3.19 22.27 -14.57
C GLN H 204 -3.62 23.17 -15.74
N GLY H 205 -2.83 23.27 -16.81
CA GLY H 205 -3.09 24.18 -17.96
C GLY H 205 -3.79 23.48 -19.11
N LEU H 206 -4.30 22.26 -18.89
CA LEU H 206 -4.97 21.46 -19.95
C LEU H 206 -6.40 21.10 -19.54
N SER H 207 -7.37 21.54 -20.33
CA SER H 207 -8.83 21.31 -20.13
C SER H 207 -9.11 19.81 -20.13
N SER H 208 -8.53 19.08 -21.09
CA SER H 208 -8.52 17.59 -21.17
C SER H 208 -7.08 17.13 -21.28
N PRO H 209 -6.71 15.93 -20.76
CA PRO H 209 -5.35 15.41 -20.95
C PRO H 209 -5.00 15.26 -22.44
N VAL H 210 -3.71 15.45 -22.79
CA VAL H 210 -3.20 15.33 -24.18
C VAL H 210 -2.56 13.95 -24.36
N THR H 211 -2.96 13.22 -25.39
CA THR H 211 -2.39 11.91 -25.78
C THR H 211 -1.66 12.12 -27.11
N LYS H 212 -0.38 11.81 -27.13
CA LYS H 212 0.42 11.67 -28.38
C LYS H 212 0.75 10.18 -28.50
N SER H 213 0.70 9.63 -29.72
CA SER H 213 0.91 8.19 -29.98
C SER H 213 1.55 7.98 -31.35
N PHE H 214 2.15 6.82 -31.56
CA PHE H 214 2.63 6.34 -32.88
C PHE H 214 2.38 4.84 -32.99
N ASN H 215 2.32 4.33 -34.21
CA ASN H 215 2.32 2.87 -34.46
C ASN H 215 3.72 2.43 -34.89
N ARG H 216 4.25 1.39 -34.25
CA ARG H 216 5.58 0.84 -34.60
C ARG H 216 5.57 0.40 -36.06
N GLY H 217 6.58 0.82 -36.84
CA GLY H 217 6.68 0.47 -38.26
C GLY H 217 5.75 1.35 -39.07
N GLU H 218 5.78 2.66 -38.82
CA GLU H 218 4.86 3.62 -39.49
C GLU H 218 3.43 3.35 -39.01
#